data_2V6Z
#
_entry.id   2V6Z
#
_cell.length_a   1.000
_cell.length_b   1.000
_cell.length_c   1.000
_cell.angle_alpha   90.00
_cell.angle_beta   90.00
_cell.angle_gamma   90.00
#
_symmetry.space_group_name_H-M   'P 1'
#
_entity_poly.entity_id   1
_entity_poly.type   'polypeptide(L)'
_entity_poly.pdbx_seq_one_letter_code
;MGSSHHHHHHSQDPNSSSARLQVDMAPERLRSRALSAFKLRGLLLRGEAIKYLTEALQSISELELEDKLEKIINAVEKQP
LSSNMIERSVVEAAVQESS
;
_entity_poly.pdbx_strand_id   M
#
# COMPACT_ATOMS: atom_id res chain seq x y z
N MET A 25 12.45 12.66 -4.40
CA MET A 25 11.27 11.90 -3.96
C MET A 25 10.07 12.15 -4.90
N ALA A 26 9.72 11.13 -5.69
CA ALA A 26 8.70 11.16 -6.74
C ALA A 26 8.02 9.78 -6.88
N PRO A 27 6.86 9.68 -7.58
CA PRO A 27 6.13 8.41 -7.78
C PRO A 27 6.98 7.21 -8.22
N GLU A 28 7.97 7.41 -9.10
CA GLU A 28 8.88 6.33 -9.57
C GLU A 28 9.76 5.72 -8.46
N ARG A 29 9.94 6.43 -7.34
CA ARG A 29 10.65 5.96 -6.14
C ARG A 29 9.67 5.52 -5.06
N LEU A 30 8.54 6.22 -4.94
CA LEU A 30 7.41 5.91 -4.06
C LEU A 30 6.88 4.49 -4.32
N ARG A 31 6.65 4.13 -5.59
CA ARG A 31 6.20 2.80 -6.03
C ARG A 31 7.09 1.68 -5.49
N SER A 32 8.41 1.80 -5.63
CA SER A 32 9.38 0.81 -5.11
C SER A 32 9.36 0.68 -3.58
N ARG A 33 9.29 1.82 -2.86
CA ARG A 33 9.16 1.85 -1.39
C ARG A 33 7.85 1.18 -0.93
N ALA A 34 6.75 1.52 -1.59
CA ALA A 34 5.40 1.06 -1.27
C ALA A 34 5.19 -0.43 -1.55
N LEU A 35 5.67 -0.95 -2.68
CA LEU A 35 5.62 -2.38 -3.00
C LEU A 35 6.42 -3.19 -1.96
N SER A 36 7.61 -2.70 -1.59
CA SER A 36 8.47 -3.37 -0.60
C SER A 36 7.80 -3.55 0.76
N ALA A 37 7.01 -2.58 1.22
CA ALA A 37 6.26 -2.69 2.48
C ALA A 37 5.26 -3.86 2.48
N PHE A 38 4.54 -4.08 1.38
CA PHE A 38 3.65 -5.25 1.22
C PHE A 38 4.46 -6.56 1.10
N LYS A 39 5.57 -6.56 0.35
CA LYS A 39 6.47 -7.72 0.19
C LYS A 39 7.10 -8.19 1.52
N LEU A 40 7.47 -7.26 2.41
CA LEU A 40 7.99 -7.57 3.76
C LEU A 40 6.99 -8.34 4.63
N ARG A 41 5.68 -8.21 4.36
CA ARG A 41 4.58 -8.92 5.03
C ARG A 41 4.10 -10.18 4.29
N GLY A 42 4.67 -10.48 3.12
CA GLY A 42 4.36 -11.66 2.30
C GLY A 42 3.24 -11.43 1.25
N LEU A 43 2.70 -10.21 1.17
CA LEU A 43 1.70 -9.82 0.17
C LEU A 43 2.36 -9.38 -1.15
N LEU A 44 1.52 -9.24 -2.16
CA LEU A 44 1.80 -8.71 -3.50
C LEU A 44 0.70 -7.68 -3.81
N LEU A 45 0.95 -6.76 -4.74
CA LEU A 45 0.03 -5.64 -5.00
C LEU A 45 -0.12 -5.38 -6.51
N ARG A 46 -1.39 -5.38 -6.97
CA ARG A 46 -1.80 -5.10 -8.36
C ARG A 46 -1.33 -3.73 -8.88
N GLY A 47 -1.22 -3.58 -10.20
CA GLY A 47 -0.82 -2.33 -10.85
C GLY A 47 -1.83 -1.18 -10.69
N GLU A 48 -3.13 -1.47 -10.64
CA GLU A 48 -4.16 -0.46 -10.33
C GLU A 48 -4.15 -0.08 -8.84
N ALA A 49 -3.72 -0.99 -7.97
CA ALA A 49 -3.67 -0.79 -6.51
C ALA A 49 -2.43 -0.01 -6.06
N ILE A 50 -1.25 -0.32 -6.62
CA ILE A 50 -0.01 0.43 -6.36
C ILE A 50 -0.18 1.90 -6.76
N LYS A 51 -0.77 2.17 -7.92
CA LYS A 51 -1.10 3.51 -8.42
C LYS A 51 -2.06 4.25 -7.48
N TYR A 52 -3.09 3.57 -6.98
CA TYR A 52 -4.07 4.16 -6.06
C TYR A 52 -3.40 4.68 -4.78
N LEU A 53 -2.61 3.84 -4.09
CA LEU A 53 -1.92 4.30 -2.86
C LEU A 53 -0.71 5.21 -3.16
N THR A 54 -0.11 5.12 -4.35
CA THR A 54 0.96 6.03 -4.80
C THR A 54 0.43 7.47 -4.91
N GLU A 55 -0.79 7.67 -5.42
CA GLU A 55 -1.46 8.97 -5.45
C GLU A 55 -1.93 9.43 -4.05
N ALA A 56 -2.42 8.50 -3.22
CA ALA A 56 -2.86 8.79 -1.84
C ALA A 56 -1.70 9.17 -0.88
N LEU A 57 -0.48 8.73 -1.18
CA LEU A 57 0.75 8.96 -0.37
C LEU A 57 1.75 9.92 -1.08
N GLN A 58 1.36 10.53 -2.19
CA GLN A 58 2.20 11.38 -3.06
C GLN A 58 2.95 12.51 -2.32
N SER A 59 2.39 13.02 -1.23
CA SER A 59 2.93 14.16 -0.45
C SER A 59 3.32 13.80 0.98
N ILE A 60 3.27 12.51 1.35
CA ILE A 60 3.73 12.01 2.66
C ILE A 60 5.26 12.08 2.76
N SER A 61 5.74 12.41 3.96
CA SER A 61 7.16 12.48 4.33
C SER A 61 7.92 11.18 4.00
N GLU A 62 9.07 11.28 3.31
CA GLU A 62 9.85 10.13 2.82
C GLU A 62 10.30 9.14 3.91
N LEU A 63 10.59 9.62 5.12
CA LEU A 63 11.00 8.81 6.28
C LEU A 63 9.81 8.29 7.11
N GLU A 64 8.58 8.68 6.76
CA GLU A 64 7.32 8.28 7.41
C GLU A 64 6.42 7.44 6.48
N LEU A 65 6.80 7.29 5.20
CA LEU A 65 6.05 6.59 4.16
C LEU A 65 5.78 5.12 4.55
N GLU A 66 6.78 4.46 5.12
CA GLU A 66 6.66 3.06 5.57
C GLU A 66 5.72 2.94 6.78
N ASP A 67 5.86 3.81 7.79
CA ASP A 67 5.01 3.83 8.99
C ASP A 67 3.54 4.18 8.68
N LYS A 68 3.32 5.07 7.69
CA LYS A 68 1.99 5.45 7.20
C LYS A 68 1.30 4.30 6.46
N LEU A 69 1.98 3.73 5.45
CA LEU A 69 1.48 2.60 4.66
C LEU A 69 1.23 1.35 5.52
N GLU A 70 1.93 1.23 6.65
CA GLU A 70 1.71 0.12 7.60
C GLU A 70 0.30 0.13 8.20
N LYS A 71 -0.36 1.30 8.28
CA LYS A 71 -1.76 1.42 8.72
C LYS A 71 -2.74 0.88 7.67
N ILE A 72 -2.37 0.94 6.39
CA ILE A 72 -3.13 0.35 5.26
C ILE A 72 -3.02 -1.18 5.39
N ILE A 73 -1.79 -1.70 5.53
CA ILE A 73 -1.54 -3.14 5.69
C ILE A 73 -2.29 -3.71 6.91
N ASN A 74 -2.29 -3.02 8.06
CA ASN A 74 -3.08 -3.41 9.24
C ASN A 74 -4.60 -3.47 8.99
N ALA A 75 -5.13 -2.73 8.02
CA ALA A 75 -6.53 -2.80 7.63
C ALA A 75 -6.79 -3.94 6.64
N VAL A 76 -5.88 -4.16 5.67
CA VAL A 76 -5.92 -5.30 4.74
C VAL A 76 -5.93 -6.63 5.49
N GLU A 77 -5.13 -6.74 6.57
CA GLU A 77 -5.06 -7.90 7.47
C GLU A 77 -6.37 -8.24 8.24
N LYS A 78 -7.41 -7.39 8.16
CA LYS A 78 -8.75 -7.63 8.75
C LYS A 78 -9.90 -7.49 7.74
N GLN A 79 -9.59 -7.40 6.45
CA GLN A 79 -10.56 -7.36 5.34
C GLN A 79 -10.72 -8.75 4.67
N PRO A 80 -11.87 -9.04 4.03
CA PRO A 80 -12.11 -10.31 3.35
C PRO A 80 -11.27 -10.42 2.05
N LEU A 81 -10.51 -11.51 1.94
CA LEU A 81 -9.66 -11.86 0.79
C LEU A 81 -9.38 -13.37 0.72
N SER A 82 -8.84 -13.83 -0.42
CA SER A 82 -8.61 -15.26 -0.73
C SER A 82 -7.26 -15.54 -1.43
N SER A 83 -6.39 -14.53 -1.52
CA SER A 83 -5.05 -14.59 -2.14
C SER A 83 -4.12 -13.53 -1.52
N ASN A 84 -2.80 -13.70 -1.65
CA ASN A 84 -1.83 -12.70 -1.19
C ASN A 84 -1.72 -11.51 -2.16
N MET A 85 -2.39 -11.57 -3.32
CA MET A 85 -2.48 -10.49 -4.29
C MET A 85 -3.58 -9.49 -3.90
N ILE A 86 -3.15 -8.34 -3.39
CA ILE A 86 -4.01 -7.21 -3.00
C ILE A 86 -4.39 -6.39 -4.24
N GLU A 87 -5.63 -5.88 -4.27
CA GLU A 87 -6.24 -5.17 -5.41
C GLU A 87 -6.80 -3.79 -5.04
N ARG A 88 -7.09 -2.95 -6.03
CA ARG A 88 -7.58 -1.57 -5.79
C ARG A 88 -8.81 -1.54 -4.88
N SER A 89 -9.79 -2.42 -5.11
CA SER A 89 -11.01 -2.50 -4.30
C SER A 89 -10.71 -2.76 -2.81
N VAL A 90 -9.65 -3.53 -2.51
CA VAL A 90 -9.17 -3.78 -1.14
C VAL A 90 -8.47 -2.53 -0.57
N VAL A 91 -7.57 -1.90 -1.32
CA VAL A 91 -6.83 -0.67 -0.90
C VAL A 91 -7.75 0.53 -0.71
N GLU A 92 -8.76 0.70 -1.57
CA GLU A 92 -9.74 1.80 -1.53
C GLU A 92 -10.57 1.83 -0.23
N ALA A 93 -10.63 0.70 0.48
CA ALA A 93 -11.24 0.55 1.80
C ALA A 93 -10.19 0.52 2.94
N ALA A 94 -8.99 -0.04 2.69
CA ALA A 94 -7.88 -0.06 3.65
C ALA A 94 -7.29 1.33 3.94
N VAL A 95 -7.24 2.21 2.93
CA VAL A 95 -6.78 3.61 3.09
C VAL A 95 -7.63 4.40 4.08
N GLN A 96 -8.92 4.07 4.20
CA GLN A 96 -9.88 4.77 5.07
C GLN A 96 -9.52 4.66 6.56
N GLU A 97 -8.92 3.54 6.96
CA GLU A 97 -8.39 3.32 8.33
C GLU A 97 -7.03 4.01 8.53
N SER A 98 -6.20 4.11 7.48
CA SER A 98 -4.90 4.79 7.52
C SER A 98 -4.99 6.33 7.54
N SER A 99 -6.11 6.89 7.09
CA SER A 99 -6.37 8.33 6.91
C SER A 99 -6.14 9.16 8.19
N MET A 25 21.89 -2.19 1.16
CA MET A 25 20.90 -1.35 0.47
C MET A 25 21.41 -0.92 -0.92
N ALA A 26 20.45 -0.58 -1.78
CA ALA A 26 20.61 -0.12 -3.15
C ALA A 26 19.44 0.81 -3.54
N PRO A 27 19.55 1.63 -4.61
CA PRO A 27 18.48 2.51 -5.08
C PRO A 27 17.12 1.81 -5.26
N GLU A 28 17.09 0.60 -5.80
CA GLU A 28 15.84 -0.17 -5.99
C GLU A 28 15.16 -0.54 -4.66
N ARG A 29 15.95 -0.94 -3.65
CA ARG A 29 15.45 -1.27 -2.29
C ARG A 29 14.91 -0.03 -1.56
N LEU A 30 15.56 1.12 -1.75
CA LEU A 30 15.18 2.41 -1.20
C LEU A 30 13.90 2.97 -1.85
N ARG A 31 13.79 2.91 -3.18
CA ARG A 31 12.65 3.44 -3.96
C ARG A 31 11.35 2.62 -3.80
N SER A 32 11.46 1.32 -3.50
CA SER A 32 10.33 0.38 -3.36
C SER A 32 9.57 0.50 -2.03
N ARG A 33 9.44 1.70 -1.44
CA ARG A 33 8.84 1.97 -0.11
C ARG A 33 7.52 1.24 0.13
N ALA A 34 6.60 1.36 -0.82
CA ALA A 34 5.26 0.78 -0.74
C ALA A 34 5.26 -0.74 -1.00
N LEU A 35 5.84 -1.18 -2.12
CA LEU A 35 5.80 -2.58 -2.54
C LEU A 35 6.57 -3.48 -1.57
N SER A 36 7.77 -3.08 -1.15
CA SER A 36 8.60 -3.85 -0.21
C SER A 36 7.90 -4.06 1.13
N ALA A 37 7.14 -3.08 1.63
CA ALA A 37 6.39 -3.23 2.88
C ALA A 37 5.31 -4.33 2.80
N PHE A 38 4.57 -4.39 1.68
CA PHE A 38 3.60 -5.47 1.41
C PHE A 38 4.31 -6.82 1.22
N LYS A 39 5.43 -6.86 0.48
CA LYS A 39 6.25 -8.06 0.26
C LYS A 39 6.82 -8.67 1.55
N LEU A 40 7.26 -7.83 2.51
CA LEU A 40 7.72 -8.25 3.84
C LEU A 40 6.63 -8.98 4.64
N ARG A 41 5.35 -8.64 4.42
CA ARG A 41 4.17 -9.31 5.02
C ARG A 41 3.68 -10.52 4.20
N GLY A 42 4.24 -10.75 3.02
CA GLY A 42 3.91 -11.86 2.11
C GLY A 42 2.91 -11.52 1.01
N LEU A 43 2.42 -10.28 0.95
CA LEU A 43 1.43 -9.80 -0.02
C LEU A 43 2.10 -9.30 -1.32
N LEU A 44 1.29 -9.13 -2.37
CA LEU A 44 1.66 -8.59 -3.67
C LEU A 44 0.64 -7.52 -4.09
N LEU A 45 0.96 -6.25 -3.79
CA LEU A 45 0.16 -5.09 -4.19
C LEU A 45 0.09 -4.99 -5.73
N ARG A 46 -1.14 -5.00 -6.26
CA ARG A 46 -1.44 -4.95 -7.70
C ARG A 46 -0.99 -3.63 -8.37
N GLY A 47 -0.85 -3.64 -9.70
CA GLY A 47 -0.49 -2.46 -10.50
C GLY A 47 -1.58 -1.37 -10.50
N GLU A 48 -2.86 -1.74 -10.41
CA GLU A 48 -3.98 -0.78 -10.24
C GLU A 48 -4.05 -0.23 -8.81
N ALA A 49 -3.49 -0.95 -7.83
CA ALA A 49 -3.51 -0.61 -6.40
C ALA A 49 -2.32 0.27 -5.99
N ILE A 50 -1.10 0.00 -6.49
CA ILE A 50 0.09 0.83 -6.26
C ILE A 50 -0.16 2.27 -6.69
N LYS A 51 -0.79 2.48 -7.86
CA LYS A 51 -1.20 3.79 -8.39
C LYS A 51 -2.20 4.51 -7.46
N TYR A 52 -3.20 3.78 -6.96
CA TYR A 52 -4.22 4.32 -6.06
C TYR A 52 -3.60 4.88 -4.76
N LEU A 53 -2.78 4.09 -4.05
CA LEU A 53 -2.12 4.60 -2.84
C LEU A 53 -0.97 5.58 -3.16
N THR A 54 -0.37 5.52 -4.34
CA THR A 54 0.64 6.51 -4.79
C THR A 54 0.02 7.91 -4.87
N GLU A 55 -1.22 8.03 -5.34
CA GLU A 55 -1.97 9.30 -5.35
C GLU A 55 -2.46 9.71 -3.95
N ALA A 56 -2.86 8.76 -3.10
CA ALA A 56 -3.30 9.01 -1.72
C ALA A 56 -2.14 9.45 -0.77
N LEU A 57 -0.89 9.19 -1.15
CA LEU A 57 0.33 9.43 -0.37
C LEU A 57 1.30 10.40 -1.08
N GLN A 58 0.82 11.10 -2.12
CA GLN A 58 1.63 12.00 -2.98
C GLN A 58 2.28 13.19 -2.25
N SER A 59 1.82 13.51 -1.04
CA SER A 59 2.33 14.61 -0.19
C SER A 59 2.96 14.12 1.14
N ILE A 60 2.96 12.81 1.39
CA ILE A 60 3.61 12.19 2.56
C ILE A 60 5.15 12.18 2.40
N SER A 61 5.84 12.44 3.50
CA SER A 61 7.31 12.43 3.62
C SER A 61 7.93 11.09 3.19
N GLU A 62 8.91 11.12 2.29
CA GLU A 62 9.54 9.94 1.67
C GLU A 62 10.18 8.93 2.63
N LEU A 63 10.58 9.36 3.84
CA LEU A 63 11.15 8.50 4.89
C LEU A 63 10.13 8.08 5.97
N GLU A 64 8.94 8.69 5.96
CA GLU A 64 7.79 8.35 6.82
C GLU A 64 6.79 7.43 6.11
N LEU A 65 6.86 7.37 4.77
CA LEU A 65 5.99 6.59 3.89
C LEU A 65 5.93 5.11 4.28
N GLU A 66 7.07 4.56 4.69
CA GLU A 66 7.21 3.15 5.07
C GLU A 66 6.44 2.79 6.37
N ASP A 67 6.24 3.77 7.26
CA ASP A 67 5.47 3.64 8.50
C ASP A 67 3.99 4.05 8.30
N LYS A 68 3.72 5.06 7.47
CA LYS A 68 2.37 5.49 7.08
C LYS A 68 1.62 4.36 6.35
N LEU A 69 2.24 3.77 5.34
CA LEU A 69 1.68 2.65 4.56
C LEU A 69 1.48 1.38 5.40
N GLU A 70 2.18 1.25 6.53
CA GLU A 70 1.98 0.12 7.45
C GLU A 70 0.57 0.12 8.07
N LYS A 71 -0.09 1.29 8.16
CA LYS A 71 -1.48 1.43 8.61
C LYS A 71 -2.47 0.88 7.58
N ILE A 72 -2.13 1.00 6.28
CA ILE A 72 -2.90 0.41 5.16
C ILE A 72 -2.79 -1.11 5.27
N ILE A 73 -1.56 -1.63 5.40
CA ILE A 73 -1.31 -3.09 5.56
C ILE A 73 -2.13 -3.67 6.72
N ASN A 74 -2.11 -3.03 7.89
CA ASN A 74 -2.90 -3.48 9.05
C ASN A 74 -4.43 -3.48 8.81
N ALA A 75 -4.94 -2.62 7.90
CA ALA A 75 -6.35 -2.59 7.51
C ALA A 75 -6.68 -3.64 6.44
N VAL A 76 -5.73 -3.96 5.55
CA VAL A 76 -5.84 -5.04 4.54
C VAL A 76 -5.85 -6.41 5.22
N GLU A 77 -5.04 -6.60 6.27
CA GLU A 77 -4.93 -7.83 7.07
C GLU A 77 -6.24 -8.29 7.76
N LYS A 78 -7.29 -7.45 7.80
CA LYS A 78 -8.60 -7.76 8.40
C LYS A 78 -9.78 -7.76 7.42
N GLN A 79 -9.53 -7.57 6.13
CA GLN A 79 -10.54 -7.67 5.06
C GLN A 79 -10.67 -9.13 4.57
N PRO A 80 -11.84 -9.55 4.06
CA PRO A 80 -12.02 -10.88 3.49
C PRO A 80 -11.33 -11.02 2.13
N LEU A 81 -10.46 -12.02 1.98
CA LEU A 81 -9.73 -12.37 0.76
C LEU A 81 -9.30 -13.85 0.74
N SER A 82 -8.86 -14.33 -0.43
CA SER A 82 -8.49 -15.74 -0.69
C SER A 82 -7.19 -15.88 -1.51
N SER A 83 -6.41 -14.80 -1.62
CA SER A 83 -5.13 -14.71 -2.35
C SER A 83 -4.22 -13.65 -1.70
N ASN A 84 -2.91 -13.74 -1.92
CA ASN A 84 -1.94 -12.73 -1.44
C ASN A 84 -1.90 -11.49 -2.35
N MET A 85 -2.64 -11.48 -3.46
CA MET A 85 -2.77 -10.31 -4.33
C MET A 85 -3.67 -9.24 -3.66
N ILE A 86 -3.21 -8.00 -3.58
CA ILE A 86 -3.97 -6.88 -2.99
C ILE A 86 -4.39 -5.92 -4.09
N GLU A 87 -5.65 -6.05 -4.51
CA GLU A 87 -6.29 -5.25 -5.57
C GLU A 87 -6.65 -3.82 -5.13
N ARG A 88 -6.93 -2.95 -6.12
CA ARG A 88 -7.30 -1.53 -5.92
C ARG A 88 -8.47 -1.38 -4.95
N SER A 89 -9.52 -2.18 -5.14
CA SER A 89 -10.76 -2.13 -4.34
C SER A 89 -10.55 -2.51 -2.86
N VAL A 90 -9.53 -3.31 -2.56
CA VAL A 90 -9.14 -3.67 -1.17
C VAL A 90 -8.41 -2.48 -0.52
N VAL A 91 -7.53 -1.80 -1.25
CA VAL A 91 -6.85 -0.57 -0.80
C VAL A 91 -7.84 0.60 -0.63
N GLU A 92 -8.85 0.70 -1.50
CA GLU A 92 -9.90 1.73 -1.46
C GLU A 92 -10.67 1.76 -0.12
N ALA A 93 -10.73 0.63 0.60
CA ALA A 93 -11.30 0.49 1.93
C ALA A 93 -10.24 0.56 3.06
N ALA A 94 -9.01 0.11 2.82
CA ALA A 94 -7.90 0.22 3.77
C ALA A 94 -7.45 1.67 4.03
N VAL A 95 -7.47 2.53 3.00
CA VAL A 95 -7.12 3.95 3.12
C VAL A 95 -8.05 4.74 4.07
N GLN A 96 -9.30 4.28 4.19
CA GLN A 96 -10.32 4.82 5.09
C GLN A 96 -9.99 4.61 6.58
N GLU A 97 -9.12 3.64 6.89
CA GLU A 97 -8.64 3.32 8.23
C GLU A 97 -7.23 3.92 8.47
N SER A 98 -6.38 3.96 7.44
CA SER A 98 -5.01 4.50 7.54
C SER A 98 -4.92 6.04 7.67
N SER A 99 -6.02 6.75 7.36
CA SER A 99 -6.09 8.22 7.27
C SER A 99 -7.34 8.80 7.94
N MET A 25 12.38 15.16 -11.45
CA MET A 25 12.17 13.91 -10.71
C MET A 25 10.83 13.26 -11.07
N ALA A 26 10.61 12.02 -10.58
CA ALA A 26 9.42 11.21 -10.82
C ALA A 26 9.07 10.40 -9.55
N PRO A 27 7.81 9.95 -9.37
CA PRO A 27 7.45 9.08 -8.24
C PRO A 27 8.19 7.74 -8.28
N GLU A 28 8.53 7.25 -9.48
CA GLU A 28 9.34 6.04 -9.74
C GLU A 28 10.68 6.01 -8.97
N ARG A 29 11.20 7.19 -8.57
CA ARG A 29 12.40 7.35 -7.74
C ARG A 29 12.30 6.65 -6.38
N LEU A 30 11.09 6.58 -5.80
CA LEU A 30 10.82 6.06 -4.46
C LEU A 30 9.59 5.14 -4.35
N ARG A 31 8.75 5.05 -5.40
CA ARG A 31 7.48 4.28 -5.43
C ARG A 31 7.59 2.85 -4.87
N SER A 32 8.67 2.15 -5.21
CA SER A 32 8.96 0.77 -4.79
C SER A 32 8.96 0.53 -3.27
N ARG A 33 9.17 1.55 -2.43
CA ARG A 33 9.09 1.46 -0.96
C ARG A 33 7.73 0.93 -0.48
N ALA A 34 6.64 1.39 -1.11
CA ALA A 34 5.28 0.95 -0.80
C ALA A 34 5.07 -0.54 -1.12
N LEU A 35 5.47 -0.98 -2.32
CA LEU A 35 5.39 -2.38 -2.75
C LEU A 35 6.28 -3.29 -1.87
N SER A 36 7.49 -2.85 -1.55
CA SER A 36 8.45 -3.57 -0.70
C SER A 36 7.90 -3.87 0.70
N ALA A 37 7.17 -2.91 1.31
CA ALA A 37 6.51 -3.10 2.60
C ALA A 37 5.43 -4.20 2.55
N PHE A 38 4.61 -4.27 1.48
CA PHE A 38 3.64 -5.36 1.31
C PHE A 38 4.34 -6.71 1.00
N LYS A 39 5.39 -6.68 0.17
CA LYS A 39 6.21 -7.85 -0.21
C LYS A 39 6.82 -8.55 1.01
N LEU A 40 7.47 -7.79 1.90
CA LEU A 40 8.09 -8.33 3.13
C LEU A 40 7.08 -8.83 4.16
N ARG A 41 5.84 -8.29 4.16
CA ARG A 41 4.73 -8.74 5.02
C ARG A 41 4.16 -10.10 4.56
N GLY A 42 4.20 -10.36 3.26
CA GLY A 42 3.79 -11.62 2.61
C GLY A 42 2.76 -11.45 1.47
N LEU A 43 2.41 -10.21 1.12
CA LEU A 43 1.39 -9.86 0.13
C LEU A 43 1.98 -9.51 -1.24
N LEU A 44 1.12 -9.45 -2.26
CA LEU A 44 1.43 -9.07 -3.63
C LEU A 44 0.52 -7.90 -4.05
N LEU A 45 0.95 -6.69 -3.68
CA LEU A 45 0.28 -5.44 -4.05
C LEU A 45 0.25 -5.26 -5.58
N ARG A 46 -0.97 -5.26 -6.16
CA ARG A 46 -1.23 -5.18 -7.60
C ARG A 46 -0.77 -3.85 -8.23
N GLY A 47 -0.64 -3.81 -9.56
CA GLY A 47 -0.31 -2.59 -10.31
C GLY A 47 -1.36 -1.49 -10.18
N GLU A 48 -2.65 -1.84 -10.25
CA GLU A 48 -3.76 -0.90 -10.02
C GLU A 48 -3.81 -0.38 -8.56
N ALA A 49 -3.26 -1.15 -7.61
CA ALA A 49 -3.29 -0.86 -6.18
C ALA A 49 -2.09 0.00 -5.72
N ILE A 50 -0.87 -0.33 -6.18
CA ILE A 50 0.34 0.46 -5.90
C ILE A 50 0.14 1.90 -6.41
N LYS A 51 -0.41 2.08 -7.62
CA LYS A 51 -0.78 3.37 -8.21
C LYS A 51 -1.79 4.12 -7.33
N TYR A 52 -2.81 3.45 -6.82
CA TYR A 52 -3.83 4.06 -5.95
C TYR A 52 -3.20 4.65 -4.66
N LEU A 53 -2.44 3.85 -3.90
CA LEU A 53 -1.78 4.37 -2.69
C LEU A 53 -0.62 5.34 -2.98
N THR A 54 -0.02 5.29 -4.18
CA THR A 54 0.99 6.25 -4.64
C THR A 54 0.38 7.65 -4.74
N GLU A 55 -0.87 7.76 -5.21
CA GLU A 55 -1.61 9.04 -5.23
C GLU A 55 -2.11 9.43 -3.82
N ALA A 56 -2.51 8.48 -2.98
CA ALA A 56 -2.94 8.74 -1.59
C ALA A 56 -1.82 9.24 -0.66
N LEU A 57 -0.55 9.01 -1.03
CA LEU A 57 0.64 9.33 -0.23
C LEU A 57 1.54 10.40 -0.90
N GLN A 58 1.05 11.09 -1.94
CA GLN A 58 1.77 12.19 -2.60
C GLN A 58 2.08 13.40 -1.68
N SER A 59 1.39 13.50 -0.54
CA SER A 59 1.52 14.57 0.48
C SER A 59 2.17 14.09 1.78
N ILE A 60 2.77 12.89 1.78
CA ILE A 60 3.49 12.30 2.92
C ILE A 60 5.01 12.33 2.69
N SER A 61 5.74 12.58 3.78
CA SER A 61 7.22 12.57 3.86
C SER A 61 7.82 11.26 3.35
N GLU A 62 8.82 11.34 2.45
CA GLU A 62 9.46 10.14 1.85
C GLU A 62 10.10 9.17 2.88
N LEU A 63 10.62 9.70 3.99
CA LEU A 63 11.20 8.91 5.10
C LEU A 63 10.16 8.42 6.13
N GLU A 64 8.89 8.80 5.98
CA GLU A 64 7.77 8.40 6.84
C GLU A 64 6.71 7.54 6.10
N LEU A 65 6.75 7.51 4.76
CA LEU A 65 5.86 6.72 3.91
C LEU A 65 5.83 5.25 4.32
N GLU A 66 6.99 4.67 4.62
CA GLU A 66 7.11 3.24 4.94
C GLU A 66 6.47 2.88 6.30
N ASP A 67 6.39 3.84 7.22
CA ASP A 67 5.71 3.69 8.51
C ASP A 67 4.21 4.06 8.42
N LYS A 68 3.86 5.09 7.63
CA LYS A 68 2.48 5.50 7.34
C LYS A 68 1.69 4.37 6.66
N LEU A 69 2.28 3.80 5.61
CA LEU A 69 1.71 2.68 4.85
C LEU A 69 1.54 1.41 5.67
N GLU A 70 2.23 1.29 6.81
CA GLU A 70 2.03 0.15 7.73
C GLU A 70 0.61 0.12 8.30
N LYS A 71 -0.06 1.28 8.40
CA LYS A 71 -1.47 1.39 8.82
C LYS A 71 -2.42 0.89 7.74
N ILE A 72 -2.07 1.09 6.45
CA ILE A 72 -2.80 0.55 5.30
C ILE A 72 -2.70 -0.98 5.34
N ILE A 73 -1.49 -1.52 5.48
CA ILE A 73 -1.24 -2.96 5.59
C ILE A 73 -2.10 -3.60 6.70
N ASN A 74 -2.09 -3.02 7.91
CA ASN A 74 -2.90 -3.54 9.02
C ASN A 74 -4.43 -3.46 8.77
N ALA A 75 -4.91 -2.57 7.88
CA ALA A 75 -6.32 -2.49 7.48
C ALA A 75 -6.66 -3.45 6.33
N VAL A 76 -5.68 -3.82 5.50
CA VAL A 76 -5.81 -4.84 4.44
C VAL A 76 -5.86 -6.23 5.07
N GLU A 77 -5.06 -6.47 6.12
CA GLU A 77 -4.97 -7.74 6.87
C GLU A 77 -6.25 -8.18 7.59
N LYS A 78 -7.30 -7.34 7.64
CA LYS A 78 -8.59 -7.63 8.30
C LYS A 78 -9.81 -7.64 7.35
N GLN A 79 -9.58 -7.52 6.04
CA GLN A 79 -10.61 -7.62 4.99
C GLN A 79 -10.77 -9.07 4.49
N PRO A 80 -11.95 -9.45 3.95
CA PRO A 80 -12.15 -10.76 3.33
C PRO A 80 -11.45 -10.85 1.97
N LEU A 81 -10.73 -11.95 1.75
CA LEU A 81 -10.01 -12.28 0.50
C LEU A 81 -9.69 -13.79 0.40
N SER A 82 -9.28 -14.24 -0.79
CA SER A 82 -9.04 -15.66 -1.12
C SER A 82 -7.62 -15.95 -1.66
N SER A 83 -6.76 -14.94 -1.73
CA SER A 83 -5.34 -15.04 -2.10
C SER A 83 -4.52 -13.90 -1.45
N ASN A 84 -3.19 -13.90 -1.61
CA ASN A 84 -2.33 -12.84 -1.10
C ASN A 84 -2.20 -11.63 -2.06
N MET A 85 -2.97 -11.61 -3.16
CA MET A 85 -3.03 -10.46 -4.07
C MET A 85 -3.86 -9.33 -3.45
N ILE A 86 -3.34 -8.10 -3.47
CA ILE A 86 -4.03 -6.92 -2.92
C ILE A 86 -4.37 -5.97 -4.07
N GLU A 87 -5.63 -6.04 -4.54
CA GLU A 87 -6.17 -5.19 -5.60
C GLU A 87 -6.50 -3.75 -5.14
N ARG A 88 -6.78 -2.86 -6.11
CA ARG A 88 -7.20 -1.47 -5.85
C ARG A 88 -8.36 -1.41 -4.87
N SER A 89 -9.41 -2.19 -5.12
CA SER A 89 -10.65 -2.18 -4.33
C SER A 89 -10.42 -2.48 -2.84
N VAL A 90 -9.40 -3.30 -2.53
CA VAL A 90 -8.98 -3.63 -1.16
C VAL A 90 -8.25 -2.45 -0.49
N VAL A 91 -7.35 -1.77 -1.22
CA VAL A 91 -6.65 -0.55 -0.74
C VAL A 91 -7.61 0.64 -0.60
N GLU A 92 -8.57 0.77 -1.53
CA GLU A 92 -9.59 1.83 -1.56
C GLU A 92 -10.50 1.84 -0.31
N ALA A 93 -10.56 0.70 0.40
CA ALA A 93 -11.25 0.52 1.68
C ALA A 93 -10.27 0.58 2.89
N ALA A 94 -9.03 0.10 2.73
CA ALA A 94 -7.98 0.19 3.76
C ALA A 94 -7.53 1.63 4.07
N VAL A 95 -7.47 2.49 3.05
CA VAL A 95 -7.15 3.93 3.18
C VAL A 95 -8.16 4.67 4.06
N GLN A 96 -9.43 4.24 4.07
CA GLN A 96 -10.50 4.84 4.90
C GLN A 96 -10.24 4.64 6.40
N GLU A 97 -9.60 3.52 6.77
CA GLU A 97 -9.26 3.12 8.13
C GLU A 97 -7.89 3.67 8.60
N SER A 98 -7.05 4.14 7.66
CA SER A 98 -5.65 4.55 7.92
C SER A 98 -5.24 5.96 7.50
N SER A 99 -6.13 6.71 6.81
CA SER A 99 -5.95 8.13 6.42
C SER A 99 -5.62 9.06 7.60
N MET A 25 11.14 16.10 -6.70
CA MET A 25 10.49 15.09 -5.85
C MET A 25 9.11 14.73 -6.44
N ALA A 26 8.93 13.45 -6.80
CA ALA A 26 7.69 12.91 -7.35
C ALA A 26 7.37 11.50 -6.83
N PRO A 27 6.07 11.08 -6.82
CA PRO A 27 5.62 9.75 -6.36
C PRO A 27 6.40 8.54 -6.89
N GLU A 28 6.95 8.61 -8.11
CA GLU A 28 7.74 7.51 -8.70
C GLU A 28 8.98 7.11 -7.85
N ARG A 29 9.49 8.03 -7.01
CA ARG A 29 10.60 7.77 -6.06
C ARG A 29 10.19 7.05 -4.77
N LEU A 30 8.89 6.95 -4.48
CA LEU A 30 8.32 6.25 -3.33
C LEU A 30 7.39 5.09 -3.71
N ARG A 31 6.99 4.97 -4.98
CA ARG A 31 6.18 3.87 -5.54
C ARG A 31 6.79 2.50 -5.24
N SER A 32 8.06 2.29 -5.60
CA SER A 32 8.76 1.02 -5.35
C SER A 32 8.97 0.72 -3.87
N ARG A 33 9.11 1.76 -3.03
CA ARG A 33 9.21 1.63 -1.55
C ARG A 33 7.89 1.17 -0.93
N ALA A 34 6.77 1.76 -1.37
CA ALA A 34 5.42 1.37 -0.98
C ALA A 34 5.10 -0.08 -1.38
N LEU A 35 5.44 -0.49 -2.61
CA LEU A 35 5.30 -1.87 -3.08
C LEU A 35 6.16 -2.86 -2.27
N SER A 36 7.42 -2.49 -1.99
CA SER A 36 8.36 -3.30 -1.20
C SER A 36 7.86 -3.56 0.23
N ALA A 37 7.16 -2.61 0.87
CA ALA A 37 6.58 -2.81 2.20
C ALA A 37 5.49 -3.91 2.21
N PHE A 38 4.59 -3.93 1.21
CA PHE A 38 3.59 -5.00 1.06
C PHE A 38 4.29 -6.35 0.82
N LYS A 39 5.29 -6.37 -0.07
CA LYS A 39 6.13 -7.54 -0.36
C LYS A 39 6.85 -8.10 0.88
N LEU A 40 7.39 -7.24 1.75
CA LEU A 40 8.00 -7.63 3.02
C LEU A 40 7.02 -8.26 4.02
N ARG A 41 5.76 -7.80 4.04
CA ARG A 41 4.69 -8.40 4.87
C ARG A 41 4.12 -9.71 4.29
N GLY A 42 4.44 -10.01 3.02
CA GLY A 42 4.09 -11.27 2.32
C GLY A 42 3.03 -11.12 1.22
N LEU A 43 2.59 -9.89 0.92
CA LEU A 43 1.53 -9.59 -0.03
C LEU A 43 2.06 -9.34 -1.46
N LEU A 44 1.14 -9.34 -2.43
CA LEU A 44 1.37 -9.04 -3.84
C LEU A 44 0.40 -7.91 -4.28
N LEU A 45 0.78 -6.67 -3.97
CA LEU A 45 0.06 -5.47 -4.37
C LEU A 45 0.00 -5.35 -5.91
N ARG A 46 -1.21 -5.42 -6.48
CA ARG A 46 -1.49 -5.29 -7.93
C ARG A 46 -1.04 -3.94 -8.49
N GLY A 47 -0.79 -3.90 -9.80
CA GLY A 47 -0.46 -2.65 -10.52
C GLY A 47 -1.59 -1.60 -10.47
N GLU A 48 -2.84 -2.04 -10.40
CA GLU A 48 -4.02 -1.15 -10.22
C GLU A 48 -4.13 -0.59 -8.79
N ALA A 49 -3.51 -1.25 -7.81
CA ALA A 49 -3.54 -0.88 -6.40
C ALA A 49 -2.33 -0.03 -5.99
N ILE A 50 -1.13 -0.31 -6.52
CA ILE A 50 0.05 0.52 -6.27
C ILE A 50 -0.15 1.97 -6.76
N LYS A 51 -0.80 2.13 -7.93
CA LYS A 51 -1.10 3.47 -8.48
C LYS A 51 -2.17 4.23 -7.67
N TYR A 52 -3.00 3.51 -6.90
CA TYR A 52 -3.97 4.11 -5.98
C TYR A 52 -3.27 4.69 -4.74
N LEU A 53 -2.44 3.90 -4.04
CA LEU A 53 -1.80 4.33 -2.78
C LEU A 53 -0.52 5.15 -2.95
N THR A 54 0.13 5.14 -4.12
CA THR A 54 1.30 6.01 -4.37
C THR A 54 0.88 7.50 -4.37
N GLU A 55 -0.33 7.80 -4.86
CA GLU A 55 -0.93 9.15 -4.82
C GLU A 55 -1.30 9.55 -3.37
N ALA A 56 -1.72 8.60 -2.53
CA ALA A 56 -1.99 8.82 -1.11
C ALA A 56 -0.72 9.11 -0.28
N LEU A 57 0.48 8.85 -0.85
CA LEU A 57 1.80 9.12 -0.25
C LEU A 57 2.52 10.33 -0.90
N GLN A 58 1.93 10.96 -1.92
CA GLN A 58 2.47 12.16 -2.59
C GLN A 58 2.77 13.34 -1.63
N SER A 59 2.06 13.40 -0.49
CA SER A 59 2.16 14.47 0.51
C SER A 59 2.68 13.95 1.88
N ILE A 60 3.41 12.83 1.87
CA ILE A 60 4.02 12.19 3.05
C ILE A 60 5.55 12.18 2.91
N SER A 61 6.22 12.35 4.05
CA SER A 61 7.67 12.33 4.24
C SER A 61 8.35 11.08 3.68
N GLU A 62 9.46 11.25 2.96
CA GLU A 62 10.29 10.17 2.40
C GLU A 62 10.90 9.21 3.44
N LEU A 63 10.92 9.62 4.72
CA LEU A 63 11.43 8.85 5.86
C LEU A 63 10.32 8.33 6.80
N GLU A 64 9.05 8.56 6.44
CA GLU A 64 7.85 8.13 7.21
C GLU A 64 6.85 7.31 6.38
N LEU A 65 7.08 7.14 5.07
CA LEU A 65 6.15 6.49 4.14
C LEU A 65 5.84 5.04 4.56
N GLU A 66 6.84 4.33 5.09
CA GLU A 66 6.69 2.94 5.55
C GLU A 66 5.84 2.85 6.83
N ASP A 67 6.11 3.73 7.81
CA ASP A 67 5.32 3.82 9.05
C ASP A 67 3.86 4.22 8.78
N LYS A 68 3.64 5.12 7.81
CA LYS A 68 2.32 5.52 7.33
C LYS A 68 1.59 4.35 6.65
N LEU A 69 2.22 3.74 5.65
CA LEU A 69 1.64 2.65 4.87
C LEU A 69 1.42 1.36 5.69
N GLU A 70 2.10 1.23 6.83
CA GLU A 70 1.89 0.12 7.77
C GLU A 70 0.43 0.09 8.26
N LYS A 71 -0.22 1.26 8.36
CA LYS A 71 -1.63 1.40 8.75
C LYS A 71 -2.56 0.87 7.66
N ILE A 72 -2.19 1.10 6.38
CA ILE A 72 -2.90 0.58 5.21
C ILE A 72 -2.82 -0.94 5.22
N ILE A 73 -1.63 -1.53 5.36
CA ILE A 73 -1.43 -2.99 5.45
C ILE A 73 -2.26 -3.60 6.61
N ASN A 74 -2.26 -2.96 7.79
CA ASN A 74 -3.10 -3.38 8.92
C ASN A 74 -4.62 -3.30 8.66
N ALA A 75 -5.08 -2.43 7.75
CA ALA A 75 -6.50 -2.33 7.34
C ALA A 75 -6.84 -3.31 6.21
N VAL A 76 -5.88 -3.62 5.33
CA VAL A 76 -5.98 -4.65 4.27
C VAL A 76 -6.14 -6.04 4.90
N GLU A 77 -5.36 -6.32 5.95
CA GLU A 77 -5.36 -7.62 6.66
C GLU A 77 -6.71 -8.00 7.32
N LYS A 78 -7.56 -7.02 7.67
CA LYS A 78 -8.89 -7.25 8.28
C LYS A 78 -10.00 -7.61 7.28
N GLN A 79 -9.77 -7.39 5.98
CA GLN A 79 -10.76 -7.66 4.92
C GLN A 79 -10.75 -9.14 4.54
N PRO A 80 -11.90 -9.84 4.51
CA PRO A 80 -11.96 -11.25 4.11
C PRO A 80 -11.35 -11.52 2.72
N LEU A 81 -10.49 -12.53 2.62
CA LEU A 81 -9.72 -12.89 1.42
C LEU A 81 -9.27 -14.36 1.43
N SER A 82 -8.75 -14.84 0.30
CA SER A 82 -8.35 -16.24 0.06
C SER A 82 -7.00 -16.40 -0.67
N SER A 83 -6.28 -15.29 -0.88
CA SER A 83 -4.93 -15.24 -1.47
C SER A 83 -4.20 -13.95 -1.06
N ASN A 84 -2.87 -13.91 -1.19
CA ASN A 84 -2.03 -12.77 -0.76
C ASN A 84 -2.00 -11.59 -1.76
N MET A 85 -2.74 -11.68 -2.87
CA MET A 85 -2.81 -10.63 -3.89
C MET A 85 -3.82 -9.53 -3.49
N ILE A 86 -3.40 -8.26 -3.56
CA ILE A 86 -4.18 -7.11 -3.10
C ILE A 86 -4.54 -6.20 -4.28
N GLU A 87 -5.84 -6.08 -4.56
CA GLU A 87 -6.41 -5.29 -5.67
C GLU A 87 -6.82 -3.86 -5.26
N ARG A 88 -7.17 -3.02 -6.25
CA ARG A 88 -7.60 -1.63 -6.01
C ARG A 88 -8.80 -1.56 -5.05
N SER A 89 -9.82 -2.40 -5.25
CA SER A 89 -11.00 -2.44 -4.38
C SER A 89 -10.65 -2.65 -2.89
N VAL A 90 -9.57 -3.39 -2.62
CA VAL A 90 -9.09 -3.66 -1.25
C VAL A 90 -8.38 -2.44 -0.64
N VAL A 91 -7.47 -1.77 -1.36
CA VAL A 91 -6.81 -0.54 -0.86
C VAL A 91 -7.75 0.67 -0.78
N GLU A 92 -8.73 0.75 -1.70
CA GLU A 92 -9.79 1.78 -1.73
C GLU A 92 -10.72 1.73 -0.50
N ALA A 93 -10.74 0.58 0.19
CA ALA A 93 -11.44 0.35 1.45
C ALA A 93 -10.49 0.42 2.67
N ALA A 94 -9.21 0.05 2.54
CA ALA A 94 -8.21 0.16 3.60
C ALA A 94 -7.85 1.61 3.95
N VAL A 95 -7.79 2.51 2.95
CA VAL A 95 -7.53 3.95 3.15
C VAL A 95 -8.58 4.62 4.05
N GLN A 96 -9.81 4.10 4.06
CA GLN A 96 -10.94 4.58 4.86
C GLN A 96 -10.74 4.40 6.38
N GLU A 97 -9.79 3.55 6.79
CA GLU A 97 -9.43 3.27 8.19
C GLU A 97 -7.98 3.67 8.54
N SER A 98 -7.19 4.08 7.54
CA SER A 98 -5.75 4.38 7.69
C SER A 98 -5.32 5.80 7.28
N SER A 99 -6.27 6.65 6.86
CA SER A 99 -6.10 8.07 6.53
C SER A 99 -7.24 8.94 7.08
N MET A 25 13.71 11.00 -11.31
CA MET A 25 13.41 9.57 -11.16
C MET A 25 12.03 9.20 -11.71
N ALA A 26 11.93 7.98 -12.24
CA ALA A 26 10.71 7.38 -12.77
C ALA A 26 9.65 7.12 -11.65
N PRO A 27 8.35 7.11 -11.98
CA PRO A 27 7.29 6.81 -11.02
C PRO A 27 7.32 5.35 -10.52
N GLU A 28 7.85 4.42 -11.33
CA GLU A 28 8.04 3.02 -10.93
C GLU A 28 8.99 2.85 -9.73
N ARG A 29 10.00 3.74 -9.59
CA ARG A 29 10.92 3.75 -8.44
C ARG A 29 10.24 4.25 -7.18
N LEU A 30 9.39 5.28 -7.29
CA LEU A 30 8.56 5.81 -6.22
C LEU A 30 7.54 4.76 -5.75
N ARG A 31 6.86 4.09 -6.70
CA ARG A 31 5.93 2.97 -6.44
C ARG A 31 6.65 1.81 -5.73
N SER A 32 7.84 1.43 -6.19
CA SER A 32 8.61 0.30 -5.62
C SER A 32 8.96 0.47 -4.13
N ARG A 33 9.16 1.70 -3.63
CA ARG A 33 9.42 1.97 -2.20
C ARG A 33 8.24 1.51 -1.33
N ALA A 34 7.01 1.82 -1.74
CA ALA A 34 5.80 1.39 -1.07
C ALA A 34 5.49 -0.10 -1.33
N LEU A 35 5.61 -0.58 -2.56
CA LEU A 35 5.36 -1.98 -2.91
C LEU A 35 6.26 -2.95 -2.10
N SER A 36 7.50 -2.56 -1.82
CA SER A 36 8.45 -3.33 -1.00
C SER A 36 7.93 -3.65 0.42
N ALA A 37 7.15 -2.74 1.04
CA ALA A 37 6.55 -2.98 2.36
C ALA A 37 5.45 -4.06 2.30
N PHE A 38 4.61 -4.04 1.26
CA PHE A 38 3.61 -5.07 1.01
C PHE A 38 4.28 -6.42 0.68
N LYS A 39 5.32 -6.39 -0.15
CA LYS A 39 6.13 -7.55 -0.56
C LYS A 39 6.76 -8.27 0.65
N LEU A 40 7.44 -7.53 1.54
CA LEU A 40 8.09 -8.14 2.72
C LEU A 40 7.09 -8.66 3.77
N ARG A 41 5.87 -8.08 3.84
CA ARG A 41 4.77 -8.57 4.69
C ARG A 41 4.23 -9.92 4.21
N GLY A 42 4.21 -10.13 2.90
CA GLY A 42 3.83 -11.38 2.22
C GLY A 42 2.83 -11.21 1.06
N LEU A 43 2.43 -9.97 0.73
CA LEU A 43 1.42 -9.64 -0.26
C LEU A 43 2.03 -9.39 -1.66
N LEU A 44 1.15 -9.38 -2.66
CA LEU A 44 1.47 -9.18 -4.08
C LEU A 44 0.58 -8.08 -4.68
N LEU A 45 0.64 -6.89 -4.05
CA LEU A 45 -0.05 -5.65 -4.42
C LEU A 45 -0.02 -5.38 -5.95
N ARG A 46 -1.21 -5.31 -6.56
CA ARG A 46 -1.41 -5.15 -8.02
C ARG A 46 -0.97 -3.76 -8.51
N GLY A 47 -0.71 -3.63 -9.81
CA GLY A 47 -0.22 -2.39 -10.42
C GLY A 47 -1.21 -1.21 -10.40
N GLU A 48 -2.52 -1.48 -10.36
CA GLU A 48 -3.54 -0.43 -10.18
C GLU A 48 -3.65 0.00 -8.70
N ALA A 49 -3.42 -0.94 -7.78
CA ALA A 49 -3.48 -0.73 -6.33
C ALA A 49 -2.25 0.01 -5.78
N ILE A 50 -1.05 -0.29 -6.29
CA ILE A 50 0.17 0.44 -5.92
C ILE A 50 0.06 1.91 -6.32
N LYS A 51 -0.43 2.18 -7.54
CA LYS A 51 -0.73 3.52 -8.07
C LYS A 51 -1.74 4.27 -7.19
N TYR A 52 -2.81 3.58 -6.78
CA TYR A 52 -3.85 4.14 -5.91
C TYR A 52 -3.26 4.66 -4.59
N LEU A 53 -2.52 3.82 -3.85
CA LEU A 53 -1.92 4.26 -2.58
C LEU A 53 -0.71 5.17 -2.76
N THR A 54 -0.03 5.11 -3.92
CA THR A 54 1.08 6.03 -4.25
C THR A 54 0.56 7.47 -4.39
N GLU A 55 -0.60 7.66 -5.02
CA GLU A 55 -1.25 8.98 -5.10
C GLU A 55 -1.80 9.43 -3.73
N ALA A 56 -2.33 8.51 -2.92
CA ALA A 56 -2.81 8.77 -1.55
C ALA A 56 -1.68 9.14 -0.54
N LEU A 57 -0.42 8.93 -0.92
CA LEU A 57 0.79 9.18 -0.10
C LEU A 57 1.78 10.15 -0.79
N GLN A 58 1.37 10.80 -1.88
CA GLN A 58 2.21 11.72 -2.68
C GLN A 58 2.74 12.93 -1.88
N SER A 59 2.05 13.32 -0.79
CA SER A 59 2.40 14.43 0.10
C SER A 59 3.00 13.99 1.45
N ILE A 60 3.06 12.68 1.74
CA ILE A 60 3.66 12.13 2.97
C ILE A 60 5.20 12.21 2.94
N SER A 61 5.78 12.49 4.10
CA SER A 61 7.23 12.52 4.36
C SER A 61 7.91 11.21 3.98
N GLU A 62 8.96 11.26 3.15
CA GLU A 62 9.66 10.08 2.62
C GLU A 62 10.26 9.16 3.69
N LEU A 63 10.76 9.73 4.79
CA LEU A 63 11.30 9.00 5.95
C LEU A 63 10.21 8.43 6.90
N GLU A 64 8.95 8.77 6.67
CA GLU A 64 7.77 8.33 7.44
C GLU A 64 6.89 7.32 6.68
N LEU A 65 7.21 7.06 5.40
CA LEU A 65 6.48 6.12 4.53
C LEU A 65 6.33 4.73 5.18
N GLU A 66 7.40 4.23 5.79
CA GLU A 66 7.44 2.88 6.38
C GLU A 66 6.52 2.69 7.60
N ASP A 67 6.10 3.77 8.25
CA ASP A 67 5.17 3.76 9.40
C ASP A 67 3.75 4.15 8.99
N LYS A 68 3.61 5.07 8.03
CA LYS A 68 2.30 5.46 7.46
C LYS A 68 1.67 4.33 6.64
N LEU A 69 2.43 3.74 5.72
CA LEU A 69 1.98 2.65 4.84
C LEU A 69 1.60 1.38 5.63
N GLU A 70 2.20 1.21 6.81
CA GLU A 70 1.91 0.11 7.72
C GLU A 70 0.44 0.16 8.22
N LYS A 71 -0.14 1.36 8.34
CA LYS A 71 -1.56 1.54 8.71
C LYS A 71 -2.50 1.02 7.62
N ILE A 72 -2.13 1.21 6.34
CA ILE A 72 -2.87 0.67 5.20
C ILE A 72 -2.77 -0.86 5.21
N ILE A 73 -1.56 -1.42 5.32
CA ILE A 73 -1.34 -2.88 5.40
C ILE A 73 -2.16 -3.49 6.55
N ASN A 74 -2.15 -2.88 7.75
CA ASN A 74 -2.95 -3.33 8.89
C ASN A 74 -4.48 -3.26 8.65
N ALA A 75 -4.96 -2.40 7.75
CA ALA A 75 -6.38 -2.32 7.35
C ALA A 75 -6.73 -3.31 6.22
N VAL A 76 -5.76 -3.64 5.35
CA VAL A 76 -5.89 -4.67 4.31
C VAL A 76 -6.05 -6.04 4.96
N GLU A 77 -5.29 -6.33 6.02
CA GLU A 77 -5.37 -7.61 6.76
C GLU A 77 -6.72 -7.84 7.48
N LYS A 78 -7.47 -6.76 7.79
CA LYS A 78 -8.80 -6.83 8.43
C LYS A 78 -9.95 -7.19 7.48
N GLN A 79 -9.75 -7.09 6.16
CA GLN A 79 -10.72 -7.44 5.13
C GLN A 79 -10.68 -8.96 4.86
N PRO A 80 -11.81 -9.69 4.94
CA PRO A 80 -11.86 -11.13 4.61
C PRO A 80 -11.31 -11.43 3.20
N LEU A 81 -10.42 -12.41 3.11
CA LEU A 81 -9.72 -12.82 1.88
C LEU A 81 -9.25 -14.28 1.92
N SER A 82 -8.81 -14.80 0.77
CA SER A 82 -8.38 -16.20 0.55
C SER A 82 -7.12 -16.34 -0.31
N SER A 83 -6.47 -15.23 -0.67
CA SER A 83 -5.24 -15.15 -1.46
C SER A 83 -4.45 -13.87 -1.10
N ASN A 84 -3.16 -13.81 -1.47
CA ASN A 84 -2.25 -12.71 -1.11
C ASN A 84 -2.17 -11.61 -2.18
N MET A 85 -3.00 -11.67 -3.23
CA MET A 85 -3.10 -10.61 -4.24
C MET A 85 -3.96 -9.46 -3.69
N ILE A 86 -3.44 -8.22 -3.73
CA ILE A 86 -4.15 -7.03 -3.23
C ILE A 86 -4.53 -6.11 -4.41
N GLU A 87 -5.80 -6.15 -4.80
CA GLU A 87 -6.36 -5.33 -5.88
C GLU A 87 -6.72 -3.89 -5.43
N ARG A 88 -7.04 -3.02 -6.40
CA ARG A 88 -7.43 -1.62 -6.14
C ARG A 88 -8.61 -1.53 -5.18
N SER A 89 -9.66 -2.33 -5.38
CA SER A 89 -10.85 -2.34 -4.52
C SER A 89 -10.51 -2.57 -3.03
N VAL A 90 -9.46 -3.34 -2.75
CA VAL A 90 -8.99 -3.63 -1.38
C VAL A 90 -8.28 -2.42 -0.74
N VAL A 91 -7.37 -1.75 -1.45
CA VAL A 91 -6.71 -0.52 -0.94
C VAL A 91 -7.67 0.69 -0.88
N GLU A 92 -8.64 0.75 -1.80
CA GLU A 92 -9.71 1.76 -1.83
C GLU A 92 -10.64 1.69 -0.60
N ALA A 93 -10.64 0.54 0.09
CA ALA A 93 -11.34 0.31 1.35
C ALA A 93 -10.41 0.36 2.59
N ALA A 94 -9.14 -0.01 2.45
CA ALA A 94 -8.13 0.10 3.53
C ALA A 94 -7.76 1.54 3.87
N VAL A 95 -7.74 2.44 2.88
CA VAL A 95 -7.51 3.88 3.09
C VAL A 95 -8.61 4.52 3.96
N GLN A 96 -9.84 3.99 3.92
CA GLN A 96 -10.97 4.48 4.74
C GLN A 96 -10.76 4.30 6.25
N GLU A 97 -9.85 3.40 6.65
CA GLU A 97 -9.48 3.12 8.05
C GLU A 97 -8.08 3.63 8.43
N SER A 98 -7.30 4.13 7.46
CA SER A 98 -5.89 4.54 7.66
C SER A 98 -5.50 5.93 7.12
N SER A 99 -6.43 6.67 6.51
CA SER A 99 -6.27 8.06 6.00
C SER A 99 -5.69 9.04 7.02
N MET A 25 9.95 15.26 -3.10
CA MET A 25 9.74 13.95 -3.74
C MET A 25 9.31 13.99 -5.22
N ALA A 26 9.32 12.78 -5.79
CA ALA A 26 8.88 12.39 -7.12
C ALA A 26 8.21 11.01 -6.99
N PRO A 27 7.26 10.61 -7.87
CA PRO A 27 6.52 9.36 -7.70
C PRO A 27 7.41 8.11 -7.77
N GLU A 28 8.57 8.17 -8.43
CA GLU A 28 9.56 7.08 -8.46
C GLU A 28 10.11 6.69 -7.07
N ARG A 29 10.06 7.61 -6.09
CA ARG A 29 10.45 7.35 -4.68
C ARG A 29 9.37 6.60 -3.87
N LEU A 30 8.20 6.35 -4.47
CA LEU A 30 7.02 5.76 -3.82
C LEU A 30 6.44 4.56 -4.60
N ARG A 31 6.44 4.61 -5.94
CA ARG A 31 5.98 3.55 -6.88
C ARG A 31 6.57 2.16 -6.65
N SER A 32 7.77 2.06 -6.08
CA SER A 32 8.45 0.79 -5.75
C SER A 32 8.77 0.62 -4.26
N ARG A 33 8.90 1.72 -3.51
CA ARG A 33 9.17 1.70 -2.06
C ARG A 33 7.98 1.15 -1.26
N ALA A 34 6.76 1.52 -1.64
CA ALA A 34 5.53 1.00 -1.04
C ALA A 34 5.25 -0.44 -1.43
N LEU A 35 5.49 -0.82 -2.71
CA LEU A 35 5.36 -2.19 -3.18
C LEU A 35 6.31 -3.13 -2.43
N SER A 36 7.55 -2.69 -2.20
CA SER A 36 8.56 -3.40 -1.41
C SER A 36 8.13 -3.59 0.05
N ALA A 37 7.44 -2.62 0.66
CA ALA A 37 6.89 -2.75 2.00
C ALA A 37 5.76 -3.80 2.08
N PHE A 38 4.81 -3.79 1.13
CA PHE A 38 3.76 -4.83 1.04
C PHE A 38 4.40 -6.23 0.89
N LYS A 39 5.42 -6.35 0.03
CA LYS A 39 6.24 -7.56 -0.18
C LYS A 39 6.94 -8.06 1.09
N LEU A 40 7.52 -7.14 1.89
CA LEU A 40 8.15 -7.48 3.17
C LEU A 40 7.16 -7.97 4.24
N ARG A 41 5.91 -7.47 4.23
CA ARG A 41 4.84 -7.93 5.15
C ARG A 41 4.23 -9.29 4.73
N GLY A 42 4.52 -9.77 3.52
CA GLY A 42 4.10 -11.07 2.98
C GLY A 42 3.02 -10.97 1.89
N LEU A 43 2.52 -9.77 1.60
CA LEU A 43 1.52 -9.48 0.58
C LEU A 43 2.17 -9.23 -0.80
N LEU A 44 1.32 -9.07 -1.82
CA LEU A 44 1.67 -8.68 -3.18
C LEU A 44 0.64 -7.63 -3.63
N LEU A 45 1.02 -6.78 -4.58
CA LEU A 45 0.20 -5.64 -5.02
C LEU A 45 0.00 -5.72 -6.55
N ARG A 46 -1.26 -5.73 -7.01
CA ARG A 46 -1.72 -5.97 -8.37
C ARG A 46 -1.15 -5.12 -9.52
N GLY A 47 -0.67 -3.91 -9.25
CA GLY A 47 -0.19 -2.96 -10.26
C GLY A 47 -1.16 -1.79 -10.50
N GLU A 48 -2.43 -1.96 -10.12
CA GLU A 48 -3.45 -0.90 -10.14
C GLU A 48 -3.64 -0.33 -8.72
N ALA A 49 -3.43 -1.16 -7.69
CA ALA A 49 -3.46 -0.77 -6.28
C ALA A 49 -2.27 0.12 -5.88
N ILE A 50 -1.07 -0.15 -6.42
CA ILE A 50 0.14 0.66 -6.19
C ILE A 50 -0.07 2.11 -6.65
N LYS A 51 -0.71 2.30 -7.81
CA LYS A 51 -1.10 3.62 -8.37
C LYS A 51 -2.05 4.37 -7.42
N TYR A 52 -3.06 3.68 -6.89
CA TYR A 52 -4.04 4.27 -5.97
C TYR A 52 -3.37 4.86 -4.72
N LEU A 53 -2.54 4.06 -4.01
CA LEU A 53 -1.81 4.56 -2.84
C LEU A 53 -0.65 5.51 -3.20
N THR A 54 -0.09 5.42 -4.42
CA THR A 54 0.91 6.36 -4.92
C THR A 54 0.33 7.77 -5.03
N GLU A 55 -0.93 7.91 -5.48
CA GLU A 55 -1.62 9.20 -5.51
C GLU A 55 -2.04 9.68 -4.09
N ALA A 56 -2.37 8.76 -3.18
CA ALA A 56 -2.77 9.08 -1.80
C ALA A 56 -1.61 9.45 -0.85
N LEU A 57 -0.36 9.08 -1.19
CA LEU A 57 0.84 9.25 -0.35
C LEU A 57 1.91 10.14 -1.00
N GLN A 58 1.62 10.79 -2.14
CA GLN A 58 2.54 11.69 -2.86
C GLN A 58 3.12 12.84 -2.02
N SER A 59 2.47 13.21 -0.91
CA SER A 59 2.87 14.30 0.00
C SER A 59 3.34 13.82 1.38
N ILE A 60 3.28 12.51 1.66
CA ILE A 60 3.82 11.91 2.90
C ILE A 60 5.34 11.81 2.81
N SER A 61 6.01 12.17 3.91
CA SER A 61 7.47 12.11 4.10
C SER A 61 8.06 10.74 3.78
N GLU A 62 9.09 10.66 2.93
CA GLU A 62 9.72 9.39 2.52
C GLU A 62 10.31 8.58 3.70
N LEU A 63 10.86 9.26 4.71
CA LEU A 63 11.37 8.69 5.96
C LEU A 63 10.28 8.26 6.96
N GLU A 64 9.00 8.51 6.63
CA GLU A 64 7.80 8.14 7.40
C GLU A 64 6.81 7.28 6.57
N LEU A 65 7.13 7.03 5.29
CA LEU A 65 6.26 6.35 4.33
C LEU A 65 5.91 4.94 4.80
N GLU A 66 6.90 4.16 5.24
CA GLU A 66 6.64 2.77 5.65
C GLU A 66 5.77 2.69 6.91
N ASP A 67 6.00 3.56 7.90
CA ASP A 67 5.18 3.62 9.12
C ASP A 67 3.72 4.03 8.83
N LYS A 68 3.51 4.95 7.88
CA LYS A 68 2.18 5.35 7.39
C LYS A 68 1.51 4.21 6.62
N LEU A 69 2.19 3.69 5.60
CA LEU A 69 1.71 2.61 4.73
C LEU A 69 1.39 1.33 5.51
N GLU A 70 2.09 1.09 6.61
CA GLU A 70 1.85 -0.05 7.51
C GLU A 70 0.43 -0.02 8.11
N LYS A 71 -0.15 1.18 8.31
CA LYS A 71 -1.54 1.32 8.78
C LYS A 71 -2.52 0.81 7.72
N ILE A 72 -2.24 1.02 6.44
CA ILE A 72 -3.01 0.49 5.31
C ILE A 72 -2.87 -1.04 5.30
N ILE A 73 -1.63 -1.56 5.32
CA ILE A 73 -1.36 -3.01 5.30
C ILE A 73 -2.08 -3.73 6.47
N ASN A 74 -2.05 -3.15 7.67
CA ASN A 74 -2.78 -3.66 8.85
C ASN A 74 -4.31 -3.61 8.70
N ALA A 75 -4.86 -2.67 7.91
CA ALA A 75 -6.30 -2.58 7.62
C ALA A 75 -6.73 -3.55 6.50
N VAL A 76 -5.85 -3.85 5.53
CA VAL A 76 -6.07 -4.86 4.48
C VAL A 76 -6.29 -6.24 5.10
N GLU A 77 -5.55 -6.58 6.15
CA GLU A 77 -5.73 -7.83 6.92
C GLU A 77 -7.12 -8.01 7.55
N LYS A 78 -7.89 -6.93 7.78
CA LYS A 78 -9.25 -6.99 8.36
C LYS A 78 -10.34 -7.32 7.33
N GLN A 79 -10.04 -7.25 6.03
CA GLN A 79 -10.98 -7.54 4.94
C GLN A 79 -10.96 -9.03 4.57
N PRO A 80 -12.08 -9.61 4.09
CA PRO A 80 -12.12 -11.00 3.65
C PRO A 80 -11.40 -11.18 2.30
N LEU A 81 -10.52 -12.18 2.22
CA LEU A 81 -9.72 -12.51 1.04
C LEU A 81 -9.26 -13.98 1.02
N SER A 82 -8.73 -14.43 -0.12
CA SER A 82 -8.33 -15.83 -0.38
C SER A 82 -6.96 -15.97 -1.06
N SER A 83 -6.20 -14.87 -1.16
CA SER A 83 -4.85 -14.77 -1.73
C SER A 83 -4.07 -13.64 -1.06
N ASN A 84 -2.73 -13.69 -1.10
CA ASN A 84 -1.88 -12.60 -0.61
C ASN A 84 -1.79 -11.42 -1.59
N MET A 85 -2.40 -11.53 -2.78
CA MET A 85 -2.49 -10.46 -3.75
C MET A 85 -3.59 -9.45 -3.37
N ILE A 86 -3.23 -8.16 -3.39
CA ILE A 86 -4.07 -7.03 -2.98
C ILE A 86 -4.38 -6.14 -4.19
N GLU A 87 -5.64 -5.71 -4.32
CA GLU A 87 -6.16 -4.95 -5.47
C GLU A 87 -6.68 -3.56 -5.08
N ARG A 88 -6.90 -2.70 -6.08
CA ARG A 88 -7.32 -1.30 -5.90
C ARG A 88 -8.60 -1.18 -5.09
N SER A 89 -9.58 -2.05 -5.33
CA SER A 89 -10.84 -2.11 -4.55
C SER A 89 -10.63 -2.45 -3.07
N VAL A 90 -9.57 -3.19 -2.73
CA VAL A 90 -9.21 -3.52 -1.33
C VAL A 90 -8.50 -2.34 -0.66
N VAL A 91 -7.55 -1.69 -1.35
CA VAL A 91 -6.84 -0.50 -0.84
C VAL A 91 -7.78 0.70 -0.67
N GLU A 92 -8.75 0.87 -1.58
CA GLU A 92 -9.77 1.93 -1.52
C GLU A 92 -10.63 1.91 -0.24
N ALA A 93 -10.73 0.74 0.40
CA ALA A 93 -11.39 0.54 1.70
C ALA A 93 -10.40 0.54 2.89
N ALA A 94 -9.17 0.03 2.72
CA ALA A 94 -8.13 0.04 3.75
C ALA A 94 -7.63 1.45 4.10
N VAL A 95 -7.56 2.36 3.12
CA VAL A 95 -7.21 3.78 3.33
C VAL A 95 -8.18 4.50 4.27
N GLN A 96 -9.47 4.11 4.27
CA GLN A 96 -10.54 4.70 5.09
C GLN A 96 -10.36 4.40 6.59
N GLU A 97 -9.71 3.27 6.91
CA GLU A 97 -9.41 2.79 8.27
C GLU A 97 -8.03 3.26 8.77
N SER A 98 -7.21 3.84 7.89
CA SER A 98 -5.82 4.23 8.15
C SER A 98 -5.46 5.70 7.84
N SER A 99 -6.45 6.53 7.48
CA SER A 99 -6.30 7.96 7.17
C SER A 99 -7.41 8.82 7.79
N MET A 25 13.40 4.44 -17.26
CA MET A 25 12.52 3.42 -16.69
C MET A 25 11.16 4.03 -16.34
N ALA A 26 10.15 3.19 -16.06
CA ALA A 26 8.83 3.62 -15.60
C ALA A 26 8.90 4.31 -14.21
N PRO A 27 8.10 5.36 -13.95
CA PRO A 27 7.99 6.03 -12.66
C PRO A 27 7.80 5.10 -11.45
N GLU A 28 7.06 4.01 -11.62
CA GLU A 28 6.79 3.00 -10.58
C GLU A 28 8.01 2.12 -10.29
N ARG A 29 8.74 1.68 -11.32
CA ARG A 29 9.99 0.89 -11.17
C ARG A 29 11.12 1.73 -10.55
N LEU A 30 11.09 3.05 -10.75
CA LEU A 30 12.02 4.00 -10.12
C LEU A 30 11.70 4.28 -8.64
N ARG A 31 10.56 3.78 -8.12
CA ARG A 31 10.06 3.98 -6.77
C ARG A 31 9.89 2.65 -6.04
N SER A 32 8.76 1.96 -6.28
CA SER A 32 8.35 0.68 -5.67
C SER A 32 8.53 0.53 -4.14
N ARG A 33 8.62 1.64 -3.39
CA ARG A 33 8.82 1.62 -1.92
C ARG A 33 7.67 0.92 -1.21
N ALA A 34 6.44 1.31 -1.58
CA ALA A 34 5.21 0.72 -1.08
C ALA A 34 5.05 -0.74 -1.48
N LEU A 35 5.33 -1.08 -2.75
CA LEU A 35 5.21 -2.44 -3.25
C LEU A 35 6.18 -3.40 -2.51
N SER A 36 7.42 -2.97 -2.29
CA SER A 36 8.43 -3.70 -1.51
C SER A 36 7.99 -3.91 -0.05
N ALA A 37 7.36 -2.90 0.57
CA ALA A 37 6.79 -3.02 1.92
C ALA A 37 5.63 -4.04 1.98
N PHE A 38 4.76 -4.09 0.96
CA PHE A 38 3.72 -5.12 0.85
C PHE A 38 4.36 -6.52 0.67
N LYS A 39 5.36 -6.65 -0.21
CA LYS A 39 6.11 -7.91 -0.43
C LYS A 39 6.77 -8.48 0.81
N LEU A 40 7.52 -7.67 1.57
CA LEU A 40 8.20 -8.13 2.79
C LEU A 40 7.22 -8.50 3.93
N ARG A 41 5.99 -7.93 3.92
CA ARG A 41 4.90 -8.26 4.85
C ARG A 41 4.11 -9.53 4.41
N GLY A 42 4.33 -10.02 3.20
CA GLY A 42 3.77 -11.28 2.67
C GLY A 42 2.73 -11.12 1.55
N LEU A 43 2.45 -9.90 1.09
CA LEU A 43 1.40 -9.59 0.11
C LEU A 43 1.96 -9.38 -1.31
N LEU A 44 1.06 -9.33 -2.30
CA LEU A 44 1.34 -9.07 -3.72
C LEU A 44 0.40 -7.95 -4.23
N LEU A 45 0.79 -6.71 -3.98
CA LEU A 45 0.06 -5.50 -4.40
C LEU A 45 0.01 -5.39 -5.94
N ARG A 46 -1.20 -5.35 -6.52
CA ARG A 46 -1.44 -5.20 -7.98
C ARG A 46 -0.90 -3.89 -8.55
N GLY A 47 -0.69 -3.86 -9.88
CA GLY A 47 -0.26 -2.67 -10.61
C GLY A 47 -1.29 -1.53 -10.65
N GLU A 48 -2.59 -1.83 -10.51
CA GLU A 48 -3.64 -0.81 -10.38
C GLU A 48 -3.65 -0.21 -8.96
N ALA A 49 -3.30 -1.03 -7.97
CA ALA A 49 -3.30 -0.69 -6.55
C ALA A 49 -2.07 0.13 -6.11
N ILE A 50 -0.87 -0.24 -6.59
CA ILE A 50 0.37 0.53 -6.34
C ILE A 50 0.22 1.98 -6.77
N LYS A 51 -0.38 2.23 -7.96
CA LYS A 51 -0.70 3.55 -8.49
C LYS A 51 -1.67 4.31 -7.58
N TYR A 52 -2.72 3.65 -7.08
CA TYR A 52 -3.71 4.26 -6.19
C TYR A 52 -3.07 4.77 -4.89
N LEU A 53 -2.36 3.92 -4.14
CA LEU A 53 -1.70 4.38 -2.91
C LEU A 53 -0.48 5.29 -3.18
N THR A 54 0.15 5.22 -4.36
CA THR A 54 1.24 6.14 -4.77
C THR A 54 0.69 7.56 -4.90
N GLU A 55 -0.49 7.74 -5.50
CA GLU A 55 -1.17 9.04 -5.57
C GLU A 55 -1.73 9.50 -4.22
N ALA A 56 -2.22 8.59 -3.37
CA ALA A 56 -2.73 8.88 -2.03
C ALA A 56 -1.64 9.32 -1.02
N LEU A 57 -0.36 9.06 -1.33
CA LEU A 57 0.81 9.29 -0.46
C LEU A 57 1.85 10.24 -1.09
N GLN A 58 1.52 10.90 -2.21
CA GLN A 58 2.42 11.82 -2.94
C GLN A 58 2.90 13.04 -2.13
N SER A 59 2.26 13.34 -1.00
CA SER A 59 2.60 14.47 -0.10
C SER A 59 3.00 14.02 1.32
N ILE A 60 3.04 12.71 1.61
CA ILE A 60 3.52 12.15 2.88
C ILE A 60 5.06 12.25 2.96
N SER A 61 5.56 12.46 4.18
CA SER A 61 6.98 12.71 4.46
C SER A 61 7.89 11.51 4.12
N GLU A 62 9.10 11.80 3.64
CA GLU A 62 10.06 10.79 3.15
C GLU A 62 10.46 9.71 4.18
N LEU A 63 10.47 10.06 5.48
CA LEU A 63 10.84 9.17 6.58
C LEU A 63 9.64 8.59 7.34
N GLU A 64 8.42 9.05 7.04
CA GLU A 64 7.16 8.59 7.64
C GLU A 64 6.38 7.64 6.72
N LEU A 65 6.79 7.50 5.45
CA LEU A 65 6.11 6.72 4.42
C LEU A 65 5.91 5.26 4.84
N GLU A 66 6.93 4.64 5.43
CA GLU A 66 6.86 3.25 5.87
C GLU A 66 5.89 3.07 7.05
N ASP A 67 5.97 3.92 8.08
CA ASP A 67 5.08 3.87 9.24
C ASP A 67 3.62 4.19 8.89
N LYS A 68 3.40 5.07 7.90
CA LYS A 68 2.08 5.40 7.34
C LYS A 68 1.49 4.22 6.57
N LEU A 69 2.22 3.70 5.58
CA LEU A 69 1.78 2.59 4.73
C LEU A 69 1.54 1.30 5.53
N GLU A 70 2.25 1.12 6.64
CA GLU A 70 2.08 -0.03 7.52
C GLU A 70 0.66 -0.09 8.14
N LYS A 71 0.00 1.06 8.32
CA LYS A 71 -1.40 1.14 8.79
C LYS A 71 -2.37 0.67 7.72
N ILE A 72 -2.06 0.89 6.44
CA ILE A 72 -2.83 0.38 5.30
C ILE A 72 -2.72 -1.14 5.27
N ILE A 73 -1.51 -1.70 5.35
CA ILE A 73 -1.27 -3.15 5.40
C ILE A 73 -2.03 -3.80 6.58
N ASN A 74 -1.99 -3.18 7.76
CA ASN A 74 -2.74 -3.64 8.94
C ASN A 74 -4.28 -3.57 8.78
N ALA A 75 -4.81 -2.74 7.87
CA ALA A 75 -6.24 -2.68 7.55
C ALA A 75 -6.62 -3.67 6.44
N VAL A 76 -5.72 -3.92 5.48
CA VAL A 76 -5.88 -4.95 4.43
C VAL A 76 -5.99 -6.35 5.06
N GLU A 77 -5.19 -6.61 6.10
CA GLU A 77 -5.20 -7.83 6.92
C GLU A 77 -6.51 -8.05 7.73
N LYS A 78 -7.45 -7.10 7.73
CA LYS A 78 -8.73 -7.15 8.47
C LYS A 78 -9.96 -7.25 7.55
N GLN A 79 -9.77 -7.23 6.23
CA GLN A 79 -10.83 -7.44 5.23
C GLN A 79 -10.98 -8.93 4.89
N PRO A 80 -12.17 -9.38 4.44
CA PRO A 80 -12.37 -10.76 3.99
C PRO A 80 -11.72 -10.99 2.62
N LEU A 81 -10.82 -11.98 2.55
CA LEU A 81 -10.10 -12.39 1.32
C LEU A 81 -9.63 -13.87 1.40
N SER A 82 -9.16 -14.40 0.27
CA SER A 82 -8.73 -15.80 0.10
C SER A 82 -7.41 -15.94 -0.68
N SER A 83 -6.67 -14.83 -0.83
CA SER A 83 -5.37 -14.73 -1.50
C SER A 83 -4.52 -13.61 -0.90
N ASN A 84 -3.19 -13.68 -1.05
CA ASN A 84 -2.27 -12.63 -0.62
C ASN A 84 -2.13 -11.51 -1.68
N MET A 85 -2.79 -11.65 -2.84
CA MET A 85 -2.82 -10.62 -3.88
C MET A 85 -3.84 -9.53 -3.51
N ILE A 86 -3.39 -8.26 -3.57
CA ILE A 86 -4.16 -7.08 -3.12
C ILE A 86 -4.49 -6.16 -4.30
N GLU A 87 -5.76 -6.13 -4.70
CA GLU A 87 -6.29 -5.24 -5.74
C GLU A 87 -6.56 -3.81 -5.23
N ARG A 88 -6.78 -2.88 -6.16
CA ARG A 88 -7.09 -1.46 -5.88
C ARG A 88 -8.31 -1.32 -4.97
N SER A 89 -9.36 -2.09 -5.24
CA SER A 89 -10.62 -2.06 -4.50
C SER A 89 -10.46 -2.42 -3.01
N VAL A 90 -9.45 -3.25 -2.68
CA VAL A 90 -9.07 -3.60 -1.30
C VAL A 90 -8.34 -2.44 -0.62
N VAL A 91 -7.39 -1.80 -1.31
CA VAL A 91 -6.69 -0.61 -0.82
C VAL A 91 -7.63 0.58 -0.63
N GLU A 92 -8.58 0.79 -1.55
CA GLU A 92 -9.61 1.83 -1.49
C GLU A 92 -10.53 1.75 -0.24
N ALA A 93 -10.52 0.62 0.48
CA ALA A 93 -11.22 0.40 1.75
C ALA A 93 -10.24 0.43 2.95
N ALA A 94 -9.01 -0.08 2.78
CA ALA A 94 -7.96 -0.03 3.81
C ALA A 94 -7.47 1.40 4.10
N VAL A 95 -7.39 2.26 3.09
CA VAL A 95 -7.02 3.68 3.23
C VAL A 95 -7.99 4.45 4.14
N GLN A 96 -9.26 4.06 4.16
CA GLN A 96 -10.33 4.68 4.97
C GLN A 96 -10.16 4.42 6.48
N GLU A 97 -9.53 3.29 6.83
CA GLU A 97 -9.27 2.86 8.22
C GLU A 97 -7.89 3.32 8.72
N SER A 98 -7.05 3.86 7.82
CA SER A 98 -5.65 4.22 8.09
C SER A 98 -5.29 5.68 7.74
N SER A 99 -6.28 6.52 7.35
CA SER A 99 -6.14 7.95 7.03
C SER A 99 -7.17 8.82 7.75
N MET A 25 14.01 10.39 -13.57
CA MET A 25 13.16 10.55 -12.37
C MET A 25 11.77 9.90 -12.55
N ALA A 26 11.78 8.65 -13.03
CA ALA A 26 10.62 7.80 -13.18
C ALA A 26 9.87 7.55 -11.86
N PRO A 27 8.54 7.34 -11.88
CA PRO A 27 7.74 7.13 -10.68
C PRO A 27 8.05 5.81 -9.95
N GLU A 28 8.66 4.84 -10.64
CA GLU A 28 9.13 3.56 -10.04
C GLU A 28 10.09 3.79 -8.86
N ARG A 29 10.88 4.89 -8.91
CA ARG A 29 11.79 5.32 -7.84
C ARG A 29 11.11 5.63 -6.50
N LEU A 30 9.82 6.01 -6.52
CA LEU A 30 9.01 6.32 -5.33
C LEU A 30 7.87 5.33 -5.10
N ARG A 31 7.41 4.60 -6.13
CA ARG A 31 6.42 3.52 -6.01
C ARG A 31 7.00 2.27 -5.33
N SER A 32 8.28 1.97 -5.59
CA SER A 32 8.97 0.81 -4.99
C SER A 32 9.04 0.88 -3.46
N ARG A 33 9.00 2.08 -2.87
CA ARG A 33 8.95 2.30 -1.40
C ARG A 33 7.70 1.63 -0.79
N ALA A 34 6.55 1.86 -1.41
CA ALA A 34 5.25 1.30 -1.00
C ALA A 34 5.12 -0.18 -1.38
N LEU A 35 5.50 -0.54 -2.61
CA LEU A 35 5.42 -1.90 -3.13
C LEU A 35 6.26 -2.90 -2.29
N SER A 36 7.50 -2.53 -1.94
CA SER A 36 8.40 -3.39 -1.16
C SER A 36 7.89 -3.64 0.27
N ALA A 37 7.19 -2.67 0.88
CA ALA A 37 6.57 -2.84 2.18
C ALA A 37 5.45 -3.91 2.17
N PHE A 38 4.64 -3.95 1.10
CA PHE A 38 3.64 -5.02 0.93
C PHE A 38 4.35 -6.38 0.75
N LYS A 39 5.40 -6.44 -0.10
CA LYS A 39 6.18 -7.66 -0.35
C LYS A 39 6.85 -8.25 0.89
N LEU A 40 7.54 -7.45 1.70
CA LEU A 40 8.22 -7.93 2.91
C LEU A 40 7.24 -8.40 4.01
N ARG A 41 5.99 -7.89 4.01
CA ARG A 41 4.90 -8.32 4.89
C ARG A 41 4.19 -9.60 4.40
N GLY A 42 4.48 -10.04 3.18
CA GLY A 42 3.99 -11.30 2.58
C GLY A 42 2.97 -11.15 1.46
N LEU A 43 2.60 -9.91 1.09
CA LEU A 43 1.55 -9.61 0.11
C LEU A 43 2.11 -9.38 -1.31
N LEU A 44 1.21 -9.32 -2.30
CA LEU A 44 1.49 -9.01 -3.70
C LEU A 44 0.55 -7.90 -4.18
N LEU A 45 0.97 -6.65 -4.02
CA LEU A 45 0.25 -5.44 -4.45
C LEU A 45 0.14 -5.41 -5.99
N ARG A 46 -1.09 -5.46 -6.52
CA ARG A 46 -1.42 -5.41 -7.96
C ARG A 46 -0.97 -4.10 -8.63
N GLY A 47 -0.84 -4.13 -9.95
CA GLY A 47 -0.55 -2.94 -10.78
C GLY A 47 -1.67 -1.89 -10.76
N GLU A 48 -2.93 -2.31 -10.58
CA GLU A 48 -4.08 -1.40 -10.40
C GLU A 48 -4.11 -0.75 -9.00
N ALA A 49 -3.43 -1.35 -8.02
CA ALA A 49 -3.37 -0.88 -6.64
C ALA A 49 -2.17 0.04 -6.38
N ILE A 50 -0.98 -0.26 -6.94
CA ILE A 50 0.19 0.62 -6.84
C ILE A 50 -0.08 2.02 -7.43
N LYS A 51 -0.83 2.10 -8.55
CA LYS A 51 -1.27 3.36 -9.17
C LYS A 51 -2.34 4.12 -8.38
N TYR A 52 -2.94 3.49 -7.36
CA TYR A 52 -3.88 4.15 -6.44
C TYR A 52 -3.14 4.79 -5.26
N LEU A 53 -2.36 4.00 -4.49
CA LEU A 53 -1.70 4.53 -3.28
C LEU A 53 -0.50 5.46 -3.55
N THR A 54 0.05 5.46 -4.77
CA THR A 54 1.12 6.40 -5.20
C THR A 54 0.71 7.87 -5.09
N GLU A 55 -0.57 8.19 -5.31
CA GLU A 55 -1.13 9.54 -5.19
C GLU A 55 -1.87 9.78 -3.86
N ALA A 56 -2.24 8.73 -3.12
CA ALA A 56 -2.82 8.85 -1.77
C ALA A 56 -1.77 9.20 -0.69
N LEU A 57 -0.48 9.00 -1.02
CA LEU A 57 0.68 9.16 -0.12
C LEU A 57 1.73 10.16 -0.68
N GLN A 58 1.42 10.88 -1.76
CA GLN A 58 2.30 11.92 -2.33
C GLN A 58 2.56 13.10 -1.37
N SER A 59 1.65 13.34 -0.43
CA SER A 59 1.72 14.39 0.60
C SER A 59 2.45 13.95 1.89
N ILE A 60 2.96 12.70 1.94
CA ILE A 60 3.62 12.10 3.11
C ILE A 60 5.14 12.08 2.93
N SER A 61 5.85 12.32 4.04
CA SER A 61 7.30 12.29 4.19
C SER A 61 7.93 10.98 3.71
N GLU A 62 9.01 11.06 2.92
CA GLU A 62 9.71 9.90 2.33
C GLU A 62 10.20 8.85 3.35
N LEU A 63 10.54 9.28 4.56
CA LEU A 63 11.07 8.44 5.65
C LEU A 63 9.99 8.01 6.68
N GLU A 64 8.79 8.58 6.59
CA GLU A 64 7.61 8.21 7.38
C GLU A 64 6.62 7.34 6.58
N LEU A 65 6.86 7.19 5.26
CA LEU A 65 6.02 6.48 4.30
C LEU A 65 5.82 5.02 4.69
N GLU A 66 6.88 4.37 5.19
CA GLU A 66 6.82 2.98 5.66
C GLU A 66 5.95 2.83 6.92
N ASP A 67 6.10 3.74 7.89
CA ASP A 67 5.30 3.75 9.14
C ASP A 67 3.82 4.11 8.86
N LYS A 68 3.56 5.00 7.91
CA LYS A 68 2.22 5.39 7.46
C LYS A 68 1.51 4.23 6.74
N LEU A 69 2.15 3.65 5.72
CA LEU A 69 1.61 2.54 4.92
C LEU A 69 1.40 1.25 5.75
N GLU A 70 2.07 1.14 6.90
CA GLU A 70 1.89 0.03 7.84
C GLU A 70 0.43 -0.03 8.33
N LYS A 71 -0.24 1.13 8.44
CA LYS A 71 -1.64 1.24 8.86
C LYS A 71 -2.60 0.74 7.78
N ILE A 72 -2.22 0.89 6.51
CA ILE A 72 -2.96 0.35 5.35
C ILE A 72 -2.85 -1.17 5.39
N ILE A 73 -1.65 -1.74 5.52
CA ILE A 73 -1.43 -3.19 5.61
C ILE A 73 -2.19 -3.80 6.80
N ASN A 74 -2.21 -3.13 7.97
CA ASN A 74 -3.00 -3.55 9.13
C ASN A 74 -4.53 -3.47 8.89
N ALA A 75 -4.99 -2.65 7.95
CA ALA A 75 -6.41 -2.56 7.57
C ALA A 75 -6.81 -3.59 6.48
N VAL A 76 -5.87 -3.96 5.59
CA VAL A 76 -6.05 -5.03 4.58
C VAL A 76 -6.33 -6.37 5.27
N GLU A 77 -5.64 -6.63 6.38
CA GLU A 77 -5.85 -7.81 7.24
C GLU A 77 -7.26 -7.93 7.86
N LYS A 78 -8.05 -6.83 7.91
CA LYS A 78 -9.43 -6.81 8.43
C LYS A 78 -10.49 -7.16 7.38
N GLN A 79 -10.12 -7.24 6.10
CA GLN A 79 -11.03 -7.47 4.98
C GLN A 79 -11.09 -8.97 4.60
N PRO A 80 -12.22 -9.45 4.05
CA PRO A 80 -12.33 -10.82 3.56
C PRO A 80 -11.57 -11.01 2.24
N LEU A 81 -10.70 -12.04 2.18
CA LEU A 81 -9.90 -12.42 1.01
C LEU A 81 -9.48 -13.90 1.07
N SER A 82 -8.95 -14.43 -0.04
CA SER A 82 -8.61 -15.86 -0.21
C SER A 82 -7.19 -16.08 -0.77
N SER A 83 -6.41 -15.02 -0.96
CA SER A 83 -5.00 -15.04 -1.39
C SER A 83 -4.22 -13.83 -0.85
N ASN A 84 -2.89 -13.83 -1.01
CA ASN A 84 -2.02 -12.72 -0.61
C ASN A 84 -1.95 -11.58 -1.64
N MET A 85 -2.68 -11.69 -2.75
CA MET A 85 -2.72 -10.66 -3.80
C MET A 85 -3.72 -9.55 -3.45
N ILE A 86 -3.28 -8.30 -3.53
CA ILE A 86 -4.03 -7.11 -3.09
C ILE A 86 -4.40 -6.22 -4.29
N GLU A 87 -5.69 -6.19 -4.63
CA GLU A 87 -6.25 -5.33 -5.68
C GLU A 87 -6.55 -3.90 -5.22
N ARG A 88 -6.84 -3.00 -6.17
CA ARG A 88 -7.22 -1.60 -5.91
C ARG A 88 -8.36 -1.50 -4.91
N SER A 89 -9.42 -2.26 -5.14
CA SER A 89 -10.66 -2.22 -4.34
C SER A 89 -10.40 -2.52 -2.85
N VAL A 90 -9.39 -3.33 -2.55
CA VAL A 90 -8.94 -3.65 -1.18
C VAL A 90 -8.18 -2.46 -0.57
N VAL A 91 -7.26 -1.83 -1.30
CA VAL A 91 -6.52 -0.63 -0.85
C VAL A 91 -7.43 0.60 -0.68
N GLU A 92 -8.39 0.78 -1.59
CA GLU A 92 -9.36 1.88 -1.62
C GLU A 92 -10.26 1.94 -0.35
N ALA A 93 -10.36 0.82 0.37
CA ALA A 93 -11.04 0.68 1.66
C ALA A 93 -10.06 0.64 2.86
N ALA A 94 -8.87 0.04 2.70
CA ALA A 94 -7.80 0.02 3.72
C ALA A 94 -7.22 1.43 4.02
N VAL A 95 -7.12 2.30 3.00
CA VAL A 95 -6.66 3.68 3.18
C VAL A 95 -7.55 4.50 4.12
N GLN A 96 -8.86 4.22 4.12
CA GLN A 96 -9.89 4.91 4.93
C GLN A 96 -9.67 4.72 6.44
N GLU A 97 -9.06 3.60 6.84
CA GLU A 97 -8.67 3.27 8.21
C GLU A 97 -7.30 3.89 8.56
N SER A 98 -6.39 3.94 7.58
CA SER A 98 -5.03 4.50 7.74
C SER A 98 -4.98 6.03 7.96
N SER A 99 -6.05 6.74 7.58
CA SER A 99 -6.16 8.20 7.56
C SER A 99 -7.47 8.71 8.19
N MET A 25 12.69 14.00 -6.50
CA MET A 25 11.87 12.78 -6.54
C MET A 25 10.76 12.77 -7.61
N ALA A 26 10.12 11.61 -7.74
CA ALA A 26 8.97 11.32 -8.59
C ALA A 26 8.08 10.24 -7.93
N PRO A 27 6.79 10.12 -8.29
CA PRO A 27 5.93 9.04 -7.78
C PRO A 27 6.45 7.64 -8.15
N GLU A 28 7.23 7.51 -9.22
CA GLU A 28 7.89 6.25 -9.62
C GLU A 28 8.90 5.73 -8.58
N ARG A 29 9.44 6.60 -7.71
CA ARG A 29 10.33 6.23 -6.59
C ARG A 29 9.52 5.83 -5.36
N LEU A 30 8.48 6.62 -5.04
CA LEU A 30 7.54 6.36 -3.94
C LEU A 30 6.78 5.04 -4.15
N ARG A 31 6.50 4.66 -5.40
CA ARG A 31 5.89 3.39 -5.82
C ARG A 31 6.64 2.19 -5.23
N SER A 32 7.92 2.04 -5.54
CA SER A 32 8.74 0.91 -5.04
C SER A 32 8.97 0.98 -3.53
N ARG A 33 9.10 2.19 -2.97
CA ARG A 33 9.21 2.44 -1.51
C ARG A 33 7.99 1.92 -0.75
N ALA A 34 6.79 2.15 -1.29
CA ALA A 34 5.52 1.64 -0.77
C ALA A 34 5.36 0.12 -0.97
N LEU A 35 5.62 -0.39 -2.18
CA LEU A 35 5.54 -1.81 -2.53
C LEU A 35 6.43 -2.68 -1.62
N SER A 36 7.62 -2.21 -1.28
CA SER A 36 8.58 -2.91 -0.42
C SER A 36 8.00 -3.32 0.95
N ALA A 37 7.13 -2.51 1.55
CA ALA A 37 6.46 -2.86 2.81
C ALA A 37 5.42 -3.99 2.64
N PHE A 38 4.58 -3.92 1.58
CA PHE A 38 3.64 -5.01 1.23
C PHE A 38 4.41 -6.32 0.95
N LYS A 39 5.51 -6.22 0.20
CA LYS A 39 6.44 -7.31 -0.12
C LYS A 39 7.05 -7.96 1.13
N LEU A 40 7.50 -7.16 2.11
CA LEU A 40 8.01 -7.65 3.40
C LEU A 40 6.95 -8.43 4.22
N ARG A 41 5.68 -8.00 4.18
CA ARG A 41 4.56 -8.71 4.82
C ARG A 41 4.07 -9.96 4.04
N GLY A 42 4.51 -10.13 2.78
CA GLY A 42 4.25 -11.30 1.94
C GLY A 42 3.18 -11.11 0.86
N LEU A 43 2.73 -9.86 0.63
CA LEU A 43 1.70 -9.52 -0.36
C LEU A 43 2.29 -9.27 -1.76
N LEU A 44 1.42 -9.34 -2.77
CA LEU A 44 1.69 -9.16 -4.19
C LEU A 44 0.73 -8.09 -4.78
N LEU A 45 0.79 -6.89 -4.18
CA LEU A 45 -0.03 -5.72 -4.50
C LEU A 45 -0.06 -5.41 -6.02
N ARG A 46 -1.26 -5.48 -6.62
CA ARG A 46 -1.53 -5.24 -8.06
C ARG A 46 -1.14 -3.84 -8.51
N GLY A 47 -0.89 -3.65 -9.81
CA GLY A 47 -0.57 -2.34 -10.41
C GLY A 47 -1.66 -1.28 -10.20
N GLU A 48 -2.93 -1.66 -10.38
CA GLU A 48 -4.11 -0.81 -10.12
C GLU A 48 -4.24 -0.33 -8.67
N ALA A 49 -3.67 -1.11 -7.73
CA ALA A 49 -3.71 -0.85 -6.30
C ALA A 49 -2.47 -0.08 -5.82
N ILE A 50 -1.29 -0.40 -6.37
CA ILE A 50 -0.04 0.30 -6.06
C ILE A 50 -0.14 1.76 -6.50
N LYS A 51 -0.68 2.05 -7.69
CA LYS A 51 -0.86 3.42 -8.19
C LYS A 51 -1.87 4.24 -7.35
N TYR A 52 -2.92 3.58 -6.84
CA TYR A 52 -3.92 4.21 -5.98
C TYR A 52 -3.27 4.78 -4.70
N LEU A 53 -2.51 3.97 -3.95
CA LEU A 53 -1.83 4.45 -2.75
C LEU A 53 -0.57 5.30 -3.06
N THR A 54 0.06 5.12 -4.23
CA THR A 54 1.19 5.95 -4.69
C THR A 54 0.75 7.41 -4.89
N GLU A 55 -0.42 7.65 -5.47
CA GLU A 55 -1.00 9.00 -5.61
C GLU A 55 -1.54 9.54 -4.28
N ALA A 56 -2.16 8.70 -3.44
CA ALA A 56 -2.67 9.09 -2.12
C ALA A 56 -1.57 9.49 -1.09
N LEU A 57 -0.32 9.08 -1.35
CA LEU A 57 0.85 9.28 -0.47
C LEU A 57 1.98 10.06 -1.17
N GLN A 58 1.69 10.69 -2.33
CA GLN A 58 2.66 11.44 -3.14
C GLN A 58 3.28 12.66 -2.40
N SER A 59 2.62 13.15 -1.35
CA SER A 59 3.07 14.26 -0.49
C SER A 59 3.58 13.84 0.90
N ILE A 60 3.48 12.54 1.26
CA ILE A 60 4.02 11.98 2.50
C ILE A 60 5.56 11.88 2.43
N SER A 61 6.22 12.17 3.56
CA SER A 61 7.68 12.12 3.73
C SER A 61 8.24 10.70 3.50
N GLU A 62 9.32 10.57 2.71
CA GLU A 62 9.87 9.26 2.32
C GLU A 62 10.28 8.32 3.47
N LEU A 63 10.77 8.87 4.59
CA LEU A 63 11.15 8.12 5.78
C LEU A 63 9.98 7.86 6.75
N GLU A 64 8.87 8.57 6.57
CA GLU A 64 7.61 8.40 7.32
C GLU A 64 6.62 7.50 6.57
N LEU A 65 6.82 7.30 5.26
CA LEU A 65 6.00 6.49 4.36
C LEU A 65 5.87 5.05 4.86
N GLU A 66 6.95 4.47 5.38
CA GLU A 66 6.95 3.09 5.89
C GLU A 66 6.03 2.94 7.11
N ASP A 67 6.07 3.88 8.07
CA ASP A 67 5.20 3.89 9.26
C ASP A 67 3.73 4.25 8.92
N LYS A 68 3.54 5.18 7.98
CA LYS A 68 2.21 5.57 7.46
C LYS A 68 1.52 4.40 6.77
N LEU A 69 2.16 3.82 5.75
CA LEU A 69 1.61 2.75 4.92
C LEU A 69 1.44 1.42 5.68
N GLU A 70 2.16 1.23 6.78
CA GLU A 70 1.97 0.06 7.64
C GLU A 70 0.53 0.01 8.20
N LYS A 71 -0.11 1.18 8.40
CA LYS A 71 -1.52 1.28 8.83
C LYS A 71 -2.47 0.78 7.73
N ILE A 72 -2.14 1.03 6.47
CA ILE A 72 -2.89 0.54 5.30
C ILE A 72 -2.77 -0.99 5.25
N ILE A 73 -1.57 -1.56 5.40
CA ILE A 73 -1.37 -3.02 5.37
C ILE A 73 -2.19 -3.69 6.48
N ASN A 74 -2.20 -3.16 7.70
CA ASN A 74 -3.03 -3.67 8.80
C ASN A 74 -4.56 -3.48 8.56
N ALA A 75 -4.97 -2.55 7.67
CA ALA A 75 -6.36 -2.35 7.25
C ALA A 75 -6.76 -3.22 6.05
N VAL A 76 -5.78 -3.76 5.30
CA VAL A 76 -5.97 -4.74 4.23
C VAL A 76 -6.11 -6.13 4.87
N GLU A 77 -5.32 -6.42 5.90
CA GLU A 77 -5.30 -7.72 6.60
C GLU A 77 -6.62 -8.05 7.33
N LYS A 78 -7.39 -7.05 7.77
CA LYS A 78 -8.69 -7.25 8.46
C LYS A 78 -9.87 -7.57 7.52
N GLN A 79 -9.70 -7.38 6.20
CA GLN A 79 -10.75 -7.58 5.20
C GLN A 79 -10.82 -9.06 4.77
N PRO A 80 -11.99 -9.57 4.35
CA PRO A 80 -12.13 -10.95 3.89
C PRO A 80 -11.48 -11.16 2.52
N LEU A 81 -10.52 -12.10 2.45
CA LEU A 81 -9.77 -12.47 1.25
C LEU A 81 -9.29 -13.94 1.31
N SER A 82 -8.78 -14.45 0.19
CA SER A 82 -8.37 -15.85 0.01
C SER A 82 -7.05 -16.02 -0.77
N SER A 83 -6.34 -14.92 -1.05
CA SER A 83 -5.01 -14.89 -1.70
C SER A 83 -4.26 -13.59 -1.36
N ASN A 84 -2.93 -13.59 -1.54
CA ASN A 84 -2.04 -12.49 -1.18
C ASN A 84 -1.92 -11.40 -2.26
N MET A 85 -2.67 -11.51 -3.36
CA MET A 85 -2.68 -10.57 -4.48
C MET A 85 -3.70 -9.45 -4.27
N ILE A 86 -3.28 -8.46 -3.48
CA ILE A 86 -4.13 -7.31 -3.07
C ILE A 86 -4.50 -6.44 -4.27
N GLU A 87 -5.76 -5.96 -4.30
CA GLU A 87 -6.34 -5.21 -5.42
C GLU A 87 -6.82 -3.80 -5.00
N ARG A 88 -7.09 -2.93 -5.99
CA ARG A 88 -7.50 -1.54 -5.76
C ARG A 88 -8.70 -1.47 -4.84
N SER A 89 -9.72 -2.28 -5.11
CA SER A 89 -10.98 -2.31 -4.36
C SER A 89 -10.79 -2.64 -2.87
N VAL A 90 -9.71 -3.35 -2.52
CA VAL A 90 -9.32 -3.66 -1.14
C VAL A 90 -8.57 -2.48 -0.50
N VAL A 91 -7.62 -1.85 -1.22
CA VAL A 91 -6.89 -0.66 -0.75
C VAL A 91 -7.79 0.58 -0.60
N GLU A 92 -8.75 0.76 -1.52
CA GLU A 92 -9.74 1.85 -1.54
C GLU A 92 -10.66 1.84 -0.29
N ALA A 93 -10.73 0.70 0.41
CA ALA A 93 -11.43 0.52 1.68
C ALA A 93 -10.45 0.50 2.88
N ALA A 94 -9.20 0.04 2.70
CA ALA A 94 -8.15 0.08 3.72
C ALA A 94 -7.71 1.51 4.08
N VAL A 95 -7.64 2.41 3.09
CA VAL A 95 -7.30 3.84 3.31
C VAL A 95 -8.30 4.56 4.22
N GLN A 96 -9.57 4.12 4.22
CA GLN A 96 -10.66 4.68 5.04
C GLN A 96 -10.52 4.31 6.53
N GLU A 97 -9.76 3.26 6.86
CA GLU A 97 -9.45 2.78 8.21
C GLU A 97 -8.07 3.23 8.70
N SER A 98 -7.25 3.82 7.82
CA SER A 98 -5.85 4.19 8.08
C SER A 98 -5.47 5.64 7.74
N SER A 99 -6.45 6.49 7.40
CA SER A 99 -6.30 7.94 7.12
C SER A 99 -7.42 8.78 7.73
N MET A 25 20.83 -4.40 -6.28
CA MET A 25 20.22 -3.07 -6.22
C MET A 25 20.28 -2.35 -7.58
N ALA A 26 19.25 -1.56 -7.87
CA ALA A 26 19.06 -0.79 -9.11
C ALA A 26 18.05 0.35 -8.87
N PRO A 27 18.01 1.41 -9.72
CA PRO A 27 17.05 2.51 -9.62
C PRO A 27 15.59 2.09 -9.42
N GLU A 28 15.11 1.09 -10.16
CA GLU A 28 13.74 0.60 -10.05
C GLU A 28 13.42 -0.02 -8.68
N ARG A 29 14.38 -0.78 -8.11
CA ARG A 29 14.25 -1.36 -6.76
C ARG A 29 14.32 -0.30 -5.66
N LEU A 30 15.17 0.72 -5.85
CA LEU A 30 15.30 1.88 -4.96
C LEU A 30 14.06 2.80 -4.98
N ARG A 31 13.25 2.76 -6.05
CA ARG A 31 11.98 3.51 -6.21
C ARG A 31 10.74 2.71 -5.80
N SER A 32 10.81 1.37 -5.78
CA SER A 32 9.73 0.43 -5.40
C SER A 32 9.47 0.35 -3.88
N ARG A 33 9.63 1.45 -3.14
CA ARG A 33 9.53 1.51 -1.66
C ARG A 33 8.18 1.03 -1.14
N ALA A 34 7.08 1.49 -1.74
CA ALA A 34 5.73 1.12 -1.30
C ALA A 34 5.38 -0.36 -1.60
N LEU A 35 5.79 -0.88 -2.75
CA LEU A 35 5.62 -2.31 -3.07
C LEU A 35 6.44 -3.18 -2.10
N SER A 36 7.66 -2.76 -1.76
CA SER A 36 8.56 -3.50 -0.87
C SER A 36 7.98 -3.68 0.53
N ALA A 37 7.24 -2.71 1.07
CA ALA A 37 6.56 -2.85 2.36
C ALA A 37 5.46 -3.93 2.34
N PHE A 38 4.61 -3.93 1.30
CA PHE A 38 3.59 -4.97 1.07
C PHE A 38 4.25 -6.36 0.89
N LYS A 39 5.33 -6.42 0.12
CA LYS A 39 6.17 -7.61 -0.12
C LYS A 39 6.76 -8.20 1.17
N LEU A 40 7.30 -7.35 2.06
CA LEU A 40 7.83 -7.76 3.38
C LEU A 40 6.76 -8.38 4.29
N ARG A 41 5.50 -7.94 4.18
CA ARG A 41 4.35 -8.52 4.91
C ARG A 41 3.76 -9.78 4.23
N GLY A 42 4.19 -10.09 3.01
CA GLY A 42 3.83 -11.30 2.26
C GLY A 42 2.83 -11.11 1.11
N LEU A 43 2.43 -9.86 0.82
CA LEU A 43 1.40 -9.53 -0.17
C LEU A 43 1.96 -9.35 -1.59
N LEU A 44 1.05 -9.37 -2.57
CA LEU A 44 1.26 -9.16 -4.01
C LEU A 44 0.30 -8.07 -4.52
N LEU A 45 0.64 -6.81 -4.24
CA LEU A 45 -0.14 -5.63 -4.62
C LEU A 45 -0.24 -5.48 -6.16
N ARG A 46 -1.47 -5.39 -6.68
CA ARG A 46 -1.76 -5.20 -8.13
C ARG A 46 -1.27 -3.85 -8.67
N GLY A 47 -1.09 -3.75 -9.98
CA GLY A 47 -0.63 -2.53 -10.67
C GLY A 47 -1.63 -1.36 -10.65
N GLU A 48 -2.93 -1.63 -10.50
CA GLU A 48 -3.95 -0.58 -10.31
C GLU A 48 -3.99 -0.11 -8.84
N ALA A 49 -3.70 -1.02 -7.91
CA ALA A 49 -3.71 -0.77 -6.47
C ALA A 49 -2.48 0.03 -6.02
N ILE A 50 -1.29 -0.26 -6.56
CA ILE A 50 -0.06 0.52 -6.30
C ILE A 50 -0.26 1.97 -6.77
N LYS A 51 -0.83 2.17 -7.96
CA LYS A 51 -1.15 3.49 -8.54
C LYS A 51 -2.13 4.29 -7.67
N TYR A 52 -3.14 3.61 -7.12
CA TYR A 52 -4.11 4.21 -6.20
C TYR A 52 -3.44 4.78 -4.95
N LEU A 53 -2.65 3.97 -4.22
CA LEU A 53 -1.98 4.44 -2.99
C LEU A 53 -0.76 5.34 -3.28
N THR A 54 -0.17 5.26 -4.48
CA THR A 54 0.94 6.13 -4.92
C THR A 54 0.51 7.61 -4.90
N GLU A 55 -0.74 7.91 -5.26
CA GLU A 55 -1.32 9.27 -5.17
C GLU A 55 -1.66 9.69 -3.72
N ALA A 56 -1.97 8.73 -2.84
CA ALA A 56 -2.25 8.98 -1.41
C ALA A 56 -0.96 9.26 -0.60
N LEU A 57 0.13 8.55 -0.91
CA LEU A 57 1.47 8.76 -0.31
C LEU A 57 2.25 9.92 -0.95
N GLN A 58 1.75 10.53 -2.03
CA GLN A 58 2.43 11.59 -2.80
C GLN A 58 2.82 12.84 -1.98
N SER A 59 2.08 13.14 -0.91
CA SER A 59 2.29 14.31 -0.03
C SER A 59 2.81 13.93 1.38
N ILE A 60 3.00 12.64 1.66
CA ILE A 60 3.54 12.14 2.94
C ILE A 60 5.07 12.30 3.00
N SER A 61 5.56 12.62 4.20
CA SER A 61 6.97 12.72 4.56
C SER A 61 7.76 11.44 4.21
N GLU A 62 8.88 11.57 3.50
CA GLU A 62 9.66 10.41 3.02
C GLU A 62 10.22 9.52 4.14
N LEU A 63 10.58 10.12 5.30
CA LEU A 63 11.03 9.40 6.50
C LEU A 63 9.88 8.79 7.34
N GLU A 64 8.63 9.02 6.95
CA GLU A 64 7.40 8.52 7.59
C GLU A 64 6.60 7.57 6.66
N LEU A 65 7.06 7.34 5.43
CA LEU A 65 6.44 6.47 4.42
C LEU A 65 6.20 5.06 4.98
N GLU A 66 7.20 4.48 5.63
CA GLU A 66 7.14 3.11 6.16
C GLU A 66 6.10 2.98 7.29
N ASP A 67 6.04 3.93 8.23
CA ASP A 67 5.08 3.94 9.32
C ASP A 67 3.64 4.26 8.86
N LYS A 68 3.48 5.12 7.85
CA LYS A 68 2.18 5.46 7.25
C LYS A 68 1.58 4.30 6.45
N LEU A 69 2.36 3.72 5.54
CA LEU A 69 1.94 2.61 4.67
C LEU A 69 1.60 1.35 5.48
N GLU A 70 2.16 1.21 6.69
CA GLU A 70 1.85 0.13 7.62
C GLU A 70 0.37 0.14 8.02
N LYS A 71 -0.23 1.34 8.16
CA LYS A 71 -1.63 1.54 8.56
C LYS A 71 -2.60 1.05 7.49
N ILE A 72 -2.20 1.16 6.21
CA ILE A 72 -2.95 0.63 5.07
C ILE A 72 -2.84 -0.90 5.10
N ILE A 73 -1.62 -1.46 5.18
CA ILE A 73 -1.39 -2.92 5.18
C ILE A 73 -2.14 -3.60 6.35
N ASN A 74 -2.13 -3.01 7.54
CA ASN A 74 -2.89 -3.50 8.70
C ASN A 74 -4.42 -3.51 8.48
N ALA A 75 -4.94 -2.66 7.60
CA ALA A 75 -6.36 -2.63 7.21
C ALA A 75 -6.69 -3.53 6.00
N VAL A 76 -5.68 -3.87 5.19
CA VAL A 76 -5.79 -4.86 4.10
C VAL A 76 -5.82 -6.27 4.71
N GLU A 77 -4.99 -6.51 5.72
CA GLU A 77 -4.79 -7.81 6.39
C GLU A 77 -6.01 -8.33 7.18
N LYS A 78 -7.04 -7.50 7.40
CA LYS A 78 -8.28 -7.85 8.14
C LYS A 78 -9.53 -7.98 7.25
N GLN A 79 -9.41 -7.77 5.94
CA GLN A 79 -10.50 -7.95 4.96
C GLN A 79 -10.59 -9.42 4.50
N PRO A 80 -11.80 -9.94 4.22
CA PRO A 80 -11.99 -11.32 3.75
C PRO A 80 -11.67 -11.44 2.24
N LEU A 81 -10.51 -12.03 1.91
CA LEU A 81 -10.04 -12.23 0.53
C LEU A 81 -9.37 -13.59 0.23
N SER A 82 -9.18 -14.45 1.25
CA SER A 82 -8.65 -15.83 1.15
C SER A 82 -7.33 -16.01 0.36
N SER A 83 -6.61 -14.93 0.09
CA SER A 83 -5.39 -14.89 -0.74
C SER A 83 -4.35 -13.88 -0.20
N ASN A 84 -3.30 -13.59 -0.97
CA ASN A 84 -2.28 -12.57 -0.69
C ASN A 84 -2.15 -11.54 -1.83
N MET A 85 -2.90 -11.70 -2.92
CA MET A 85 -2.96 -10.72 -4.01
C MET A 85 -3.96 -9.62 -3.65
N ILE A 86 -3.53 -8.36 -3.73
CA ILE A 86 -4.30 -7.19 -3.27
C ILE A 86 -4.71 -6.28 -4.44
N GLU A 87 -6.01 -6.29 -4.76
CA GLU A 87 -6.62 -5.43 -5.78
C GLU A 87 -6.91 -4.01 -5.28
N ARG A 88 -7.17 -3.07 -6.20
CA ARG A 88 -7.50 -1.67 -5.86
C ARG A 88 -8.68 -1.55 -4.92
N SER A 89 -9.77 -2.31 -5.14
CA SER A 89 -10.98 -2.26 -4.29
C SER A 89 -10.67 -2.54 -2.81
N VAL A 90 -9.72 -3.43 -2.53
CA VAL A 90 -9.25 -3.75 -1.17
C VAL A 90 -8.50 -2.56 -0.54
N VAL A 91 -7.63 -1.89 -1.30
CA VAL A 91 -6.89 -0.69 -0.86
C VAL A 91 -7.81 0.53 -0.71
N GLU A 92 -8.79 0.71 -1.60
CA GLU A 92 -9.78 1.80 -1.60
C GLU A 92 -10.63 1.84 -0.31
N ALA A 93 -10.73 0.69 0.39
CA ALA A 93 -11.38 0.55 1.70
C ALA A 93 -10.35 0.52 2.87
N ALA A 94 -9.14 -0.03 2.66
CA ALA A 94 -8.06 -0.02 3.66
C ALA A 94 -7.52 1.38 3.97
N VAL A 95 -7.42 2.25 2.95
CA VAL A 95 -6.95 3.64 3.12
C VAL A 95 -7.82 4.45 4.09
N GLN A 96 -9.12 4.13 4.17
CA GLN A 96 -10.12 4.77 5.02
C GLN A 96 -9.82 4.59 6.53
N GLU A 97 -9.06 3.55 6.89
CA GLU A 97 -8.60 3.29 8.27
C GLU A 97 -7.24 3.95 8.55
N SER A 98 -6.40 4.09 7.51
CA SER A 98 -5.07 4.73 7.58
C SER A 98 -5.08 6.26 7.69
N SER A 99 -6.20 6.89 7.32
CA SER A 99 -6.37 8.35 7.21
C SER A 99 -7.69 8.86 7.80
N MET A 25 13.63 4.94 -18.30
CA MET A 25 12.30 4.43 -17.91
C MET A 25 11.71 5.29 -16.77
N ALA A 26 10.40 5.53 -16.80
CA ALA A 26 9.67 6.32 -15.81
C ALA A 26 9.94 5.84 -14.35
N PRO A 27 10.29 6.74 -13.40
CA PRO A 27 10.55 6.41 -12.00
C PRO A 27 9.49 5.53 -11.32
N GLU A 28 8.20 5.73 -11.63
CA GLU A 28 7.08 4.96 -11.07
C GLU A 28 7.16 3.45 -11.35
N ARG A 29 7.91 3.03 -12.39
CA ARG A 29 8.12 1.63 -12.78
C ARG A 29 9.32 0.96 -12.07
N LEU A 30 10.13 1.73 -11.34
CA LEU A 30 11.37 1.26 -10.69
C LEU A 30 11.58 1.71 -9.22
N ARG A 31 10.78 2.66 -8.71
CA ARG A 31 10.86 3.18 -7.33
C ARG A 31 10.44 2.12 -6.30
N SER A 32 9.27 1.51 -6.51
CA SER A 32 8.66 0.38 -5.76
C SER A 32 8.76 0.39 -4.21
N ARG A 33 8.89 1.55 -3.56
CA ARG A 33 9.10 1.67 -2.10
C ARG A 33 7.92 1.10 -1.30
N ALA A 34 6.70 1.46 -1.68
CA ALA A 34 5.48 0.98 -1.02
C ALA A 34 5.16 -0.49 -1.38
N LEU A 35 5.41 -0.89 -2.64
CA LEU A 35 5.24 -2.27 -3.08
C LEU A 35 6.15 -3.24 -2.30
N SER A 36 7.39 -2.82 -2.03
CA SER A 36 8.38 -3.61 -1.27
C SER A 36 7.94 -3.90 0.18
N ALA A 37 7.20 -2.98 0.82
CA ALA A 37 6.64 -3.19 2.16
C ALA A 37 5.51 -4.26 2.16
N PHE A 38 4.64 -4.24 1.15
CA PHE A 38 3.61 -5.26 0.95
C PHE A 38 4.26 -6.63 0.60
N LYS A 39 5.27 -6.62 -0.27
CA LYS A 39 6.08 -7.78 -0.68
C LYS A 39 6.70 -8.53 0.49
N LEU A 40 7.40 -7.83 1.39
CA LEU A 40 8.03 -8.44 2.57
C LEU A 40 7.02 -8.98 3.62
N ARG A 41 5.79 -8.43 3.66
CA ARG A 41 4.70 -8.91 4.50
C ARG A 41 4.15 -10.27 4.05
N GLY A 42 4.27 -10.58 2.76
CA GLY A 42 3.77 -11.80 2.10
C GLY A 42 2.71 -11.52 1.01
N LEU A 43 2.31 -10.26 0.83
CA LEU A 43 1.28 -9.82 -0.12
C LEU A 43 1.87 -9.48 -1.51
N LEU A 44 0.99 -9.39 -2.50
CA LEU A 44 1.29 -9.08 -3.91
C LEU A 44 0.37 -7.96 -4.41
N LEU A 45 0.75 -6.72 -4.07
CA LEU A 45 0.08 -5.48 -4.45
C LEU A 45 0.09 -5.29 -5.99
N ARG A 46 -1.11 -5.20 -6.58
CA ARG A 46 -1.31 -5.10 -8.04
C ARG A 46 -0.91 -3.72 -8.61
N GLY A 47 -0.76 -3.63 -9.92
CA GLY A 47 -0.29 -2.42 -10.62
C GLY A 47 -1.25 -1.21 -10.56
N GLU A 48 -2.56 -1.43 -10.37
CA GLU A 48 -3.51 -0.32 -10.14
C GLU A 48 -3.55 0.04 -8.64
N ALA A 49 -3.31 -0.93 -7.77
CA ALA A 49 -3.29 -0.77 -6.32
C ALA A 49 -2.08 0.06 -5.85
N ILE A 50 -0.89 -0.22 -6.40
CA ILE A 50 0.34 0.55 -6.14
C ILE A 50 0.13 2.02 -6.52
N LYS A 51 -0.44 2.29 -7.70
CA LYS A 51 -0.79 3.64 -8.18
C LYS A 51 -1.80 4.33 -7.27
N TYR A 52 -2.84 3.62 -6.81
CA TYR A 52 -3.87 4.15 -5.92
C TYR A 52 -3.26 4.70 -4.62
N LEU A 53 -2.46 3.89 -3.90
CA LEU A 53 -1.80 4.36 -2.68
C LEU A 53 -0.64 5.33 -2.95
N THR A 54 0.03 5.24 -4.10
CA THR A 54 1.08 6.20 -4.52
C THR A 54 0.49 7.62 -4.67
N GLU A 55 -0.71 7.74 -5.22
CA GLU A 55 -1.44 9.02 -5.30
C GLU A 55 -1.97 9.48 -3.94
N ALA A 56 -2.38 8.58 -3.05
CA ALA A 56 -2.82 8.90 -1.69
C ALA A 56 -1.67 9.40 -0.78
N LEU A 57 -0.44 8.92 -1.03
CA LEU A 57 0.78 9.23 -0.26
C LEU A 57 1.71 10.23 -0.99
N GLN A 58 1.25 10.87 -2.07
CA GLN A 58 2.07 11.76 -2.93
C GLN A 58 2.74 12.96 -2.21
N SER A 59 2.26 13.34 -1.03
CA SER A 59 2.79 14.45 -0.20
C SER A 59 3.22 14.02 1.21
N ILE A 60 3.21 12.71 1.51
CA ILE A 60 3.70 12.16 2.79
C ILE A 60 5.23 12.28 2.89
N SER A 61 5.70 12.56 4.10
CA SER A 61 7.11 12.66 4.48
C SER A 61 7.93 11.43 4.10
N GLU A 62 9.10 11.61 3.49
CA GLU A 62 10.00 10.52 3.08
C GLU A 62 10.45 9.58 4.21
N LEU A 63 10.53 10.11 5.44
CA LEU A 63 10.95 9.40 6.65
C LEU A 63 9.77 8.87 7.50
N GLU A 64 8.54 9.05 7.01
CA GLU A 64 7.28 8.57 7.62
C GLU A 64 6.50 7.62 6.68
N LEU A 65 7.03 7.34 5.48
CA LEU A 65 6.39 6.51 4.46
C LEU A 65 6.06 5.11 4.99
N GLU A 66 7.00 4.49 5.72
CA GLU A 66 6.81 3.16 6.31
C GLU A 66 5.75 3.17 7.43
N ASP A 67 5.80 4.16 8.33
CA ASP A 67 4.83 4.30 9.45
C ASP A 67 3.41 4.59 8.96
N LYS A 68 3.28 5.34 7.85
CA LYS A 68 1.99 5.63 7.18
C LYS A 68 1.42 4.39 6.50
N LEU A 69 2.22 3.75 5.65
CA LEU A 69 1.85 2.57 4.87
C LEU A 69 1.49 1.36 5.76
N GLU A 70 2.04 1.31 6.97
CA GLU A 70 1.75 0.28 7.98
C GLU A 70 0.25 0.27 8.33
N LYS A 71 -0.41 1.43 8.34
CA LYS A 71 -1.83 1.56 8.67
C LYS A 71 -2.72 0.97 7.56
N ILE A 72 -2.28 1.07 6.31
CA ILE A 72 -2.93 0.46 5.14
C ILE A 72 -2.78 -1.06 5.24
N ILE A 73 -1.56 -1.58 5.41
CA ILE A 73 -1.30 -3.03 5.49
C ILE A 73 -2.12 -3.69 6.61
N ASN A 74 -2.16 -3.10 7.81
CA ASN A 74 -3.01 -3.63 8.91
C ASN A 74 -4.51 -3.61 8.60
N ALA A 75 -5.00 -2.68 7.77
CA ALA A 75 -6.40 -2.65 7.36
C ALA A 75 -6.69 -3.71 6.26
N VAL A 76 -5.71 -3.98 5.38
CA VAL A 76 -5.79 -5.05 4.36
C VAL A 76 -5.80 -6.43 5.05
N GLU A 77 -4.98 -6.62 6.09
CA GLU A 77 -4.90 -7.86 6.87
C GLU A 77 -6.23 -8.27 7.56
N LYS A 78 -7.16 -7.34 7.79
CA LYS A 78 -8.47 -7.58 8.42
C LYS A 78 -9.60 -7.89 7.42
N GLN A 79 -9.40 -7.67 6.11
CA GLN A 79 -10.40 -7.98 5.09
C GLN A 79 -10.45 -9.49 4.80
N PRO A 80 -11.61 -10.06 4.39
CA PRO A 80 -11.78 -11.51 4.21
C PRO A 80 -11.41 -12.05 2.81
N LEU A 81 -10.48 -11.35 2.17
CA LEU A 81 -9.91 -11.60 0.84
C LEU A 81 -9.43 -13.04 0.56
N SER A 82 -9.18 -13.86 1.59
CA SER A 82 -8.83 -15.30 1.53
C SER A 82 -7.66 -15.67 0.58
N SER A 83 -6.86 -14.69 0.18
CA SER A 83 -5.72 -14.82 -0.75
C SER A 83 -4.55 -13.91 -0.30
N ASN A 84 -3.59 -13.62 -1.18
CA ASN A 84 -2.48 -12.68 -0.93
C ASN A 84 -2.33 -11.63 -2.05
N MET A 85 -3.22 -11.62 -3.05
CA MET A 85 -3.25 -10.60 -4.12
C MET A 85 -4.04 -9.38 -3.64
N ILE A 86 -3.44 -8.18 -3.70
CA ILE A 86 -4.04 -6.94 -3.18
C ILE A 86 -4.34 -5.99 -4.35
N GLU A 87 -5.57 -6.09 -4.87
CA GLU A 87 -6.10 -5.20 -5.92
C GLU A 87 -6.44 -3.79 -5.39
N ARG A 88 -6.69 -2.85 -6.32
CA ARG A 88 -7.13 -1.48 -5.99
C ARG A 88 -8.31 -1.49 -5.02
N SER A 89 -9.34 -2.29 -5.33
CA SER A 89 -10.59 -2.35 -4.56
C SER A 89 -10.37 -2.70 -3.08
N VAL A 90 -9.32 -3.47 -2.78
CA VAL A 90 -8.89 -3.83 -1.41
C VAL A 90 -8.22 -2.64 -0.71
N VAL A 91 -7.33 -1.93 -1.41
CA VAL A 91 -6.66 -0.70 -0.91
C VAL A 91 -7.66 0.46 -0.73
N GLU A 92 -8.63 0.59 -1.64
CA GLU A 92 -9.69 1.62 -1.64
C GLU A 92 -10.58 1.57 -0.37
N ALA A 93 -10.59 0.42 0.32
CA ALA A 93 -11.26 0.18 1.60
C ALA A 93 -10.27 0.23 2.80
N ALA A 94 -8.99 -0.09 2.60
CA ALA A 94 -7.94 0.01 3.62
C ALA A 94 -7.53 1.46 3.92
N VAL A 95 -7.50 2.33 2.91
CA VAL A 95 -7.21 3.78 3.05
C VAL A 95 -8.20 4.50 3.97
N GLN A 96 -9.42 3.97 4.09
CA GLN A 96 -10.48 4.46 4.98
C GLN A 96 -10.13 4.34 6.49
N GLU A 97 -9.08 3.58 6.82
CA GLU A 97 -8.54 3.44 8.18
C GLU A 97 -7.14 4.05 8.35
N SER A 98 -6.36 4.19 7.27
CA SER A 98 -5.05 4.86 7.30
C SER A 98 -5.09 6.39 7.27
N SER A 99 -6.24 6.97 6.89
CA SER A 99 -6.43 8.41 6.66
C SER A 99 -7.73 8.95 7.26
N MET A 25 19.80 6.40 -1.99
CA MET A 25 18.69 5.86 -2.78
C MET A 25 18.76 6.30 -4.25
N ALA A 26 17.92 5.67 -5.08
CA ALA A 26 17.82 5.89 -6.52
C ALA A 26 16.33 5.82 -6.98
N PRO A 27 15.97 6.38 -8.16
CA PRO A 27 14.59 6.46 -8.65
C PRO A 27 13.78 5.15 -8.62
N GLU A 28 14.40 4.01 -8.95
CA GLU A 28 13.72 2.70 -8.92
C GLU A 28 13.45 2.21 -7.48
N ARG A 29 14.39 2.46 -6.56
CA ARG A 29 14.28 2.05 -5.15
C ARG A 29 13.26 2.87 -4.38
N LEU A 30 13.25 4.19 -4.56
CA LEU A 30 12.26 5.08 -3.92
C LEU A 30 10.83 4.88 -4.47
N ARG A 31 10.70 4.44 -5.73
CA ARG A 31 9.41 4.06 -6.36
C ARG A 31 8.91 2.70 -5.82
N SER A 32 9.83 1.75 -5.63
CA SER A 32 9.57 0.41 -5.08
C SER A 32 9.33 0.39 -3.55
N ARG A 33 9.57 1.50 -2.84
CA ARG A 33 9.50 1.61 -1.37
C ARG A 33 8.15 1.19 -0.76
N ALA A 34 7.05 1.43 -1.49
CA ALA A 34 5.71 1.00 -1.11
C ALA A 34 5.47 -0.50 -1.38
N LEU A 35 5.91 -1.01 -2.53
CA LEU A 35 5.77 -2.42 -2.91
C LEU A 35 6.56 -3.35 -1.98
N SER A 36 7.80 -2.98 -1.62
CA SER A 36 8.65 -3.79 -0.74
C SER A 36 8.03 -3.99 0.65
N ALA A 37 7.32 -3.00 1.19
CA ALA A 37 6.62 -3.13 2.48
C ALA A 37 5.49 -4.17 2.45
N PHE A 38 4.70 -4.21 1.37
CA PHE A 38 3.67 -5.25 1.17
C PHE A 38 4.31 -6.63 0.99
N LYS A 39 5.39 -6.73 0.18
CA LYS A 39 6.15 -7.98 -0.06
C LYS A 39 6.81 -8.55 1.19
N LEU A 40 7.33 -7.69 2.10
CA LEU A 40 7.89 -8.11 3.40
C LEU A 40 6.83 -8.78 4.30
N ARG A 41 5.56 -8.33 4.22
CA ARG A 41 4.42 -8.94 4.93
C ARG A 41 3.81 -10.15 4.20
N GLY A 42 4.26 -10.42 2.97
CA GLY A 42 3.89 -11.58 2.15
C GLY A 42 2.87 -11.30 1.04
N LEU A 43 2.43 -10.05 0.88
CA LEU A 43 1.39 -9.66 -0.08
C LEU A 43 1.95 -9.38 -1.48
N LEU A 44 1.05 -9.32 -2.47
CA LEU A 44 1.31 -9.00 -3.88
C LEU A 44 0.33 -7.90 -4.35
N LEU A 45 0.71 -6.65 -4.10
CA LEU A 45 -0.05 -5.45 -4.49
C LEU A 45 -0.14 -5.31 -6.02
N ARG A 46 -1.36 -5.24 -6.58
CA ARG A 46 -1.63 -5.08 -8.01
C ARG A 46 -1.13 -3.73 -8.58
N GLY A 47 -0.96 -3.67 -9.90
CA GLY A 47 -0.53 -2.45 -10.62
C GLY A 47 -1.54 -1.29 -10.59
N GLU A 48 -2.84 -1.58 -10.39
CA GLU A 48 -3.87 -0.54 -10.20
C GLU A 48 -3.89 -0.06 -8.72
N ALA A 49 -3.55 -0.96 -7.79
CA ALA A 49 -3.52 -0.70 -6.35
C ALA A 49 -2.30 0.14 -5.93
N ILE A 50 -1.11 -0.16 -6.48
CA ILE A 50 0.11 0.63 -6.26
C ILE A 50 -0.11 2.08 -6.70
N LYS A 51 -0.73 2.30 -7.87
CA LYS A 51 -1.10 3.62 -8.39
C LYS A 51 -2.08 4.36 -7.47
N TYR A 52 -3.09 3.66 -6.95
CA TYR A 52 -4.05 4.23 -6.02
C TYR A 52 -3.39 4.79 -4.75
N LEU A 53 -2.58 3.98 -4.04
CA LEU A 53 -1.88 4.48 -2.85
C LEU A 53 -0.71 5.42 -3.17
N THR A 54 -0.14 5.36 -4.38
CA THR A 54 0.89 6.31 -4.84
C THR A 54 0.32 7.73 -4.91
N GLU A 55 -0.93 7.88 -5.38
CA GLU A 55 -1.64 9.16 -5.38
C GLU A 55 -2.13 9.57 -3.98
N ALA A 56 -2.51 8.62 -3.12
CA ALA A 56 -2.92 8.87 -1.73
C ALA A 56 -1.76 9.31 -0.80
N LEU A 57 -0.50 9.09 -1.21
CA LEU A 57 0.74 9.33 -0.44
C LEU A 57 1.69 10.31 -1.16
N GLN A 58 1.22 11.01 -2.21
CA GLN A 58 2.02 11.89 -3.07
C GLN A 58 2.72 13.07 -2.35
N SER A 59 2.30 13.39 -1.12
CA SER A 59 2.82 14.50 -0.30
C SER A 59 3.25 14.07 1.12
N ILE A 60 3.21 12.77 1.44
CA ILE A 60 3.70 12.22 2.71
C ILE A 60 5.23 12.32 2.82
N SER A 61 5.70 12.62 4.04
CA SER A 61 7.12 12.72 4.41
C SER A 61 7.90 11.44 4.07
N GLU A 62 9.01 11.57 3.34
CA GLU A 62 9.81 10.43 2.84
C GLU A 62 10.32 9.46 3.92
N LEU A 63 10.70 9.99 5.09
CA LEU A 63 11.15 9.20 6.24
C LEU A 63 10.01 8.60 7.09
N GLU A 64 8.76 8.93 6.76
CA GLU A 64 7.52 8.47 7.43
C GLU A 64 6.68 7.54 6.53
N LEU A 65 7.07 7.34 5.26
CA LEU A 65 6.33 6.58 4.25
C LEU A 65 6.06 5.14 4.70
N GLU A 66 7.05 4.47 5.31
CA GLU A 66 6.89 3.11 5.80
C GLU A 66 5.89 3.05 6.97
N ASP A 67 6.06 3.88 8.00
CA ASP A 67 5.18 3.93 9.17
C ASP A 67 3.72 4.30 8.80
N LYS A 68 3.54 5.15 7.77
CA LYS A 68 2.24 5.52 7.21
C LYS A 68 1.61 4.34 6.46
N LEU A 69 2.29 3.80 5.46
CA LEU A 69 1.79 2.71 4.61
C LEU A 69 1.57 1.41 5.40
N GLU A 70 2.26 1.24 6.53
CA GLU A 70 2.06 0.10 7.44
C GLU A 70 0.63 0.08 8.02
N LYS A 71 -0.01 1.24 8.18
CA LYS A 71 -1.41 1.35 8.63
C LYS A 71 -2.38 0.84 7.55
N ILE A 72 -2.04 1.06 6.28
CA ILE A 72 -2.80 0.53 5.12
C ILE A 72 -2.71 -0.99 5.16
N ILE A 73 -1.49 -1.55 5.26
CA ILE A 73 -1.26 -3.00 5.32
C ILE A 73 -2.04 -3.63 6.48
N ASN A 74 -2.01 -3.06 7.68
CA ASN A 74 -2.79 -3.55 8.83
C ASN A 74 -4.32 -3.52 8.62
N ALA A 75 -4.85 -2.64 7.77
CA ALA A 75 -6.27 -2.60 7.41
C ALA A 75 -6.60 -3.55 6.24
N VAL A 76 -5.63 -3.88 5.39
CA VAL A 76 -5.74 -4.89 4.32
C VAL A 76 -5.76 -6.30 4.93
N GLU A 77 -4.94 -6.53 5.96
CA GLU A 77 -4.80 -7.81 6.67
C GLU A 77 -6.09 -8.33 7.36
N LYS A 78 -7.12 -7.48 7.54
CA LYS A 78 -8.37 -7.83 8.26
C LYS A 78 -9.63 -7.83 7.37
N GLN A 79 -9.48 -7.58 6.07
CA GLN A 79 -10.58 -7.66 5.10
C GLN A 79 -10.82 -9.11 4.64
N PRO A 80 -12.02 -9.45 4.14
CA PRO A 80 -12.31 -10.78 3.63
C PRO A 80 -11.63 -11.04 2.28
N LEU A 81 -10.71 -12.00 2.25
CA LEU A 81 -9.97 -12.46 1.06
C LEU A 81 -9.50 -13.92 1.23
N SER A 82 -9.03 -14.54 0.14
CA SER A 82 -8.64 -15.96 0.07
C SER A 82 -7.27 -16.17 -0.63
N SER A 83 -6.53 -15.10 -0.88
CA SER A 83 -5.17 -15.10 -1.45
C SER A 83 -4.36 -13.88 -0.96
N ASN A 84 -3.05 -13.85 -1.25
CA ASN A 84 -2.14 -12.76 -0.86
C ASN A 84 -2.12 -11.60 -1.88
N MET A 85 -2.91 -11.68 -2.96
CA MET A 85 -2.97 -10.64 -3.98
C MET A 85 -3.95 -9.53 -3.58
N ILE A 86 -3.48 -8.27 -3.62
CA ILE A 86 -4.22 -7.10 -3.14
C ILE A 86 -4.59 -6.17 -4.30
N GLU A 87 -5.86 -6.19 -4.69
CA GLU A 87 -6.43 -5.30 -5.72
C GLU A 87 -6.69 -3.86 -5.21
N ARG A 88 -6.96 -2.93 -6.14
CA ARG A 88 -7.29 -1.53 -5.82
C ARG A 88 -8.44 -1.44 -4.83
N SER A 89 -9.52 -2.19 -5.08
CA SER A 89 -10.76 -2.14 -4.28
C SER A 89 -10.52 -2.46 -2.79
N VAL A 90 -9.53 -3.32 -2.50
CA VAL A 90 -9.10 -3.66 -1.14
C VAL A 90 -8.35 -2.49 -0.48
N VAL A 91 -7.46 -1.81 -1.20
CA VAL A 91 -6.75 -0.60 -0.73
C VAL A 91 -7.71 0.59 -0.56
N GLU A 92 -8.67 0.73 -1.49
CA GLU A 92 -9.71 1.77 -1.51
C GLU A 92 -10.62 1.74 -0.26
N ALA A 93 -10.65 0.59 0.44
CA ALA A 93 -11.33 0.38 1.71
C ALA A 93 -10.36 0.45 2.92
N ALA A 94 -9.09 0.03 2.76
CA ALA A 94 -8.05 0.15 3.79
C ALA A 94 -7.65 1.60 4.11
N VAL A 95 -7.62 2.48 3.09
CA VAL A 95 -7.32 3.92 3.25
C VAL A 95 -8.35 4.64 4.14
N GLN A 96 -9.59 4.13 4.20
CA GLN A 96 -10.70 4.69 5.00
C GLN A 96 -10.48 4.53 6.52
N GLU A 97 -9.61 3.61 6.95
CA GLU A 97 -9.27 3.35 8.35
C GLU A 97 -7.82 3.75 8.71
N SER A 98 -7.02 4.11 7.71
CA SER A 98 -5.59 4.43 7.87
C SER A 98 -5.20 5.86 7.45
N SER A 99 -6.18 6.70 7.05
CA SER A 99 -6.04 8.13 6.71
C SER A 99 -7.19 8.96 7.27
N MET A 25 19.36 7.20 -4.00
CA MET A 25 18.02 7.67 -3.64
C MET A 25 17.38 8.53 -4.76
N ALA A 26 16.20 8.10 -5.23
CA ALA A 26 15.43 8.73 -6.31
C ALA A 26 13.92 8.41 -6.16
N PRO A 27 13.00 9.13 -6.85
CA PRO A 27 11.56 8.84 -6.86
C PRO A 27 11.19 7.39 -7.20
N GLU A 28 11.95 6.72 -8.06
CA GLU A 28 11.76 5.30 -8.39
C GLU A 28 11.95 4.38 -7.16
N ARG A 29 12.84 4.74 -6.22
CA ARG A 29 13.02 4.03 -4.96
C ARG A 29 11.87 4.28 -3.99
N LEU A 30 11.29 5.49 -3.97
CA LEU A 30 10.09 5.79 -3.17
C LEU A 30 8.87 4.98 -3.65
N ARG A 31 8.68 4.86 -4.97
CA ARG A 31 7.65 4.02 -5.59
C ARG A 31 7.87 2.53 -5.30
N SER A 32 9.14 2.08 -5.34
CA SER A 32 9.53 0.71 -5.00
C SER A 32 9.33 0.38 -3.51
N ARG A 33 9.63 1.30 -2.60
CA ARG A 33 9.50 1.15 -1.13
C ARG A 33 8.08 0.78 -0.71
N ALA A 34 7.06 1.32 -1.38
CA ALA A 34 5.67 0.95 -1.13
C ALA A 34 5.38 -0.54 -1.39
N LEU A 35 5.89 -1.08 -2.51
CA LEU A 35 5.79 -2.50 -2.82
C LEU A 35 6.63 -3.34 -1.86
N SER A 36 7.83 -2.88 -1.46
CA SER A 36 8.70 -3.58 -0.51
C SER A 36 8.03 -3.81 0.85
N ALA A 37 7.29 -2.83 1.39
CA ALA A 37 6.58 -2.98 2.66
C ALA A 37 5.51 -4.09 2.61
N PHE A 38 4.74 -4.16 1.52
CA PHE A 38 3.77 -5.23 1.28
C PHE A 38 4.45 -6.60 1.00
N LYS A 39 5.59 -6.60 0.29
CA LYS A 39 6.41 -7.79 0.00
C LYS A 39 6.98 -8.45 1.28
N LEU A 40 7.42 -7.65 2.26
CA LEU A 40 7.89 -8.14 3.57
C LEU A 40 6.80 -8.92 4.35
N ARG A 41 5.52 -8.59 4.12
CA ARG A 41 4.35 -9.29 4.68
C ARG A 41 3.83 -10.43 3.79
N GLY A 42 4.36 -10.56 2.56
CA GLY A 42 4.07 -11.64 1.62
C GLY A 42 2.98 -11.34 0.58
N LEU A 43 2.49 -10.09 0.50
CA LEU A 43 1.41 -9.70 -0.42
C LEU A 43 1.90 -9.42 -1.86
N LEU A 44 0.94 -9.35 -2.77
CA LEU A 44 1.09 -9.01 -4.20
C LEU A 44 0.15 -7.85 -4.56
N LEU A 45 0.53 -6.64 -4.17
CA LEU A 45 -0.15 -5.39 -4.51
C LEU A 45 -0.17 -5.19 -6.04
N ARG A 46 -1.36 -5.17 -6.65
CA ARG A 46 -1.54 -4.97 -8.11
C ARG A 46 -1.05 -3.59 -8.60
N GLY A 47 -0.81 -3.48 -9.90
CA GLY A 47 -0.44 -2.21 -10.56
C GLY A 47 -1.51 -1.12 -10.44
N GLU A 48 -2.80 -1.48 -10.49
CA GLU A 48 -3.90 -0.54 -10.26
C GLU A 48 -3.98 -0.09 -8.80
N ALA A 49 -3.59 -0.96 -7.86
CA ALA A 49 -3.59 -0.71 -6.43
C ALA A 49 -2.40 0.17 -5.98
N ILE A 50 -1.19 -0.09 -6.47
CA ILE A 50 -0.02 0.77 -6.20
C ILE A 50 -0.26 2.18 -6.76
N LYS A 51 -0.82 2.29 -7.97
CA LYS A 51 -1.23 3.55 -8.60
C LYS A 51 -2.27 4.32 -7.77
N TYR A 52 -3.17 3.62 -7.08
CA TYR A 52 -4.13 4.23 -6.17
C TYR A 52 -3.44 4.81 -4.92
N LEU A 53 -2.63 4.01 -4.19
CA LEU A 53 -1.98 4.49 -2.95
C LEU A 53 -0.77 5.41 -3.18
N THR A 54 -0.12 5.38 -4.35
CA THR A 54 0.98 6.32 -4.67
C THR A 54 0.48 7.77 -4.71
N GLU A 55 -0.79 7.97 -5.12
CA GLU A 55 -1.46 9.28 -5.09
C GLU A 55 -1.97 9.66 -3.70
N ALA A 56 -2.39 8.67 -2.89
CA ALA A 56 -2.78 8.87 -1.49
C ALA A 56 -1.58 9.22 -0.56
N LEU A 57 -0.35 8.99 -1.04
CA LEU A 57 0.93 9.20 -0.35
C LEU A 57 1.85 10.20 -1.10
N GLN A 58 1.32 10.94 -2.08
CA GLN A 58 2.06 11.85 -2.97
C GLN A 58 2.84 12.95 -2.22
N SER A 59 2.34 13.39 -1.05
CA SER A 59 2.89 14.49 -0.23
C SER A 59 3.41 14.04 1.15
N ILE A 60 3.36 12.73 1.46
CA ILE A 60 3.90 12.16 2.70
C ILE A 60 5.44 12.27 2.74
N SER A 61 5.95 12.60 3.93
CA SER A 61 7.38 12.68 4.26
C SER A 61 8.13 11.38 3.93
N GLU A 62 9.23 11.46 3.17
CA GLU A 62 9.98 10.29 2.69
C GLU A 62 10.52 9.37 3.79
N LEU A 63 10.94 9.93 4.94
CA LEU A 63 11.39 9.19 6.12
C LEU A 63 10.25 8.62 6.99
N GLU A 64 9.00 8.96 6.67
CA GLU A 64 7.76 8.52 7.35
C GLU A 64 6.89 7.61 6.46
N LEU A 65 7.33 7.32 5.22
CA LEU A 65 6.58 6.56 4.22
C LEU A 65 6.19 5.17 4.76
N GLU A 66 7.14 4.46 5.36
CA GLU A 66 6.91 3.13 5.90
C GLU A 66 6.01 3.16 7.15
N ASP A 67 6.21 4.13 8.05
CA ASP A 67 5.38 4.31 9.25
C ASP A 67 3.91 4.64 8.92
N LYS A 68 3.67 5.38 7.84
CA LYS A 68 2.34 5.69 7.29
C LYS A 68 1.73 4.47 6.61
N LEU A 69 2.45 3.84 5.68
CA LEU A 69 2.02 2.66 4.92
C LEU A 69 1.68 1.45 5.80
N GLU A 70 2.27 1.40 7.00
CA GLU A 70 1.98 0.40 8.02
C GLU A 70 0.48 0.34 8.37
N LYS A 71 -0.18 1.51 8.39
CA LYS A 71 -1.61 1.64 8.70
C LYS A 71 -2.49 1.00 7.62
N ILE A 72 -2.12 1.17 6.34
CA ILE A 72 -2.81 0.55 5.19
C ILE A 72 -2.68 -0.97 5.29
N ILE A 73 -1.47 -1.50 5.48
CA ILE A 73 -1.23 -2.95 5.65
C ILE A 73 -2.07 -3.52 6.81
N ASN A 74 -2.08 -2.84 7.96
CA ASN A 74 -2.87 -3.23 9.13
C ASN A 74 -4.41 -3.10 8.94
N ALA A 75 -4.87 -2.49 7.84
CA ALA A 75 -6.29 -2.40 7.46
C ALA A 75 -6.64 -3.40 6.33
N VAL A 76 -5.71 -3.70 5.42
CA VAL A 76 -5.84 -4.73 4.37
C VAL A 76 -5.96 -6.12 5.03
N GLU A 77 -5.12 -6.38 6.05
CA GLU A 77 -5.05 -7.66 6.77
C GLU A 77 -6.34 -8.04 7.54
N LYS A 78 -7.26 -7.09 7.77
CA LYS A 78 -8.55 -7.33 8.47
C LYS A 78 -9.73 -7.64 7.54
N GLN A 79 -9.58 -7.45 6.22
CA GLN A 79 -10.61 -7.73 5.22
C GLN A 79 -10.67 -9.24 4.91
N PRO A 80 -11.85 -9.79 4.57
CA PRO A 80 -11.97 -11.19 4.17
C PRO A 80 -11.43 -11.42 2.74
N LEU A 81 -10.48 -12.35 2.61
CA LEU A 81 -9.87 -12.75 1.33
C LEU A 81 -9.30 -14.19 1.39
N SER A 82 -8.96 -14.73 0.21
CA SER A 82 -8.50 -16.12 0.01
C SER A 82 -7.22 -16.20 -0.86
N SER A 83 -6.52 -15.06 -1.01
CA SER A 83 -5.30 -14.89 -1.80
C SER A 83 -4.42 -13.79 -1.20
N ASN A 84 -3.12 -13.80 -1.49
CA ASN A 84 -2.18 -12.76 -1.09
C ASN A 84 -2.16 -11.56 -2.06
N MET A 85 -2.94 -11.62 -3.14
CA MET A 85 -3.08 -10.54 -4.12
C MET A 85 -4.03 -9.44 -3.62
N ILE A 86 -3.58 -8.19 -3.71
CA ILE A 86 -4.28 -7.00 -3.20
C ILE A 86 -4.63 -6.09 -4.38
N GLU A 87 -5.89 -6.16 -4.82
CA GLU A 87 -6.44 -5.29 -5.85
C GLU A 87 -6.75 -3.87 -5.35
N ARG A 88 -7.01 -2.94 -6.28
CA ARG A 88 -7.38 -1.54 -5.98
C ARG A 88 -8.55 -1.47 -5.02
N SER A 89 -9.59 -2.26 -5.27
CA SER A 89 -10.83 -2.28 -4.47
C SER A 89 -10.61 -2.64 -3.00
N VAL A 90 -9.57 -3.44 -2.72
CA VAL A 90 -9.15 -3.81 -1.35
C VAL A 90 -8.46 -2.61 -0.66
N VAL A 91 -7.57 -1.91 -1.36
CA VAL A 91 -6.92 -0.68 -0.86
C VAL A 91 -7.92 0.46 -0.67
N GLU A 92 -8.89 0.61 -1.57
CA GLU A 92 -9.98 1.61 -1.48
C GLU A 92 -10.86 1.44 -0.23
N ALA A 93 -10.81 0.29 0.44
CA ALA A 93 -11.48 0.01 1.72
C ALA A 93 -10.52 0.11 2.92
N ALA A 94 -9.22 -0.16 2.72
CA ALA A 94 -8.17 0.01 3.74
C ALA A 94 -7.84 1.49 4.03
N VAL A 95 -7.86 2.35 3.00
CA VAL A 95 -7.65 3.81 3.12
C VAL A 95 -8.67 4.48 4.05
N GLN A 96 -9.87 3.90 4.16
CA GLN A 96 -10.97 4.36 5.04
C GLN A 96 -10.66 4.24 6.54
N GLU A 97 -9.67 3.43 6.92
CA GLU A 97 -9.22 3.22 8.31
C GLU A 97 -7.77 3.65 8.55
N SER A 98 -7.04 4.05 7.50
CA SER A 98 -5.60 4.38 7.55
C SER A 98 -5.23 5.77 7.03
N SER A 99 -6.21 6.58 6.59
CA SER A 99 -6.02 7.96 6.11
C SER A 99 -7.26 8.86 6.32
N MET A 25 18.20 3.82 -12.62
CA MET A 25 17.29 4.52 -11.72
C MET A 25 16.33 5.41 -12.51
N ALA A 26 15.03 5.21 -12.32
CA ALA A 26 13.95 5.86 -13.08
C ALA A 26 12.73 6.27 -12.21
N PRO A 27 11.90 7.25 -12.67
CA PRO A 27 10.67 7.73 -12.01
C PRO A 27 9.60 6.70 -11.60
N GLU A 28 9.67 5.46 -12.08
CA GLU A 28 8.74 4.37 -11.71
C GLU A 28 9.35 3.36 -10.72
N ARG A 29 10.69 3.34 -10.58
CA ARG A 29 11.39 2.49 -9.60
C ARG A 29 11.33 3.07 -8.17
N LEU A 30 11.24 4.40 -8.05
CA LEU A 30 11.05 5.08 -6.76
C LEU A 30 9.64 4.87 -6.18
N ARG A 31 8.63 4.58 -7.03
CA ARG A 31 7.26 4.25 -6.62
C ARG A 31 7.16 2.88 -5.95
N SER A 32 8.02 1.94 -6.37
CA SER A 32 8.14 0.59 -5.81
C SER A 32 8.50 0.53 -4.32
N ARG A 33 8.93 1.64 -3.70
CA ARG A 33 9.19 1.74 -2.24
C ARG A 33 8.00 1.27 -1.41
N ALA A 34 6.77 1.62 -1.84
CA ALA A 34 5.55 1.19 -1.17
C ALA A 34 5.20 -0.30 -1.44
N LEU A 35 5.37 -0.77 -2.69
CA LEU A 35 5.18 -2.18 -3.04
C LEU A 35 6.13 -3.10 -2.24
N SER A 36 7.36 -2.66 -2.00
CA SER A 36 8.35 -3.37 -1.19
C SER A 36 7.88 -3.61 0.26
N ALA A 37 7.22 -2.64 0.90
CA ALA A 37 6.65 -2.84 2.24
C ALA A 37 5.55 -3.93 2.26
N PHE A 38 4.66 -3.92 1.26
CA PHE A 38 3.65 -4.97 1.06
C PHE A 38 4.31 -6.34 0.82
N LYS A 39 5.35 -6.39 -0.03
CA LYS A 39 6.15 -7.59 -0.31
C LYS A 39 6.83 -8.16 0.93
N LEU A 40 7.40 -7.31 1.79
CA LEU A 40 8.02 -7.70 3.07
C LEU A 40 7.02 -8.32 4.06
N ARG A 41 5.74 -7.89 4.04
CA ARG A 41 4.66 -8.48 4.84
C ARG A 41 4.06 -9.76 4.23
N GLY A 42 4.43 -10.09 2.99
CA GLY A 42 4.06 -11.32 2.27
C GLY A 42 3.02 -11.14 1.16
N LEU A 43 2.60 -9.91 0.86
CA LEU A 43 1.53 -9.59 -0.09
C LEU A 43 2.05 -9.39 -1.54
N LEU A 44 1.10 -9.42 -2.49
CA LEU A 44 1.29 -9.16 -3.92
C LEU A 44 0.33 -8.05 -4.37
N LEU A 45 0.65 -6.82 -3.98
CA LEU A 45 -0.07 -5.60 -4.37
C LEU A 45 -0.08 -5.42 -5.90
N ARG A 46 -1.28 -5.36 -6.51
CA ARG A 46 -1.47 -5.20 -7.97
C ARG A 46 -0.89 -3.88 -8.52
N GLY A 47 -0.62 -3.85 -9.82
CA GLY A 47 -0.14 -2.66 -10.54
C GLY A 47 -1.15 -1.50 -10.60
N GLU A 48 -2.45 -1.77 -10.51
CA GLU A 48 -3.50 -0.73 -10.42
C GLU A 48 -3.58 -0.17 -8.98
N ALA A 49 -3.28 -1.01 -7.98
CA ALA A 49 -3.35 -0.69 -6.55
C ALA A 49 -2.13 0.08 -6.04
N ILE A 50 -0.91 -0.26 -6.50
CA ILE A 50 0.32 0.49 -6.17
C ILE A 50 0.19 1.96 -6.56
N LYS A 51 -0.36 2.24 -7.75
CA LYS A 51 -0.65 3.58 -8.26
C LYS A 51 -1.64 4.34 -7.38
N TYR A 52 -2.71 3.68 -6.94
CA TYR A 52 -3.73 4.28 -6.08
C TYR A 52 -3.14 4.78 -4.76
N LEU A 53 -2.39 3.93 -4.04
CA LEU A 53 -1.74 4.37 -2.79
C LEU A 53 -0.53 5.29 -3.03
N THR A 54 0.13 5.21 -4.19
CA THR A 54 1.22 6.12 -4.58
C THR A 54 0.69 7.55 -4.70
N GLU A 55 -0.51 7.75 -5.27
CA GLU A 55 -1.19 9.06 -5.32
C GLU A 55 -1.72 9.50 -3.95
N ALA A 56 -2.27 8.56 -3.15
CA ALA A 56 -2.75 8.85 -1.78
C ALA A 56 -1.64 9.23 -0.78
N LEU A 57 -0.38 8.91 -1.08
CA LEU A 57 0.80 9.14 -0.24
C LEU A 57 1.80 10.12 -0.89
N GLN A 58 1.41 10.78 -1.99
CA GLN A 58 2.25 11.75 -2.72
C GLN A 58 2.71 12.95 -1.86
N SER A 59 1.93 13.31 -0.84
CA SER A 59 2.21 14.40 0.11
C SER A 59 2.84 13.95 1.44
N ILE A 60 2.94 12.65 1.70
CA ILE A 60 3.55 12.09 2.93
C ILE A 60 5.09 12.20 2.89
N SER A 61 5.67 12.48 4.06
CA SER A 61 7.11 12.52 4.31
C SER A 61 7.83 11.23 3.89
N GLU A 62 8.90 11.33 3.11
CA GLU A 62 9.66 10.17 2.59
C GLU A 62 10.26 9.28 3.69
N LEU A 63 10.67 9.87 4.82
CA LEU A 63 11.17 9.17 6.02
C LEU A 63 10.08 8.62 6.94
N GLU A 64 8.80 8.89 6.65
CA GLU A 64 7.63 8.41 7.40
C GLU A 64 6.78 7.40 6.61
N LEU A 65 7.09 7.17 5.33
CA LEU A 65 6.39 6.23 4.44
C LEU A 65 6.30 4.84 5.07
N GLU A 66 7.41 4.36 5.63
CA GLU A 66 7.52 3.02 6.22
C GLU A 66 6.69 2.83 7.51
N ASP A 67 6.23 3.91 8.14
CA ASP A 67 5.36 3.89 9.33
C ASP A 67 3.89 4.18 8.99
N LYS A 68 3.65 5.09 8.02
CA LYS A 68 2.31 5.42 7.49
C LYS A 68 1.70 4.23 6.73
N LEU A 69 2.45 3.66 5.79
CA LEU A 69 2.01 2.55 4.92
C LEU A 69 1.73 1.27 5.70
N GLU A 70 2.36 1.11 6.86
CA GLU A 70 2.12 0.00 7.79
C GLU A 70 0.65 -0.05 8.24
N LYS A 71 0.02 1.13 8.38
CA LYS A 71 -1.40 1.25 8.79
C LYS A 71 -2.34 0.77 7.70
N ILE A 72 -2.02 1.03 6.43
CA ILE A 72 -2.78 0.53 5.27
C ILE A 72 -2.68 -0.99 5.23
N ILE A 73 -1.47 -1.57 5.34
CA ILE A 73 -1.26 -3.03 5.35
C ILE A 73 -2.05 -3.69 6.50
N ASN A 74 -2.06 -3.09 7.69
CA ASN A 74 -2.87 -3.57 8.82
C ASN A 74 -4.40 -3.45 8.59
N ALA A 75 -4.86 -2.52 7.75
CA ALA A 75 -6.28 -2.37 7.40
C ALA A 75 -6.71 -3.35 6.29
N VAL A 76 -5.79 -3.71 5.38
CA VAL A 76 -6.01 -4.73 4.34
C VAL A 76 -6.27 -6.10 5.01
N GLU A 77 -5.54 -6.42 6.07
CA GLU A 77 -5.68 -7.65 6.85
C GLU A 77 -7.04 -7.80 7.57
N LYS A 78 -7.81 -6.72 7.75
CA LYS A 78 -9.17 -6.77 8.35
C LYS A 78 -10.28 -7.19 7.38
N GLN A 79 -10.00 -7.21 6.07
CA GLN A 79 -10.99 -7.50 5.02
C GLN A 79 -11.02 -9.00 4.68
N PRO A 80 -12.17 -9.53 4.20
CA PRO A 80 -12.27 -10.93 3.80
C PRO A 80 -11.56 -11.19 2.46
N LEU A 81 -10.68 -12.19 2.44
CA LEU A 81 -9.90 -12.63 1.28
C LEU A 81 -9.42 -14.09 1.42
N SER A 82 -8.90 -14.66 0.33
CA SER A 82 -8.49 -16.08 0.24
C SER A 82 -7.11 -16.28 -0.45
N SER A 83 -6.39 -15.19 -0.72
CA SER A 83 -5.02 -15.17 -1.28
C SER A 83 -4.25 -13.91 -0.81
N ASN A 84 -2.94 -13.87 -1.06
CA ASN A 84 -2.07 -12.75 -0.69
C ASN A 84 -2.05 -11.61 -1.73
N MET A 85 -2.84 -11.71 -2.81
CA MET A 85 -2.92 -10.69 -3.85
C MET A 85 -3.91 -9.58 -3.46
N ILE A 86 -3.46 -8.32 -3.52
CA ILE A 86 -4.22 -7.15 -3.07
C ILE A 86 -4.54 -6.23 -4.25
N GLU A 87 -5.82 -6.16 -4.60
CA GLU A 87 -6.34 -5.31 -5.69
C GLU A 87 -6.68 -3.87 -5.22
N ARG A 88 -6.89 -2.96 -6.18
CA ARG A 88 -7.20 -1.54 -5.92
C ARG A 88 -8.45 -1.38 -5.05
N SER A 89 -9.50 -2.15 -5.30
CA SER A 89 -10.76 -2.13 -4.51
C SER A 89 -10.53 -2.42 -3.02
N VAL A 90 -9.59 -3.32 -2.71
CA VAL A 90 -9.20 -3.64 -1.32
C VAL A 90 -8.47 -2.47 -0.66
N VAL A 91 -7.54 -1.82 -1.38
CA VAL A 91 -6.83 -0.62 -0.89
C VAL A 91 -7.78 0.59 -0.75
N GLU A 92 -8.74 0.75 -1.65
CA GLU A 92 -9.75 1.83 -1.63
C GLU A 92 -10.59 1.84 -0.33
N ALA A 93 -10.69 0.69 0.34
CA ALA A 93 -11.35 0.52 1.65
C ALA A 93 -10.34 0.54 2.82
N ALA A 94 -9.11 0.01 2.63
CA ALA A 94 -8.05 0.04 3.64
C ALA A 94 -7.57 1.47 3.97
N VAL A 95 -7.51 2.34 2.97
CA VAL A 95 -7.13 3.76 3.15
C VAL A 95 -8.11 4.52 4.07
N GLN A 96 -9.39 4.13 4.08
CA GLN A 96 -10.46 4.74 4.89
C GLN A 96 -10.29 4.47 6.41
N GLU A 97 -9.62 3.35 6.75
CA GLU A 97 -9.36 2.89 8.11
C GLU A 97 -7.97 3.30 8.63
N SER A 98 -7.12 3.84 7.75
CA SER A 98 -5.72 4.18 8.02
C SER A 98 -5.31 5.63 7.70
N SER A 99 -6.27 6.47 7.30
CA SER A 99 -6.10 7.91 7.00
C SER A 99 -7.22 8.77 7.61
N MET A 25 12.68 3.14 -16.64
CA MET A 25 11.99 2.46 -15.55
C MET A 25 11.22 3.44 -14.66
N ALA A 26 9.97 3.09 -14.38
CA ALA A 26 9.01 3.89 -13.61
C ALA A 26 9.52 4.31 -12.21
N PRO A 27 9.17 5.53 -11.73
CA PRO A 27 9.64 6.04 -10.44
C PRO A 27 9.07 5.26 -9.25
N GLU A 28 7.85 4.71 -9.35
CA GLU A 28 7.23 3.88 -8.31
C GLU A 28 7.99 2.57 -8.08
N ARG A 29 8.49 1.94 -9.16
CA ARG A 29 9.31 0.73 -9.13
C ARG A 29 10.73 0.98 -8.58
N LEU A 30 11.30 2.15 -8.86
CA LEU A 30 12.59 2.60 -8.36
C LEU A 30 12.52 2.94 -6.85
N ARG A 31 11.46 3.64 -6.43
CA ARG A 31 11.19 4.03 -5.03
C ARG A 31 10.92 2.83 -4.12
N SER A 32 10.11 1.88 -4.60
CA SER A 32 9.73 0.58 -3.99
C SER A 32 9.23 0.53 -2.53
N ARG A 33 9.10 1.67 -1.84
CA ARG A 33 8.71 1.76 -0.41
C ARG A 33 7.36 1.11 -0.11
N ALA A 34 6.40 1.24 -1.04
CA ALA A 34 5.10 0.60 -0.95
C ALA A 34 5.16 -0.92 -1.20
N LEU A 35 5.71 -1.32 -2.36
CA LEU A 35 5.72 -2.73 -2.77
C LEU A 35 6.54 -3.60 -1.82
N SER A 36 7.74 -3.16 -1.43
CA SER A 36 8.60 -3.90 -0.51
C SER A 36 7.95 -4.12 0.87
N ALA A 37 7.17 -3.17 1.37
CA ALA A 37 6.45 -3.32 2.64
C ALA A 37 5.38 -4.43 2.59
N PHE A 38 4.58 -4.48 1.52
CA PHE A 38 3.60 -5.55 1.30
C PHE A 38 4.30 -6.91 1.08
N LYS A 39 5.41 -6.94 0.30
CA LYS A 39 6.22 -8.14 0.07
C LYS A 39 6.84 -8.72 1.35
N LEU A 40 7.26 -7.88 2.30
CA LEU A 40 7.77 -8.32 3.62
C LEU A 40 6.69 -9.08 4.43
N ARG A 41 5.41 -8.73 4.26
CA ARG A 41 4.25 -9.41 4.87
C ARG A 41 3.77 -10.63 4.06
N GLY A 42 4.24 -10.79 2.83
CA GLY A 42 3.91 -11.90 1.91
C GLY A 42 2.88 -11.54 0.82
N LEU A 43 2.41 -10.29 0.78
CA LEU A 43 1.42 -9.79 -0.17
C LEU A 43 2.04 -9.34 -1.50
N LEU A 44 1.20 -9.21 -2.52
CA LEU A 44 1.52 -8.76 -3.88
C LEU A 44 0.52 -7.68 -4.32
N LEU A 45 0.81 -6.44 -3.90
CA LEU A 45 0.08 -5.22 -4.29
C LEU A 45 0.10 -5.03 -5.82
N ARG A 46 -1.08 -4.95 -6.44
CA ARG A 46 -1.25 -4.84 -7.90
C ARG A 46 -0.83 -3.47 -8.45
N GLY A 47 -0.64 -3.37 -9.76
CA GLY A 47 -0.25 -2.12 -10.44
C GLY A 47 -1.30 -1.01 -10.36
N GLU A 48 -2.59 -1.34 -10.43
CA GLU A 48 -3.68 -0.36 -10.24
C GLU A 48 -3.78 0.08 -8.77
N ALA A 49 -3.42 -0.82 -7.83
CA ALA A 49 -3.47 -0.58 -6.39
C ALA A 49 -2.31 0.30 -5.89
N ILE A 50 -1.07 0.04 -6.33
CA ILE A 50 0.09 0.89 -6.01
C ILE A 50 -0.15 2.30 -6.55
N LYS A 51 -0.63 2.44 -7.80
CA LYS A 51 -1.01 3.71 -8.42
C LYS A 51 -2.09 4.46 -7.63
N TYR A 52 -3.06 3.75 -7.06
CA TYR A 52 -4.08 4.35 -6.19
C TYR A 52 -3.48 4.96 -4.91
N LEU A 53 -2.73 4.17 -4.12
CA LEU A 53 -2.12 4.69 -2.88
C LEU A 53 -0.99 5.72 -3.16
N THR A 54 -0.37 5.70 -4.33
CA THR A 54 0.62 6.69 -4.78
C THR A 54 0.02 8.11 -4.81
N GLU A 55 -1.26 8.26 -5.17
CA GLU A 55 -1.96 9.55 -5.12
C GLU A 55 -2.39 9.95 -3.69
N ALA A 56 -2.74 8.96 -2.84
CA ALA A 56 -3.10 9.19 -1.44
C ALA A 56 -1.88 9.60 -0.56
N LEU A 57 -0.68 9.10 -0.90
CA LEU A 57 0.59 9.32 -0.19
C LEU A 57 1.51 10.30 -0.97
N GLN A 58 0.98 11.00 -1.98
CA GLN A 58 1.72 11.89 -2.89
C GLN A 58 2.54 13.00 -2.21
N SER A 59 2.12 13.44 -1.02
CA SER A 59 2.74 14.52 -0.25
C SER A 59 3.25 14.09 1.14
N ILE A 60 3.22 12.78 1.44
CA ILE A 60 3.78 12.22 2.68
C ILE A 60 5.31 12.28 2.69
N SER A 61 5.88 12.55 3.87
CA SER A 61 7.33 12.55 4.14
C SER A 61 7.98 11.23 3.76
N GLU A 62 9.05 11.26 2.95
CA GLU A 62 9.70 10.05 2.40
C GLU A 62 10.24 9.06 3.46
N LEU A 63 10.64 9.55 4.63
CA LEU A 63 11.14 8.73 5.76
C LEU A 63 10.00 8.03 6.51
N GLU A 64 8.85 8.70 6.54
CA GLU A 64 7.62 8.29 7.20
C GLU A 64 6.71 7.48 6.26
N LEU A 65 7.08 7.36 4.98
CA LEU A 65 6.29 6.71 3.93
C LEU A 65 6.03 5.23 4.21
N GLU A 66 7.05 4.52 4.73
CA GLU A 66 6.90 3.12 5.13
C GLU A 66 6.01 2.95 6.38
N ASP A 67 6.13 3.84 7.37
CA ASP A 67 5.30 3.86 8.59
C ASP A 67 3.84 4.21 8.30
N LYS A 68 3.60 5.15 7.36
CA LYS A 68 2.28 5.53 6.87
C LYS A 68 1.59 4.37 6.17
N LEU A 69 2.26 3.76 5.19
CA LEU A 69 1.74 2.61 4.43
C LEU A 69 1.54 1.36 5.30
N GLU A 70 2.19 1.28 6.45
CA GLU A 70 1.98 0.18 7.41
C GLU A 70 0.55 0.19 7.97
N LYS A 71 -0.11 1.37 8.02
CA LYS A 71 -1.53 1.49 8.41
C LYS A 71 -2.44 0.82 7.39
N ILE A 72 -2.11 1.00 6.10
CA ILE A 72 -2.80 0.36 4.97
C ILE A 72 -2.66 -1.16 5.09
N ILE A 73 -1.45 -1.67 5.29
CA ILE A 73 -1.20 -3.11 5.48
C ILE A 73 -2.06 -3.68 6.63
N ASN A 74 -2.10 -3.00 7.79
CA ASN A 74 -2.95 -3.40 8.92
C ASN A 74 -4.47 -3.32 8.64
N ALA A 75 -4.90 -2.53 7.65
CA ALA A 75 -6.30 -2.38 7.26
C ALA A 75 -6.69 -3.26 6.04
N VAL A 76 -5.70 -3.80 5.34
CA VAL A 76 -5.87 -4.80 4.26
C VAL A 76 -5.95 -6.19 4.90
N GLU A 77 -5.13 -6.44 5.93
CA GLU A 77 -5.03 -7.74 6.61
C GLU A 77 -6.31 -8.14 7.39
N LYS A 78 -7.15 -7.17 7.78
CA LYS A 78 -8.42 -7.42 8.49
C LYS A 78 -9.64 -7.68 7.58
N GLN A 79 -9.49 -7.51 6.26
CA GLN A 79 -10.56 -7.74 5.28
C GLN A 79 -10.65 -9.24 4.92
N PRO A 80 -11.85 -9.75 4.55
CA PRO A 80 -12.01 -11.14 4.16
C PRO A 80 -11.44 -11.41 2.76
N LEU A 81 -10.44 -12.30 2.69
CA LEU A 81 -9.79 -12.76 1.46
C LEU A 81 -9.18 -14.17 1.61
N SER A 82 -8.85 -14.81 0.48
CA SER A 82 -8.31 -16.18 0.38
C SER A 82 -7.08 -16.29 -0.54
N SER A 83 -6.43 -15.15 -0.83
CA SER A 83 -5.25 -15.00 -1.69
C SER A 83 -4.36 -13.85 -1.19
N ASN A 84 -3.14 -13.73 -1.73
CA ASN A 84 -2.15 -12.72 -1.32
C ASN A 84 -2.05 -11.55 -2.31
N MET A 85 -2.87 -11.54 -3.37
CA MET A 85 -2.95 -10.42 -4.32
C MET A 85 -3.80 -9.30 -3.74
N ILE A 86 -3.26 -8.07 -3.68
CA ILE A 86 -3.95 -6.89 -3.12
C ILE A 86 -4.33 -5.93 -4.26
N GLU A 87 -5.56 -6.11 -4.76
CA GLU A 87 -6.17 -5.26 -5.78
C GLU A 87 -6.53 -3.85 -5.26
N ARG A 88 -6.77 -2.91 -6.19
CA ARG A 88 -7.13 -1.51 -5.87
C ARG A 88 -8.33 -1.42 -4.95
N SER A 89 -9.38 -2.18 -5.24
CA SER A 89 -10.64 -2.15 -4.49
C SER A 89 -10.49 -2.59 -3.03
N VAL A 90 -9.45 -3.38 -2.71
CA VAL A 90 -9.10 -3.76 -1.32
C VAL A 90 -8.38 -2.60 -0.61
N VAL A 91 -7.49 -1.89 -1.31
CA VAL A 91 -6.81 -0.68 -0.81
C VAL A 91 -7.79 0.48 -0.62
N GLU A 92 -8.76 0.65 -1.51
CA GLU A 92 -9.82 1.67 -1.43
C GLU A 92 -10.70 1.58 -0.16
N ALA A 93 -10.68 0.43 0.53
CA ALA A 93 -11.34 0.22 1.82
C ALA A 93 -10.35 0.28 3.01
N ALA A 94 -9.06 -0.01 2.80
CA ALA A 94 -8.00 0.12 3.79
C ALA A 94 -7.59 1.58 4.07
N VAL A 95 -7.58 2.44 3.04
CA VAL A 95 -7.30 3.88 3.16
C VAL A 95 -8.29 4.61 4.09
N GLN A 96 -9.51 4.09 4.21
CA GLN A 96 -10.59 4.62 5.06
C GLN A 96 -10.28 4.53 6.57
N GLU A 97 -9.35 3.66 6.96
CA GLU A 97 -8.85 3.49 8.34
C GLU A 97 -7.39 3.96 8.49
N SER A 98 -6.72 4.28 7.38
CA SER A 98 -5.29 4.66 7.33
C SER A 98 -5.06 6.17 7.20
N SER A 99 -6.10 6.94 6.87
CA SER A 99 -6.07 8.39 6.60
C SER A 99 -7.25 9.13 7.25
N MET A 25 15.34 -3.07 -15.41
CA MET A 25 15.60 -2.34 -14.17
C MET A 25 15.48 -0.81 -14.40
N ALA A 26 14.41 -0.43 -15.11
CA ALA A 26 14.02 0.94 -15.37
C ALA A 26 13.77 1.76 -14.08
N PRO A 27 13.79 3.12 -14.14
CA PRO A 27 13.51 4.00 -13.01
C PRO A 27 12.21 3.70 -12.23
N GLU A 28 11.15 3.27 -12.92
CA GLU A 28 9.87 2.91 -12.27
C GLU A 28 9.94 1.58 -11.49
N ARG A 29 10.82 0.65 -11.90
CA ARG A 29 11.00 -0.66 -11.24
C ARG A 29 11.87 -0.55 -10.00
N LEU A 30 13.01 0.16 -10.10
CA LEU A 30 14.02 0.27 -9.04
C LEU A 30 13.57 1.06 -7.79
N ARG A 31 12.52 1.89 -7.90
CA ARG A 31 11.93 2.65 -6.78
C ARG A 31 11.12 1.72 -5.85
N SER A 32 9.92 1.32 -6.28
CA SER A 32 8.99 0.37 -5.62
C SER A 32 8.92 0.42 -4.07
N ARG A 33 9.06 1.60 -3.45
CA ARG A 33 9.15 1.77 -1.98
C ARG A 33 7.91 1.26 -1.22
N ALA A 34 6.73 1.69 -1.65
CA ALA A 34 5.45 1.28 -1.06
C ALA A 34 5.12 -0.21 -1.33
N LEU A 35 5.46 -0.70 -2.53
CA LEU A 35 5.30 -2.11 -2.92
C LEU A 35 6.19 -3.05 -2.07
N SER A 36 7.42 -2.61 -1.79
CA SER A 36 8.40 -3.37 -0.98
C SER A 36 7.91 -3.62 0.46
N ALA A 37 7.17 -2.69 1.07
CA ALA A 37 6.58 -2.89 2.39
C ALA A 37 5.50 -4.00 2.40
N PHE A 38 4.60 -4.02 1.39
CA PHE A 38 3.62 -5.09 1.22
C PHE A 38 4.33 -6.44 1.00
N LYS A 39 5.34 -6.47 0.13
CA LYS A 39 6.21 -7.62 -0.15
C LYS A 39 6.92 -8.17 1.10
N LEU A 40 7.44 -7.30 1.98
CA LEU A 40 8.06 -7.68 3.27
C LEU A 40 7.06 -8.33 4.25
N ARG A 41 5.80 -7.87 4.26
CA ARG A 41 4.73 -8.47 5.10
C ARG A 41 4.15 -9.76 4.50
N GLY A 42 4.44 -10.05 3.23
CA GLY A 42 4.07 -11.30 2.53
C GLY A 42 3.02 -11.14 1.42
N LEU A 43 2.61 -9.90 1.10
CA LEU A 43 1.55 -9.59 0.14
C LEU A 43 2.11 -9.27 -1.26
N LEU A 44 1.21 -9.25 -2.26
CA LEU A 44 1.47 -8.95 -3.67
C LEU A 44 0.50 -7.85 -4.16
N LEU A 45 0.79 -6.61 -3.76
CA LEU A 45 0.09 -5.40 -4.18
C LEU A 45 0.09 -5.26 -5.72
N ARG A 46 -1.10 -5.30 -6.35
CA ARG A 46 -1.29 -5.26 -7.80
C ARG A 46 -0.92 -3.89 -8.40
N GLY A 47 -0.67 -3.83 -9.71
CA GLY A 47 -0.33 -2.60 -10.44
C GLY A 47 -1.43 -1.52 -10.42
N GLU A 48 -2.70 -1.94 -10.29
CA GLU A 48 -3.84 -1.02 -10.11
C GLU A 48 -3.90 -0.44 -8.68
N ALA A 49 -3.38 -1.17 -7.69
CA ALA A 49 -3.40 -0.82 -6.28
C ALA A 49 -2.19 0.02 -5.85
N ILE A 50 -0.98 -0.28 -6.36
CA ILE A 50 0.22 0.54 -6.13
C ILE A 50 -0.02 1.98 -6.62
N LYS A 51 -0.66 2.13 -7.78
CA LYS A 51 -1.07 3.42 -8.36
C LYS A 51 -2.15 4.13 -7.52
N TYR A 52 -3.05 3.39 -6.89
CA TYR A 52 -4.05 3.96 -5.98
C TYR A 52 -3.40 4.59 -4.73
N LEU A 53 -2.58 3.83 -4.00
CA LEU A 53 -1.96 4.32 -2.76
C LEU A 53 -0.78 5.28 -2.98
N THR A 54 -0.12 5.29 -4.15
CA THR A 54 0.92 6.28 -4.46
C THR A 54 0.35 7.70 -4.54
N GLU A 55 -0.91 7.85 -5.00
CA GLU A 55 -1.62 9.14 -5.01
C GLU A 55 -2.14 9.53 -3.62
N ALA A 56 -2.58 8.55 -2.81
CA ALA A 56 -3.02 8.75 -1.43
C ALA A 56 -1.89 9.17 -0.45
N LEU A 57 -0.63 8.96 -0.86
CA LEU A 57 0.60 9.21 -0.10
C LEU A 57 1.57 10.15 -0.84
N GLN A 58 1.08 10.87 -1.87
CA GLN A 58 1.87 11.73 -2.75
C GLN A 58 2.67 12.84 -2.03
N SER A 59 2.18 13.30 -0.88
CA SER A 59 2.77 14.42 -0.09
C SER A 59 3.28 13.98 1.30
N ILE A 60 3.25 12.69 1.61
CA ILE A 60 3.80 12.11 2.85
C ILE A 60 5.33 12.14 2.83
N SER A 61 5.91 12.41 4.00
CA SER A 61 7.36 12.43 4.28
C SER A 61 8.06 11.14 3.86
N GLU A 62 9.15 11.23 3.09
CA GLU A 62 9.87 10.07 2.52
C GLU A 62 10.43 9.09 3.56
N LEU A 63 10.88 9.59 4.72
CA LEU A 63 11.37 8.80 5.84
C LEU A 63 10.25 8.21 6.72
N GLU A 64 8.98 8.54 6.42
CA GLU A 64 7.77 8.11 7.14
C GLU A 64 6.80 7.29 6.25
N LEU A 65 7.09 7.11 4.96
CA LEU A 65 6.19 6.46 4.01
C LEU A 65 5.82 5.04 4.45
N GLU A 66 6.81 4.26 4.87
CA GLU A 66 6.59 2.87 5.30
C GLU A 66 5.87 2.78 6.66
N ASP A 67 6.10 3.72 7.58
CA ASP A 67 5.40 3.79 8.86
C ASP A 67 3.93 4.18 8.70
N LYS A 68 3.63 5.12 7.79
CA LYS A 68 2.27 5.53 7.42
C LYS A 68 1.51 4.40 6.72
N LEU A 69 2.12 3.81 5.69
CA LEU A 69 1.56 2.70 4.90
C LEU A 69 1.36 1.43 5.72
N GLU A 70 2.01 1.30 6.87
CA GLU A 70 1.80 0.17 7.80
C GLU A 70 0.33 0.10 8.25
N LYS A 71 -0.35 1.26 8.38
CA LYS A 71 -1.78 1.34 8.72
C LYS A 71 -2.64 0.71 7.63
N ILE A 72 -2.26 0.92 6.36
CA ILE A 72 -2.92 0.34 5.18
C ILE A 72 -2.77 -1.17 5.22
N ILE A 73 -1.55 -1.70 5.35
CA ILE A 73 -1.31 -3.16 5.45
C ILE A 73 -2.10 -3.77 6.62
N ASN A 74 -2.10 -3.12 7.79
CA ASN A 74 -2.87 -3.56 8.97
C ASN A 74 -4.40 -3.51 8.77
N ALA A 75 -4.92 -2.73 7.83
CA ALA A 75 -6.35 -2.67 7.49
C ALA A 75 -6.71 -3.67 6.35
N VAL A 76 -5.77 -3.91 5.42
CA VAL A 76 -5.90 -4.93 4.36
C VAL A 76 -6.00 -6.32 4.98
N GLU A 77 -5.23 -6.58 6.04
CA GLU A 77 -5.26 -7.80 6.87
C GLU A 77 -6.58 -8.06 7.62
N LYS A 78 -7.55 -7.12 7.55
CA LYS A 78 -8.87 -7.19 8.23
C LYS A 78 -10.05 -7.30 7.25
N GLN A 79 -9.79 -7.52 5.96
CA GLN A 79 -10.78 -7.66 4.89
C GLN A 79 -10.93 -9.12 4.40
N PRO A 80 -12.07 -9.50 3.81
CA PRO A 80 -12.28 -10.83 3.23
C PRO A 80 -11.51 -10.99 1.90
N LEU A 81 -10.66 -12.02 1.83
CA LEU A 81 -9.86 -12.40 0.66
C LEU A 81 -9.43 -13.88 0.72
N SER A 82 -8.95 -14.42 -0.40
CA SER A 82 -8.60 -15.86 -0.57
C SER A 82 -7.17 -16.09 -1.13
N SER A 83 -6.37 -15.02 -1.23
CA SER A 83 -4.96 -15.05 -1.65
C SER A 83 -4.17 -13.91 -0.99
N ASN A 84 -2.85 -13.84 -1.22
CA ASN A 84 -2.00 -12.75 -0.73
C ASN A 84 -1.95 -11.55 -1.69
N MET A 85 -2.72 -11.57 -2.78
CA MET A 85 -2.74 -10.52 -3.79
C MET A 85 -3.73 -9.42 -3.41
N ILE A 86 -3.29 -8.15 -3.48
CA ILE A 86 -4.07 -6.99 -3.02
C ILE A 86 -4.47 -6.09 -4.20
N GLU A 87 -5.74 -6.19 -4.58
CA GLU A 87 -6.35 -5.40 -5.66
C GLU A 87 -6.70 -3.95 -5.25
N ARG A 88 -7.07 -3.11 -6.23
CA ARG A 88 -7.42 -1.70 -6.03
C ARG A 88 -8.60 -1.50 -5.08
N SER A 89 -9.64 -2.33 -5.22
CA SER A 89 -10.83 -2.23 -4.37
C SER A 89 -10.57 -2.55 -2.89
N VAL A 90 -9.50 -3.31 -2.60
CA VAL A 90 -9.07 -3.65 -1.23
C VAL A 90 -8.34 -2.45 -0.58
N VAL A 91 -7.41 -1.79 -1.30
CA VAL A 91 -6.75 -0.56 -0.78
C VAL A 91 -7.71 0.64 -0.70
N GLU A 92 -8.73 0.68 -1.55
CA GLU A 92 -9.80 1.71 -1.54
C GLU A 92 -10.59 1.74 -0.22
N ALA A 93 -10.64 0.62 0.51
CA ALA A 93 -11.24 0.50 1.84
C ALA A 93 -10.21 0.59 2.98
N ALA A 94 -8.97 0.10 2.77
CA ALA A 94 -7.89 0.18 3.77
C ALA A 94 -7.42 1.63 4.02
N VAL A 95 -7.42 2.49 2.98
CA VAL A 95 -7.07 3.91 3.10
C VAL A 95 -8.03 4.69 4.02
N GLN A 96 -9.30 4.26 4.10
CA GLN A 96 -10.34 4.91 4.92
C GLN A 96 -10.04 4.78 6.42
N GLU A 97 -9.55 3.61 6.84
CA GLU A 97 -9.10 3.30 8.19
C GLU A 97 -7.73 3.94 8.52
N SER A 98 -6.92 4.18 7.48
CA SER A 98 -5.52 4.67 7.60
C SER A 98 -5.35 6.20 7.53
N SER A 99 -6.41 6.93 7.17
CA SER A 99 -6.43 8.39 6.96
C SER A 99 -5.94 9.19 8.19
N MET A 25 9.06 12.97 -2.74
CA MET A 25 8.90 11.64 -3.32
C MET A 25 8.44 11.65 -4.79
N ALA A 26 9.37 11.36 -5.71
CA ALA A 26 9.10 11.19 -7.14
C ALA A 26 8.32 9.87 -7.38
N PRO A 27 7.35 9.82 -8.32
CA PRO A 27 6.49 8.66 -8.56
C PRO A 27 7.16 7.29 -8.58
N GLU A 28 8.24 7.10 -9.35
CA GLU A 28 8.89 5.77 -9.47
C GLU A 28 9.66 5.36 -8.20
N ARG A 29 10.28 6.33 -7.51
CA ARG A 29 10.98 6.13 -6.23
C ARG A 29 10.00 5.79 -5.11
N LEU A 30 8.85 6.47 -5.10
CA LEU A 30 7.73 6.27 -4.19
C LEU A 30 7.09 4.89 -4.40
N ARG A 31 6.83 4.50 -5.66
CA ARG A 31 6.30 3.17 -6.02
C ARG A 31 7.24 2.04 -5.59
N SER A 32 8.54 2.19 -5.83
CA SER A 32 9.56 1.22 -5.38
C SER A 32 9.55 1.06 -3.84
N ARG A 33 9.53 2.18 -3.10
CA ARG A 33 9.47 2.21 -1.63
C ARG A 33 8.14 1.69 -1.05
N ALA A 34 7.04 1.84 -1.80
CA ALA A 34 5.71 1.36 -1.42
C ALA A 34 5.52 -0.15 -1.65
N LEU A 35 5.97 -0.67 -2.80
CA LEU A 35 5.86 -2.10 -3.15
C LEU A 35 6.63 -3.01 -2.18
N SER A 36 7.83 -2.61 -1.76
CA SER A 36 8.66 -3.38 -0.83
C SER A 36 8.00 -3.59 0.55
N ALA A 37 7.22 -2.62 1.05
CA ALA A 37 6.48 -2.73 2.31
C ALA A 37 5.41 -3.85 2.27
N PHE A 38 4.63 -3.93 1.18
CA PHE A 38 3.68 -5.05 0.99
C PHE A 38 4.42 -6.38 0.80
N LYS A 39 5.48 -6.38 -0.01
CA LYS A 39 6.32 -7.56 -0.33
C LYS A 39 6.93 -8.21 0.93
N LEU A 40 7.55 -7.43 1.81
CA LEU A 40 8.19 -7.94 3.04
C LEU A 40 7.16 -8.45 4.08
N ARG A 41 5.94 -7.92 4.05
CA ARG A 41 4.80 -8.38 4.89
C ARG A 41 4.11 -9.65 4.34
N GLY A 42 4.42 -10.04 3.09
CA GLY A 42 3.96 -11.27 2.45
C GLY A 42 2.91 -11.08 1.35
N LEU A 43 2.56 -9.84 1.00
CA LEU A 43 1.49 -9.48 0.06
C LEU A 43 2.02 -9.17 -1.35
N LEU A 44 1.10 -9.16 -2.33
CA LEU A 44 1.33 -8.87 -3.75
C LEU A 44 0.35 -7.79 -4.24
N LEU A 45 0.69 -6.53 -3.97
CA LEU A 45 -0.03 -5.34 -4.41
C LEU A 45 -0.09 -5.25 -5.96
N ARG A 46 -1.31 -5.20 -6.52
CA ARG A 46 -1.55 -5.19 -7.98
C ARG A 46 -1.22 -3.84 -8.63
N GLY A 47 -1.15 -3.82 -9.97
CA GLY A 47 -0.76 -2.65 -10.76
C GLY A 47 -1.74 -1.47 -10.76
N GLU A 48 -3.03 -1.70 -10.45
CA GLU A 48 -4.00 -0.60 -10.25
C GLU A 48 -4.01 -0.15 -8.78
N ALA A 49 -3.73 -1.07 -7.86
CA ALA A 49 -3.65 -0.81 -6.42
C ALA A 49 -2.45 0.10 -6.07
N ILE A 50 -1.27 -0.18 -6.67
CA ILE A 50 -0.08 0.67 -6.54
C ILE A 50 -0.33 2.10 -7.02
N LYS A 51 -1.02 2.27 -8.15
CA LYS A 51 -1.45 3.57 -8.71
C LYS A 51 -2.47 4.29 -7.82
N TYR A 52 -3.37 3.54 -7.16
CA TYR A 52 -4.32 4.12 -6.20
C TYR A 52 -3.61 4.73 -4.98
N LEU A 53 -2.71 3.99 -4.31
CA LEU A 53 -1.98 4.52 -3.14
C LEU A 53 -0.78 5.43 -3.49
N THR A 54 -0.32 5.43 -4.75
CA THR A 54 0.73 6.33 -5.26
C THR A 54 0.37 7.79 -5.01
N GLU A 55 -0.83 8.22 -5.41
CA GLU A 55 -1.29 9.61 -5.23
C GLU A 55 -1.73 9.92 -3.78
N ALA A 56 -2.09 8.90 -3.00
CA ALA A 56 -2.43 9.03 -1.57
C ALA A 56 -1.19 9.22 -0.66
N LEU A 57 0.02 8.92 -1.16
CA LEU A 57 1.28 8.94 -0.41
C LEU A 57 2.38 9.84 -1.01
N GLN A 58 2.13 10.46 -2.17
CA GLN A 58 3.07 11.40 -2.81
C GLN A 58 3.42 12.62 -1.92
N SER A 59 2.48 13.05 -1.07
CA SER A 59 2.67 14.14 -0.09
C SER A 59 3.28 13.71 1.25
N ILE A 60 3.41 12.41 1.51
CA ILE A 60 3.96 11.86 2.77
C ILE A 60 5.50 11.88 2.76
N SER A 61 6.07 12.25 3.91
CA SER A 61 7.50 12.24 4.21
C SER A 61 8.13 10.87 4.02
N GLU A 62 9.16 10.74 3.18
CA GLU A 62 9.81 9.45 2.87
C GLU A 62 10.42 8.72 4.07
N LEU A 63 10.80 9.46 5.12
CA LEU A 63 11.34 8.95 6.38
C LEU A 63 10.26 8.52 7.39
N GLU A 64 8.97 8.66 7.01
CA GLU A 64 7.76 8.26 7.75
C GLU A 64 6.81 7.40 6.89
N LEU A 65 7.13 7.21 5.60
CA LEU A 65 6.32 6.53 4.60
C LEU A 65 6.06 5.06 4.97
N GLU A 66 7.07 4.36 5.51
CA GLU A 66 6.90 2.96 5.92
C GLU A 66 5.98 2.81 7.13
N ASP A 67 6.07 3.71 8.12
CA ASP A 67 5.16 3.73 9.28
C ASP A 67 3.71 4.08 8.87
N LYS A 68 3.54 4.99 7.91
CA LYS A 68 2.24 5.35 7.32
C LYS A 68 1.62 4.18 6.56
N LEU A 69 2.35 3.62 5.60
CA LEU A 69 1.90 2.52 4.74
C LEU A 69 1.58 1.25 5.55
N GLU A 70 2.24 1.06 6.68
CA GLU A 70 1.96 -0.05 7.62
C GLU A 70 0.52 0.01 8.18
N LYS A 71 -0.06 1.22 8.29
CA LYS A 71 -1.45 1.39 8.72
C LYS A 71 -2.42 0.87 7.65
N ILE A 72 -2.09 1.06 6.37
CA ILE A 72 -2.85 0.54 5.23
C ILE A 72 -2.80 -0.99 5.26
N ILE A 73 -1.61 -1.60 5.39
CA ILE A 73 -1.47 -3.07 5.47
C ILE A 73 -2.26 -3.64 6.66
N ASN A 74 -2.22 -3.00 7.84
CA ASN A 74 -3.04 -3.40 8.99
C ASN A 74 -4.56 -3.28 8.75
N ALA A 75 -5.00 -2.40 7.84
CA ALA A 75 -6.41 -2.27 7.46
C ALA A 75 -6.79 -3.28 6.36
N VAL A 76 -5.85 -3.66 5.48
CA VAL A 76 -6.02 -4.73 4.48
C VAL A 76 -6.21 -6.07 5.20
N GLU A 77 -5.46 -6.30 6.28
CA GLU A 77 -5.56 -7.49 7.14
C GLU A 77 -6.93 -7.67 7.85
N LYS A 78 -7.78 -6.63 7.94
CA LYS A 78 -9.15 -6.72 8.48
C LYS A 78 -10.17 -7.29 7.48
N GLN A 79 -9.87 -7.29 6.18
CA GLN A 79 -10.79 -7.70 5.11
C GLN A 79 -10.72 -9.21 4.83
N PRO A 80 -11.84 -9.86 4.47
CA PRO A 80 -11.85 -11.26 4.08
C PRO A 80 -11.27 -11.45 2.67
N LEU A 81 -10.42 -12.47 2.49
CA LEU A 81 -9.75 -12.83 1.24
C LEU A 81 -9.23 -14.29 1.26
N SER A 82 -8.85 -14.80 0.09
CA SER A 82 -8.42 -16.20 -0.12
C SER A 82 -7.04 -16.34 -0.80
N SER A 83 -6.33 -15.22 -0.99
CA SER A 83 -4.96 -15.14 -1.51
C SER A 83 -4.21 -13.93 -0.93
N ASN A 84 -2.91 -13.81 -1.21
CA ASN A 84 -2.08 -12.69 -0.74
C ASN A 84 -2.07 -11.49 -1.72
N MET A 85 -2.89 -11.52 -2.77
CA MET A 85 -2.93 -10.48 -3.80
C MET A 85 -3.87 -9.34 -3.38
N ILE A 86 -3.40 -8.10 -3.46
CA ILE A 86 -4.10 -6.90 -2.98
C ILE A 86 -4.46 -6.00 -4.16
N GLU A 87 -5.70 -6.10 -4.63
CA GLU A 87 -6.27 -5.26 -5.70
C GLU A 87 -6.65 -3.84 -5.23
N ARG A 88 -6.94 -2.94 -6.18
CA ARG A 88 -7.43 -1.58 -5.90
C ARG A 88 -8.60 -1.58 -4.94
N SER A 89 -9.60 -2.41 -5.20
CA SER A 89 -10.85 -2.49 -4.41
C SER A 89 -10.60 -2.77 -2.92
N VAL A 90 -9.51 -3.49 -2.61
CA VAL A 90 -9.07 -3.78 -1.24
C VAL A 90 -8.40 -2.55 -0.60
N VAL A 91 -7.50 -1.86 -1.33
CA VAL A 91 -6.84 -0.61 -0.86
C VAL A 91 -7.84 0.54 -0.70
N GLU A 92 -8.80 0.65 -1.62
CA GLU A 92 -9.88 1.66 -1.64
C GLU A 92 -10.78 1.61 -0.39
N ALA A 93 -10.78 0.47 0.31
CA ALA A 93 -11.45 0.24 1.59
C ALA A 93 -10.47 0.33 2.79
N ALA A 94 -9.21 -0.06 2.62
CA ALA A 94 -8.17 0.05 3.65
C ALA A 94 -7.76 1.51 3.97
N VAL A 95 -7.76 2.39 2.96
CA VAL A 95 -7.48 3.83 3.13
C VAL A 95 -8.50 4.53 4.06
N GLN A 96 -9.73 4.01 4.12
CA GLN A 96 -10.83 4.51 4.96
C GLN A 96 -10.59 4.29 6.47
N GLU A 97 -9.70 3.35 6.80
CA GLU A 97 -9.34 2.95 8.18
C GLU A 97 -7.92 3.41 8.58
N SER A 98 -7.14 3.93 7.62
CA SER A 98 -5.72 4.30 7.81
C SER A 98 -5.35 5.73 7.41
N SER A 99 -6.32 6.55 6.99
CA SER A 99 -6.17 7.98 6.65
C SER A 99 -7.31 8.85 7.19
N MET A 25 17.91 8.58 -4.70
CA MET A 25 16.46 8.31 -4.69
C MET A 25 15.77 8.89 -5.94
N ALA A 26 14.67 8.25 -6.33
CA ALA A 26 13.86 8.55 -7.52
C ALA A 26 12.41 8.02 -7.34
N PRO A 27 11.44 8.43 -8.16
CA PRO A 27 10.07 7.90 -8.14
C PRO A 27 9.96 6.37 -8.16
N GLU A 28 10.86 5.67 -8.87
CA GLU A 28 10.92 4.21 -8.91
C GLU A 28 11.28 3.59 -7.54
N ARG A 29 12.12 4.28 -6.75
CA ARG A 29 12.47 3.88 -5.37
C ARG A 29 11.36 4.26 -4.39
N LEU A 30 10.64 5.37 -4.61
CA LEU A 30 9.46 5.73 -3.81
C LEU A 30 8.32 4.71 -4.04
N ARG A 31 8.19 4.17 -5.26
CA ARG A 31 7.27 3.08 -5.61
C ARG A 31 7.73 1.76 -4.97
N SER A 32 9.04 1.52 -4.92
CA SER A 32 9.66 0.36 -4.25
C SER A 32 9.48 0.40 -2.72
N ARG A 33 9.51 1.58 -2.08
CA ARG A 33 9.23 1.75 -0.62
C ARG A 33 7.85 1.21 -0.24
N ALA A 34 6.86 1.35 -1.12
CA ALA A 34 5.53 0.78 -0.95
C ALA A 34 5.51 -0.74 -1.21
N LEU A 35 5.98 -1.18 -2.38
CA LEU A 35 5.92 -2.60 -2.78
C LEU A 35 6.71 -3.52 -1.85
N SER A 36 7.92 -3.13 -1.47
CA SER A 36 8.77 -3.91 -0.57
C SER A 36 8.14 -4.14 0.81
N ALA A 37 7.36 -3.18 1.34
CA ALA A 37 6.65 -3.35 2.60
C ALA A 37 5.53 -4.41 2.50
N PHE A 38 4.72 -4.38 1.44
CA PHE A 38 3.71 -5.43 1.19
C PHE A 38 4.38 -6.81 1.00
N LYS A 39 5.48 -6.88 0.24
CA LYS A 39 6.28 -8.10 0.03
C LYS A 39 6.87 -8.67 1.34
N LEU A 40 7.36 -7.82 2.24
CA LEU A 40 7.85 -8.22 3.57
C LEU A 40 6.75 -8.83 4.46
N ARG A 41 5.50 -8.34 4.36
CA ARG A 41 4.34 -8.90 5.07
C ARG A 41 3.74 -10.14 4.38
N GLY A 42 4.12 -10.40 3.12
CA GLY A 42 3.75 -11.61 2.34
C GLY A 42 2.72 -11.37 1.22
N LEU A 43 2.39 -10.12 0.89
CA LEU A 43 1.35 -9.73 -0.06
C LEU A 43 1.92 -9.44 -1.47
N LEU A 44 1.01 -9.40 -2.45
CA LEU A 44 1.26 -9.10 -3.87
C LEU A 44 0.33 -7.98 -4.35
N LEU A 45 0.67 -6.75 -3.96
CA LEU A 45 -0.01 -5.51 -4.35
C LEU A 45 -0.04 -5.32 -5.87
N ARG A 46 -1.26 -5.24 -6.45
CA ARG A 46 -1.48 -5.12 -7.90
C ARG A 46 -1.12 -3.75 -8.47
N GLY A 47 -1.00 -3.64 -9.80
CA GLY A 47 -0.61 -2.41 -10.50
C GLY A 47 -1.61 -1.24 -10.35
N GLU A 48 -2.91 -1.51 -10.30
CA GLU A 48 -3.91 -0.46 -10.04
C GLU A 48 -3.90 -0.04 -8.55
N ALA A 49 -3.60 -0.98 -7.66
CA ALA A 49 -3.55 -0.75 -6.21
C ALA A 49 -2.32 0.06 -5.77
N ILE A 50 -1.12 -0.24 -6.32
CA ILE A 50 0.08 0.55 -6.05
C ILE A 50 -0.13 2.00 -6.53
N LYS A 51 -0.70 2.20 -7.73
CA LYS A 51 -1.08 3.51 -8.26
C LYS A 51 -2.09 4.22 -7.36
N TYR A 52 -3.10 3.52 -6.85
CA TYR A 52 -4.12 4.09 -5.96
C TYR A 52 -3.49 4.68 -4.69
N LEU A 53 -2.67 3.90 -3.97
CA LEU A 53 -1.99 4.42 -2.77
C LEU A 53 -0.86 5.41 -3.09
N THR A 54 -0.26 5.35 -4.28
CA THR A 54 0.76 6.32 -4.75
C THR A 54 0.17 7.72 -4.89
N GLU A 55 -1.05 7.85 -5.41
CA GLU A 55 -1.75 9.15 -5.48
C GLU A 55 -2.13 9.69 -4.09
N ALA A 56 -2.49 8.81 -3.14
CA ALA A 56 -2.81 9.18 -1.76
C ALA A 56 -1.58 9.62 -0.93
N LEU A 57 -0.42 8.95 -1.14
CA LEU A 57 0.84 9.19 -0.42
C LEU A 57 1.77 10.18 -1.16
N GLN A 58 1.32 10.80 -2.26
CA GLN A 58 2.04 11.80 -3.05
C GLN A 58 2.58 12.98 -2.20
N SER A 59 1.87 13.34 -1.13
CA SER A 59 2.20 14.48 -0.24
C SER A 59 2.68 14.05 1.16
N ILE A 60 2.81 12.74 1.41
CA ILE A 60 3.37 12.19 2.67
C ILE A 60 4.90 12.37 2.71
N SER A 61 5.40 12.67 3.90
CA SER A 61 6.83 12.80 4.22
C SER A 61 7.62 11.53 3.88
N GLU A 62 8.71 11.65 3.10
CA GLU A 62 9.50 10.49 2.60
C GLU A 62 10.07 9.60 3.71
N LEU A 63 10.51 10.18 4.82
CA LEU A 63 11.02 9.49 6.00
C LEU A 63 9.91 8.87 6.90
N GLU A 64 8.64 9.13 6.57
CA GLU A 64 7.44 8.60 7.23
C GLU A 64 6.59 7.72 6.28
N LEU A 65 7.02 7.55 5.02
CA LEU A 65 6.29 6.84 3.98
C LEU A 65 6.04 5.38 4.33
N GLU A 66 7.05 4.72 4.91
CA GLU A 66 6.95 3.33 5.39
C GLU A 66 6.03 3.23 6.64
N ASP A 67 6.19 4.14 7.62
CA ASP A 67 5.35 4.16 8.83
C ASP A 67 3.87 4.43 8.51
N LYS A 68 3.60 5.25 7.49
CA LYS A 68 2.25 5.52 6.97
C LYS A 68 1.68 4.28 6.29
N LEU A 69 2.39 3.74 5.31
CA LEU A 69 1.95 2.59 4.51
C LEU A 69 1.78 1.31 5.34
N GLU A 70 2.48 1.19 6.47
CA GLU A 70 2.32 0.08 7.42
C GLU A 70 0.88 0.02 7.97
N LYS A 71 0.23 1.18 8.14
CA LYS A 71 -1.16 1.27 8.62
C LYS A 71 -2.16 0.78 7.57
N ILE A 72 -1.84 1.00 6.28
CA ILE A 72 -2.61 0.48 5.14
C ILE A 72 -2.55 -1.04 5.16
N ILE A 73 -1.35 -1.63 5.26
CA ILE A 73 -1.16 -3.08 5.30
C ILE A 73 -1.92 -3.71 6.49
N ASN A 74 -1.87 -3.08 7.67
CA ASN A 74 -2.65 -3.52 8.84
C ASN A 74 -4.19 -3.45 8.65
N ALA A 75 -4.69 -2.59 7.74
CA ALA A 75 -6.11 -2.51 7.38
C ALA A 75 -6.47 -3.48 6.23
N VAL A 76 -5.51 -3.83 5.36
CA VAL A 76 -5.66 -4.85 4.31
C VAL A 76 -5.76 -6.24 4.96
N GLU A 77 -4.95 -6.49 5.99
CA GLU A 77 -4.86 -7.76 6.73
C GLU A 77 -6.13 -8.17 7.53
N LYS A 78 -7.16 -7.32 7.60
CA LYS A 78 -8.44 -7.58 8.30
C LYS A 78 -9.68 -7.60 7.38
N GLN A 79 -9.50 -7.46 6.07
CA GLN A 79 -10.56 -7.57 5.06
C GLN A 79 -10.75 -9.03 4.61
N PRO A 80 -11.96 -9.41 4.12
CA PRO A 80 -12.19 -10.75 3.57
C PRO A 80 -11.54 -10.91 2.18
N LEU A 81 -10.77 -12.00 2.00
CA LEU A 81 -10.09 -12.37 0.77
C LEU A 81 -9.71 -13.87 0.74
N SER A 82 -9.29 -14.37 -0.42
CA SER A 82 -8.99 -15.79 -0.69
C SER A 82 -7.59 -16.05 -1.27
N SER A 83 -6.78 -14.99 -1.40
CA SER A 83 -5.37 -15.02 -1.85
C SER A 83 -4.56 -13.89 -1.19
N ASN A 84 -3.25 -13.84 -1.46
CA ASN A 84 -2.36 -12.78 -0.96
C ASN A 84 -2.26 -11.59 -1.95
N MET A 85 -3.06 -11.58 -3.01
CA MET A 85 -3.06 -10.51 -4.02
C MET A 85 -3.99 -9.37 -3.59
N ILE A 86 -3.48 -8.13 -3.63
CA ILE A 86 -4.18 -6.94 -3.11
C ILE A 86 -4.55 -6.01 -4.26
N GLU A 87 -5.82 -6.05 -4.68
CA GLU A 87 -6.39 -5.20 -5.73
C GLU A 87 -6.73 -3.77 -5.26
N ARG A 88 -7.07 -2.89 -6.22
CA ARG A 88 -7.52 -1.51 -5.95
C ARG A 88 -8.65 -1.47 -4.94
N SER A 89 -9.67 -2.29 -5.14
CA SER A 89 -10.88 -2.32 -4.30
C SER A 89 -10.56 -2.61 -2.82
N VAL A 90 -9.45 -3.31 -2.55
CA VAL A 90 -8.96 -3.61 -1.19
C VAL A 90 -8.23 -2.40 -0.57
N VAL A 91 -7.31 -1.74 -1.29
CA VAL A 91 -6.66 -0.50 -0.81
C VAL A 91 -7.60 0.70 -0.70
N GLU A 92 -8.63 0.76 -1.55
CA GLU A 92 -9.68 1.80 -1.55
C GLU A 92 -10.52 1.81 -0.26
N ALA A 93 -10.52 0.70 0.48
CA ALA A 93 -11.14 0.54 1.80
C ALA A 93 -10.10 0.55 2.93
N ALA A 94 -8.88 0.05 2.71
CA ALA A 94 -7.79 0.11 3.69
C ALA A 94 -7.31 1.54 4.00
N VAL A 95 -7.29 2.42 2.98
CA VAL A 95 -6.92 3.85 3.16
C VAL A 95 -7.86 4.57 4.14
N GLN A 96 -9.15 4.19 4.16
CA GLN A 96 -10.21 4.80 4.99
C GLN A 96 -10.06 4.46 6.49
N GLU A 97 -9.39 3.33 6.79
CA GLU A 97 -9.06 2.88 8.15
C GLU A 97 -7.67 3.34 8.62
N SER A 98 -6.87 3.93 7.73
CA SER A 98 -5.46 4.31 7.97
C SER A 98 -5.13 5.77 7.66
N SER A 99 -6.14 6.61 7.36
CA SER A 99 -6.02 8.06 7.07
C SER A 99 -7.04 8.90 7.85
N MET A 25 7.68 17.02 -4.33
CA MET A 25 7.62 15.56 -4.18
C MET A 25 7.73 14.87 -5.56
N ALA A 26 8.19 13.63 -5.58
CA ALA A 26 8.27 12.77 -6.77
C ALA A 26 7.85 11.32 -6.42
N PRO A 27 6.87 10.71 -7.13
CA PRO A 27 6.42 9.33 -6.89
C PRO A 27 7.55 8.29 -6.88
N GLU A 28 8.60 8.48 -7.68
CA GLU A 28 9.76 7.58 -7.76
C GLU A 28 10.49 7.38 -6.42
N ARG A 29 10.37 8.35 -5.49
CA ARG A 29 10.93 8.26 -4.13
C ARG A 29 10.13 7.33 -3.19
N LEU A 30 8.89 6.96 -3.54
CA LEU A 30 7.98 6.19 -2.69
C LEU A 30 7.26 5.01 -3.35
N ARG A 31 7.19 4.92 -4.68
CA ARG A 31 6.44 3.88 -5.40
C ARG A 31 7.04 2.48 -5.22
N SER A 32 8.33 2.32 -5.54
CA SER A 32 9.04 1.04 -5.34
C SER A 32 9.15 0.67 -3.85
N ARG A 33 9.29 1.68 -2.98
CA ARG A 33 9.30 1.51 -1.52
C ARG A 33 7.98 0.90 -1.03
N ALA A 34 6.86 1.50 -1.41
CA ALA A 34 5.54 1.05 -0.99
C ALA A 34 5.21 -0.37 -1.46
N LEU A 35 5.53 -0.70 -2.72
CA LEU A 35 5.37 -2.05 -3.26
C LEU A 35 6.22 -3.07 -2.46
N SER A 36 7.49 -2.74 -2.17
CA SER A 36 8.39 -3.61 -1.40
C SER A 36 7.93 -3.86 0.04
N ALA A 37 7.27 -2.87 0.68
CA ALA A 37 6.69 -3.02 2.02
C ALA A 37 5.54 -4.05 2.04
N PHE A 38 4.68 -4.04 1.02
CA PHE A 38 3.63 -5.06 0.84
C PHE A 38 4.26 -6.45 0.62
N LYS A 39 5.28 -6.54 -0.25
CA LYS A 39 6.00 -7.79 -0.52
C LYS A 39 6.68 -8.42 0.71
N LEU A 40 7.43 -7.63 1.50
CA LEU A 40 8.09 -8.13 2.71
C LEU A 40 7.12 -8.54 3.83
N ARG A 41 5.91 -7.94 3.86
CA ARG A 41 4.80 -8.32 4.77
C ARG A 41 4.07 -9.60 4.33
N GLY A 42 4.30 -10.08 3.11
CA GLY A 42 3.78 -11.35 2.57
C GLY A 42 2.74 -11.22 1.45
N LEU A 43 2.46 -10.01 0.96
CA LEU A 43 1.40 -9.70 -0.02
C LEU A 43 1.97 -9.52 -1.44
N LEU A 44 1.05 -9.45 -2.42
CA LEU A 44 1.33 -9.20 -3.84
C LEU A 44 0.41 -8.07 -4.35
N LEU A 45 0.78 -6.83 -4.01
CA LEU A 45 0.12 -5.60 -4.46
C LEU A 45 0.07 -5.51 -6.00
N ARG A 46 -1.13 -5.50 -6.57
CA ARG A 46 -1.38 -5.45 -8.03
C ARG A 46 -1.01 -4.09 -8.62
N GLY A 47 -0.83 -4.04 -9.94
CA GLY A 47 -0.55 -2.80 -10.69
C GLY A 47 -1.69 -1.76 -10.62
N GLU A 48 -2.93 -2.21 -10.47
CA GLU A 48 -4.11 -1.35 -10.27
C GLU A 48 -4.15 -0.73 -8.85
N ALA A 49 -3.48 -1.36 -7.89
CA ALA A 49 -3.43 -0.94 -6.48
C ALA A 49 -2.21 -0.07 -6.17
N ILE A 50 -1.03 -0.37 -6.74
CA ILE A 50 0.16 0.50 -6.58
C ILE A 50 -0.10 1.91 -7.12
N LYS A 51 -0.79 2.02 -8.27
CA LYS A 51 -1.13 3.33 -8.86
C LYS A 51 -2.18 4.11 -8.05
N TYR A 52 -2.94 3.41 -7.20
CA TYR A 52 -3.90 4.03 -6.28
C TYR A 52 -3.16 4.65 -5.08
N LEU A 53 -2.35 3.86 -4.36
CA LEU A 53 -1.70 4.31 -3.13
C LEU A 53 -0.46 5.20 -3.34
N THR A 54 0.17 5.17 -4.51
CA THR A 54 1.31 6.09 -4.82
C THR A 54 0.88 7.57 -4.78
N GLU A 55 -0.36 7.88 -5.19
CA GLU A 55 -0.93 9.23 -5.09
C GLU A 55 -1.42 9.55 -3.66
N ALA A 56 -1.95 8.56 -2.94
CA ALA A 56 -2.39 8.69 -1.54
C ALA A 56 -1.24 8.95 -0.55
N LEU A 57 0.02 8.68 -0.95
CA LEU A 57 1.23 8.87 -0.14
C LEU A 57 2.09 10.06 -0.62
N GLN A 58 1.73 10.72 -1.73
CA GLN A 58 2.39 11.95 -2.21
C GLN A 58 2.31 13.10 -1.19
N SER A 59 1.26 13.14 -0.37
CA SER A 59 1.05 14.11 0.72
C SER A 59 1.79 13.78 2.02
N ILE A 60 2.61 12.72 2.05
CA ILE A 60 3.33 12.20 3.23
C ILE A 60 4.84 12.30 3.06
N SER A 61 5.52 12.60 4.17
CA SER A 61 6.98 12.65 4.32
C SER A 61 7.65 11.33 3.87
N GLU A 62 8.64 11.39 2.98
CA GLU A 62 9.38 10.19 2.50
C GLU A 62 10.08 9.41 3.63
N LEU A 63 10.51 10.11 4.69
CA LEU A 63 11.14 9.52 5.89
C LEU A 63 10.14 8.99 6.94
N GLU A 64 8.84 9.13 6.68
CA GLU A 64 7.71 8.64 7.51
C GLU A 64 6.82 7.64 6.73
N LEU A 65 7.19 7.34 5.48
CA LEU A 65 6.45 6.52 4.52
C LEU A 65 6.13 5.12 5.07
N GLU A 66 7.12 4.47 5.68
CA GLU A 66 6.98 3.10 6.20
C GLU A 66 5.99 3.02 7.38
N ASP A 67 6.09 3.95 8.35
CA ASP A 67 5.18 4.02 9.50
C ASP A 67 3.74 4.35 9.09
N LYS A 68 3.56 5.17 8.04
CA LYS A 68 2.25 5.48 7.45
C LYS A 68 1.64 4.27 6.76
N LEU A 69 2.40 3.66 5.82
CA LEU A 69 1.97 2.52 5.01
C LEU A 69 1.64 1.27 5.84
N GLU A 70 2.23 1.17 7.03
CA GLU A 70 1.95 0.08 7.98
C GLU A 70 0.46 0.06 8.39
N LYS A 71 -0.18 1.23 8.45
CA LYS A 71 -1.59 1.39 8.82
C LYS A 71 -2.53 0.92 7.70
N ILE A 72 -2.11 1.10 6.44
CA ILE A 72 -2.84 0.57 5.27
C ILE A 72 -2.78 -0.96 5.31
N ILE A 73 -1.59 -1.55 5.44
CA ILE A 73 -1.39 -3.01 5.49
C ILE A 73 -2.18 -3.64 6.65
N ASN A 74 -2.18 -3.02 7.84
CA ASN A 74 -3.00 -3.47 8.97
C ASN A 74 -4.52 -3.44 8.70
N ALA A 75 -5.00 -2.57 7.80
CA ALA A 75 -6.41 -2.54 7.38
C ALA A 75 -6.70 -3.55 6.26
N VAL A 76 -5.73 -3.81 5.37
CA VAL A 76 -5.81 -4.86 4.33
C VAL A 76 -5.89 -6.25 4.96
N GLU A 77 -5.09 -6.48 6.02
CA GLU A 77 -4.98 -7.76 6.75
C GLU A 77 -6.26 -8.21 7.51
N LYS A 78 -7.32 -7.38 7.56
CA LYS A 78 -8.60 -7.71 8.22
C LYS A 78 -9.84 -7.67 7.30
N GLN A 79 -9.65 -7.42 6.01
CA GLN A 79 -10.72 -7.48 4.99
C GLN A 79 -10.97 -8.95 4.60
N PRO A 80 -12.17 -9.31 4.12
CA PRO A 80 -12.48 -10.68 3.70
C PRO A 80 -11.82 -11.02 2.35
N LEU A 81 -10.87 -11.96 2.38
CA LEU A 81 -10.16 -12.50 1.21
C LEU A 81 -9.62 -13.93 1.48
N SER A 82 -9.20 -14.61 0.40
CA SER A 82 -8.71 -16.01 0.41
C SER A 82 -7.38 -16.18 -0.34
N SER A 83 -6.67 -15.08 -0.60
CA SER A 83 -5.38 -15.02 -1.31
C SER A 83 -4.53 -13.84 -0.78
N ASN A 84 -3.27 -13.75 -1.18
CA ASN A 84 -2.35 -12.67 -0.75
C ASN A 84 -2.20 -11.56 -1.81
N MET A 85 -2.92 -11.64 -2.92
CA MET A 85 -2.92 -10.61 -3.95
C MET A 85 -3.86 -9.46 -3.54
N ILE A 86 -3.38 -8.22 -3.65
CA ILE A 86 -4.09 -7.02 -3.19
C ILE A 86 -4.46 -6.12 -4.36
N GLU A 87 -5.75 -6.14 -4.73
CA GLU A 87 -6.35 -5.33 -5.80
C GLU A 87 -6.67 -3.87 -5.37
N ARG A 88 -7.04 -3.02 -6.34
CA ARG A 88 -7.44 -1.62 -6.09
C ARG A 88 -8.54 -1.52 -5.06
N SER A 89 -9.61 -2.30 -5.23
CA SER A 89 -10.80 -2.26 -4.38
C SER A 89 -10.50 -2.56 -2.90
N VAL A 90 -9.40 -3.29 -2.63
CA VAL A 90 -8.91 -3.57 -1.26
C VAL A 90 -8.15 -2.37 -0.67
N VAL A 91 -7.24 -1.72 -1.40
CA VAL A 91 -6.54 -0.50 -0.93
C VAL A 91 -7.47 0.72 -0.83
N GLU A 92 -8.46 0.82 -1.72
CA GLU A 92 -9.51 1.86 -1.75
C GLU A 92 -10.40 1.85 -0.49
N ALA A 93 -10.45 0.71 0.20
CA ALA A 93 -11.14 0.53 1.48
C ALA A 93 -10.18 0.54 2.69
N ALA A 94 -8.92 0.10 2.54
CA ALA A 94 -7.90 0.17 3.59
C ALA A 94 -7.48 1.62 3.94
N VAL A 95 -7.36 2.48 2.91
CA VAL A 95 -6.99 3.90 3.08
C VAL A 95 -7.97 4.69 3.98
N GLN A 96 -9.22 4.24 4.03
CA GLN A 96 -10.32 4.80 4.85
C GLN A 96 -10.08 4.63 6.37
N GLU A 97 -9.11 3.81 6.78
CA GLU A 97 -8.74 3.57 8.18
C GLU A 97 -7.31 4.01 8.52
N SER A 98 -6.42 4.12 7.54
CA SER A 98 -5.05 4.65 7.73
C SER A 98 -4.99 6.18 7.77
N SER A 99 -6.04 6.87 7.30
CA SER A 99 -6.11 8.34 7.15
C SER A 99 -7.41 8.91 7.74
N MET A 25 11.76 12.43 -4.35
CA MET A 25 10.77 11.49 -3.80
C MET A 25 9.41 11.69 -4.51
N ALA A 26 9.47 11.73 -5.85
CA ALA A 26 8.33 11.79 -6.76
C ALA A 26 7.36 10.59 -6.62
N PRO A 27 6.08 10.71 -7.08
CA PRO A 27 5.10 9.62 -7.10
C PRO A 27 5.58 8.29 -7.71
N GLU A 28 6.42 8.35 -8.74
CA GLU A 28 6.99 7.15 -9.40
C GLU A 28 8.00 6.42 -8.50
N ARG A 29 8.76 7.15 -7.68
CA ARG A 29 9.69 6.58 -6.68
C ARG A 29 8.93 6.08 -5.45
N LEU A 30 7.93 6.83 -5.00
CA LEU A 30 7.03 6.46 -3.90
C LEU A 30 6.32 5.12 -4.21
N ARG A 31 5.89 4.91 -5.47
CA ARG A 31 5.22 3.69 -5.94
C ARG A 31 6.08 2.44 -5.72
N SER A 32 7.35 2.47 -6.13
CA SER A 32 8.30 1.36 -5.92
C SER A 32 8.69 1.19 -4.45
N ARG A 33 8.89 2.29 -3.70
CA ARG A 33 9.24 2.25 -2.27
C ARG A 33 8.12 1.60 -1.43
N ALA A 34 6.88 1.99 -1.67
CA ALA A 34 5.67 1.45 -1.03
C ALA A 34 5.49 -0.06 -1.24
N LEU A 35 5.79 -0.56 -2.45
CA LEU A 35 5.70 -1.97 -2.81
C LEU A 35 6.56 -2.88 -1.92
N SER A 36 7.75 -2.41 -1.51
CA SER A 36 8.68 -3.16 -0.67
C SER A 36 8.09 -3.59 0.69
N ALA A 37 7.22 -2.77 1.29
CA ALA A 37 6.57 -3.11 2.56
C ALA A 37 5.51 -4.21 2.40
N PHE A 38 4.70 -4.16 1.33
CA PHE A 38 3.75 -5.23 0.99
C PHE A 38 4.48 -6.54 0.66
N LYS A 39 5.59 -6.45 -0.09
CA LYS A 39 6.49 -7.58 -0.41
C LYS A 39 7.07 -8.26 0.83
N LEU A 40 7.55 -7.46 1.80
CA LEU A 40 8.07 -7.97 3.10
C LEU A 40 7.01 -8.75 3.91
N ARG A 41 5.74 -8.31 3.87
CA ARG A 41 4.61 -9.02 4.52
C ARG A 41 4.07 -10.22 3.71
N GLY A 42 4.56 -10.43 2.48
CA GLY A 42 4.24 -11.59 1.64
C GLY A 42 3.07 -11.37 0.67
N LEU A 43 2.61 -10.12 0.49
CA LEU A 43 1.55 -9.76 -0.46
C LEU A 43 2.08 -9.62 -1.90
N LEU A 44 1.15 -9.70 -2.85
CA LEU A 44 1.36 -9.56 -4.30
C LEU A 44 0.44 -8.46 -4.85
N LEU A 45 0.48 -7.29 -4.19
CA LEU A 45 -0.26 -6.09 -4.52
C LEU A 45 -0.19 -5.74 -6.03
N ARG A 46 -1.34 -5.67 -6.69
CA ARG A 46 -1.48 -5.38 -8.13
C ARG A 46 -0.93 -4.00 -8.51
N GLY A 47 -0.54 -3.85 -9.78
CA GLY A 47 0.00 -2.59 -10.34
C GLY A 47 -0.97 -1.42 -10.38
N GLU A 48 -2.28 -1.68 -10.44
CA GLU A 48 -3.34 -0.66 -10.34
C GLU A 48 -3.51 -0.18 -8.89
N ALA A 49 -3.32 -1.10 -7.94
CA ALA A 49 -3.48 -0.86 -6.51
C ALA A 49 -2.27 -0.10 -5.90
N ILE A 50 -1.04 -0.45 -6.29
CA ILE A 50 0.17 0.28 -5.87
C ILE A 50 0.15 1.73 -6.39
N LYS A 51 -0.33 1.92 -7.63
CA LYS A 51 -0.55 3.23 -8.27
C LYS A 51 -1.61 4.05 -7.52
N TYR A 52 -2.71 3.42 -7.10
CA TYR A 52 -3.75 4.09 -6.32
C TYR A 52 -3.19 4.69 -5.01
N LEU A 53 -2.45 3.90 -4.22
CA LEU A 53 -1.89 4.41 -2.96
C LEU A 53 -0.70 5.36 -3.11
N THR A 54 0.03 5.39 -4.24
CA THR A 54 1.09 6.39 -4.44
C THR A 54 0.52 7.81 -4.51
N GLU A 55 -0.67 7.97 -5.10
CA GLU A 55 -1.40 9.25 -5.13
C GLU A 55 -1.95 9.64 -3.75
N ALA A 56 -2.36 8.65 -2.93
CA ALA A 56 -2.81 8.85 -1.55
C ALA A 56 -1.66 9.23 -0.58
N LEU A 57 -0.40 9.12 -1.02
CA LEU A 57 0.83 9.36 -0.24
C LEU A 57 1.76 10.40 -0.93
N GLN A 58 1.24 11.12 -1.93
CA GLN A 58 1.96 12.09 -2.78
C GLN A 58 2.74 13.18 -2.03
N SER A 59 2.33 13.51 -0.80
CA SER A 59 2.93 14.57 0.04
C SER A 59 3.37 14.07 1.43
N ILE A 60 3.37 12.75 1.66
CA ILE A 60 3.87 12.14 2.91
C ILE A 60 5.40 12.21 2.98
N SER A 61 5.91 12.48 4.19
CA SER A 61 7.33 12.55 4.53
C SER A 61 8.09 11.26 4.17
N GLU A 62 9.23 11.39 3.48
CA GLU A 62 10.03 10.27 2.95
C GLU A 62 10.47 9.22 3.99
N LEU A 63 10.70 9.67 5.24
CA LEU A 63 11.14 8.81 6.36
C LEU A 63 10.00 8.32 7.26
N GLU A 64 8.77 8.82 7.04
CA GLU A 64 7.54 8.40 7.71
C GLU A 64 6.69 7.45 6.84
N LEU A 65 7.00 7.33 5.54
CA LEU A 65 6.25 6.58 4.54
C LEU A 65 6.04 5.12 4.95
N GLU A 66 7.10 4.48 5.48
CA GLU A 66 7.09 3.07 5.86
C GLU A 66 6.25 2.80 7.12
N ASP A 67 6.08 3.79 8.01
CA ASP A 67 5.21 3.71 9.19
C ASP A 67 3.75 4.08 8.86
N LYS A 68 3.56 5.06 7.96
CA LYS A 68 2.24 5.46 7.43
C LYS A 68 1.59 4.32 6.64
N LEU A 69 2.28 3.78 5.65
CA LEU A 69 1.77 2.69 4.81
C LEU A 69 1.54 1.39 5.57
N GLU A 70 2.22 1.19 6.71
CA GLU A 70 1.98 0.04 7.59
C GLU A 70 0.54 0.04 8.13
N LYS A 71 -0.10 1.21 8.27
CA LYS A 71 -1.51 1.33 8.66
C LYS A 71 -2.43 0.82 7.55
N ILE A 72 -2.07 1.06 6.28
CA ILE A 72 -2.79 0.54 5.11
C ILE A 72 -2.70 -0.99 5.11
N ILE A 73 -1.49 -1.54 5.24
CA ILE A 73 -1.26 -3.00 5.31
C ILE A 73 -2.09 -3.63 6.45
N ASN A 74 -2.09 -3.03 7.65
CA ASN A 74 -2.90 -3.49 8.77
C ASN A 74 -4.42 -3.40 8.51
N ALA A 75 -4.89 -2.48 7.68
CA ALA A 75 -6.30 -2.35 7.29
C ALA A 75 -6.71 -3.34 6.18
N VAL A 76 -5.75 -3.78 5.34
CA VAL A 76 -5.97 -4.83 4.33
C VAL A 76 -6.17 -6.17 5.04
N GLU A 77 -5.42 -6.44 6.12
CA GLU A 77 -5.58 -7.65 6.95
C GLU A 77 -6.96 -7.75 7.65
N LYS A 78 -7.60 -6.62 7.97
CA LYS A 78 -8.94 -6.55 8.59
C LYS A 78 -10.10 -6.92 7.64
N GLN A 79 -9.87 -6.93 6.33
CA GLN A 79 -10.87 -7.29 5.32
C GLN A 79 -10.84 -8.82 5.06
N PRO A 80 -11.99 -9.53 5.10
CA PRO A 80 -12.05 -10.95 4.76
C PRO A 80 -11.49 -11.25 3.35
N LEU A 81 -10.58 -12.23 3.26
CA LEU A 81 -9.88 -12.61 2.03
C LEU A 81 -9.42 -14.08 2.04
N SER A 82 -8.99 -14.58 0.87
CA SER A 82 -8.60 -15.99 0.64
C SER A 82 -7.36 -16.15 -0.26
N SER A 83 -6.65 -15.05 -0.57
CA SER A 83 -5.39 -15.01 -1.34
C SER A 83 -4.59 -13.74 -1.01
N ASN A 84 -3.29 -13.73 -1.36
CA ASN A 84 -2.35 -12.64 -1.06
C ASN A 84 -2.23 -11.59 -2.17
N MET A 85 -3.03 -11.70 -3.24
CA MET A 85 -3.03 -10.78 -4.37
C MET A 85 -4.00 -9.62 -4.16
N ILE A 86 -3.52 -8.61 -3.42
CA ILE A 86 -4.29 -7.42 -3.03
C ILE A 86 -4.58 -6.55 -4.28
N GLU A 87 -5.79 -6.01 -4.38
CA GLU A 87 -6.28 -5.25 -5.55
C GLU A 87 -6.74 -3.83 -5.17
N ARG A 88 -6.93 -2.97 -6.18
CA ARG A 88 -7.26 -1.55 -5.97
C ARG A 88 -8.55 -1.37 -5.17
N SER A 89 -9.57 -2.19 -5.42
CA SER A 89 -10.82 -2.20 -4.64
C SER A 89 -10.61 -2.49 -3.15
N VAL A 90 -9.64 -3.36 -2.81
CA VAL A 90 -9.28 -3.67 -1.41
C VAL A 90 -8.52 -2.51 -0.76
N VAL A 91 -7.56 -1.91 -1.47
CA VAL A 91 -6.83 -0.71 -1.00
C VAL A 91 -7.76 0.51 -0.83
N GLU A 92 -8.70 0.71 -1.75
CA GLU A 92 -9.73 1.76 -1.70
C GLU A 92 -10.64 1.69 -0.46
N ALA A 93 -10.65 0.55 0.26
CA ALA A 93 -11.33 0.35 1.53
C ALA A 93 -10.36 0.39 2.73
N ALA A 94 -9.12 -0.08 2.57
CA ALA A 94 -8.06 0.00 3.57
C ALA A 94 -7.63 1.45 3.89
N VAL A 95 -7.57 2.31 2.87
CA VAL A 95 -7.27 3.75 3.01
C VAL A 95 -8.28 4.49 3.91
N GLN A 96 -9.54 4.02 3.97
CA GLN A 96 -10.63 4.61 4.76
C GLN A 96 -10.45 4.40 6.28
N GLU A 97 -9.66 3.40 6.68
CA GLU A 97 -9.36 3.06 8.09
C GLU A 97 -7.94 3.48 8.52
N SER A 98 -7.12 3.93 7.57
CA SER A 98 -5.70 4.27 7.77
C SER A 98 -5.31 5.71 7.40
N SER A 99 -6.27 6.54 6.97
CA SER A 99 -6.13 7.96 6.63
C SER A 99 -7.29 8.82 7.17
#